data_2RA4
# 
_entry.id   2RA4 
# 
_audit_conform.dict_name       mmcif_pdbx.dic 
_audit_conform.dict_version    5.398 
_audit_conform.dict_location   http://mmcif.pdb.org/dictionaries/ascii/mmcif_pdbx.dic 
# 
loop_
_database_2.database_id 
_database_2.database_code 
_database_2.pdbx_database_accession 
_database_2.pdbx_DOI 
PDB   2RA4         pdb_00002ra4 10.2210/pdb2ra4/pdb 
RCSB  RCSB044615   ?            ?                   
WWPDB D_1000044615 ?            ?                   
# 
loop_
_pdbx_audit_revision_history.ordinal 
_pdbx_audit_revision_history.data_content_type 
_pdbx_audit_revision_history.major_revision 
_pdbx_audit_revision_history.minor_revision 
_pdbx_audit_revision_history.revision_date 
1 'Structure model' 1 0 2008-03-18 
2 'Structure model' 1 1 2011-07-13 
3 'Structure model' 1 2 2023-08-30 
4 'Structure model' 1 3 2024-10-30 
# 
_pdbx_audit_revision_details.ordinal             1 
_pdbx_audit_revision_details.revision_ordinal    1 
_pdbx_audit_revision_details.data_content_type   'Structure model' 
_pdbx_audit_revision_details.provider            repository 
_pdbx_audit_revision_details.type                'Initial release' 
_pdbx_audit_revision_details.description         ? 
_pdbx_audit_revision_details.details             ? 
# 
loop_
_pdbx_audit_revision_group.ordinal 
_pdbx_audit_revision_group.revision_ordinal 
_pdbx_audit_revision_group.data_content_type 
_pdbx_audit_revision_group.group 
1 2 'Structure model' Advisory                    
2 2 'Structure model' 'Version format compliance' 
3 3 'Structure model' 'Data collection'           
4 3 'Structure model' 'Database references'       
5 3 'Structure model' 'Derived calculations'      
6 3 'Structure model' 'Refinement description'    
7 4 'Structure model' 'Structure summary'         
# 
loop_
_pdbx_audit_revision_category.ordinal 
_pdbx_audit_revision_category.revision_ordinal 
_pdbx_audit_revision_category.data_content_type 
_pdbx_audit_revision_category.category 
1 3 'Structure model' chem_comp_atom                
2 3 'Structure model' chem_comp_bond                
3 3 'Structure model' database_2                    
4 3 'Structure model' pdbx_initial_refinement_model 
5 3 'Structure model' struct_ref_seq_dif            
6 3 'Structure model' struct_site                   
7 4 'Structure model' pdbx_entry_details            
8 4 'Structure model' pdbx_modification_feature     
# 
loop_
_pdbx_audit_revision_item.ordinal 
_pdbx_audit_revision_item.revision_ordinal 
_pdbx_audit_revision_item.data_content_type 
_pdbx_audit_revision_item.item 
1 3 'Structure model' '_database_2.pdbx_DOI'                
2 3 'Structure model' '_database_2.pdbx_database_accession' 
3 3 'Structure model' '_struct_ref_seq_dif.details'         
4 3 'Structure model' '_struct_site.pdbx_auth_asym_id'      
5 3 'Structure model' '_struct_site.pdbx_auth_comp_id'      
6 3 'Structure model' '_struct_site.pdbx_auth_seq_id'       
# 
_pdbx_database_status.status_code                     REL 
_pdbx_database_status.entry_id                        2RA4 
_pdbx_database_status.recvd_initial_deposition_date   2007-09-14 
_pdbx_database_status.deposit_site                    RCSB 
_pdbx_database_status.process_site                    RCSB 
_pdbx_database_status.status_code_sf                  REL 
_pdbx_database_status.status_code_mr                  ? 
_pdbx_database_status.SG_entry                        ? 
_pdbx_database_status.pdb_format_compatible           Y 
_pdbx_database_status.status_code_cs                  ? 
_pdbx_database_status.status_code_nmr_data            ? 
_pdbx_database_status.methods_development_category    ? 
# 
loop_
_audit_author.name 
_audit_author.pdbx_ordinal 
'Lubkowski, J.' 1 
'Barinka, C.'   2 
# 
_citation.id                        primary 
_citation.title                     'Structure of human monocyte chemoattractant protein 4 (MCP-4/CCL13).' 
_citation.journal_abbrev            'Acta Crystallogr.,Sect.D' 
_citation.journal_volume            64 
_citation.page_first                273 
_citation.page_last                 278 
_citation.year                      2008 
_citation.journal_id_ASTM           ABCRE6 
_citation.country                   DK 
_citation.journal_id_ISSN           0907-4449 
_citation.journal_id_CSD            0766 
_citation.book_publisher            ? 
_citation.pdbx_database_id_PubMed   18323622 
_citation.pdbx_database_id_DOI      10.1107/S0907444907066164 
# 
loop_
_citation_author.citation_id 
_citation_author.name 
_citation_author.ordinal 
_citation_author.identifier_ORCID 
primary 'Barinka, C.'   1 ? 
primary 'Prahl, A.'     2 ? 
primary 'Lubkowski, J.' 3 ? 
# 
loop_
_entity.id 
_entity.type 
_entity.src_method 
_entity.pdbx_description 
_entity.formula_weight 
_entity.pdbx_number_of_molecules 
_entity.pdbx_ec 
_entity.pdbx_mutation 
_entity.pdbx_fragment 
_entity.details 
1 polymer     man 'Small-inducible cytokine A13' 8747.396 2  ? ? ? ? 
2 non-polymer syn 'SULFATE ION'                  96.063   6  ? ? ? ? 
3 non-polymer syn 'trifluoroacetic acid'         114.023  1  ? ? ? ? 
4 water       nat water                          18.015   72 ? ? ? ? 
# 
_entity_name_com.entity_id   1 
_entity_name_com.name        'CCL13, Monocyte chemotactic protein 4, MCP-4, Monocyte chemoattractant protein 4, CK-beta-10, NCC-1' 
# 
_entity_poly.entity_id                      1 
_entity_poly.type                           'polypeptide(L)' 
_entity_poly.nstd_linkage                   no 
_entity_poly.nstd_monomer                   no 
_entity_poly.pdbx_seq_one_letter_code       MQPDALNVPSTCCFTFSSKKISLQRLKSYVITTSRCPQKAVIFRTKLGKEICADPKEKWVQNYMKHLGRKAHTLKT 
_entity_poly.pdbx_seq_one_letter_code_can   MQPDALNVPSTCCFTFSSKKISLQRLKSYVITTSRCPQKAVIFRTKLGKEICADPKEKWVQNYMKHLGRKAHTLKT 
_entity_poly.pdbx_strand_id                 A,B 
_entity_poly.pdbx_target_identifier         ? 
# 
loop_
_pdbx_entity_nonpoly.entity_id 
_pdbx_entity_nonpoly.name 
_pdbx_entity_nonpoly.comp_id 
2 'SULFATE ION'          SO4 
3 'trifluoroacetic acid' TFA 
4 water                  HOH 
# 
loop_
_entity_poly_seq.entity_id 
_entity_poly_seq.num 
_entity_poly_seq.mon_id 
_entity_poly_seq.hetero 
1 1  MET n 
1 2  GLN n 
1 3  PRO n 
1 4  ASP n 
1 5  ALA n 
1 6  LEU n 
1 7  ASN n 
1 8  VAL n 
1 9  PRO n 
1 10 SER n 
1 11 THR n 
1 12 CYS n 
1 13 CYS n 
1 14 PHE n 
1 15 THR n 
1 16 PHE n 
1 17 SER n 
1 18 SER n 
1 19 LYS n 
1 20 LYS n 
1 21 ILE n 
1 22 SER n 
1 23 LEU n 
1 24 GLN n 
1 25 ARG n 
1 26 LEU n 
1 27 LYS n 
1 28 SER n 
1 29 TYR n 
1 30 VAL n 
1 31 ILE n 
1 32 THR n 
1 33 THR n 
1 34 SER n 
1 35 ARG n 
1 36 CYS n 
1 37 PRO n 
1 38 GLN n 
1 39 LYS n 
1 40 ALA n 
1 41 VAL n 
1 42 ILE n 
1 43 PHE n 
1 44 ARG n 
1 45 THR n 
1 46 LYS n 
1 47 LEU n 
1 48 GLY n 
1 49 LYS n 
1 50 GLU n 
1 51 ILE n 
1 52 CYS n 
1 53 ALA n 
1 54 ASP n 
1 55 PRO n 
1 56 LYS n 
1 57 GLU n 
1 58 LYS n 
1 59 TRP n 
1 60 VAL n 
1 61 GLN n 
1 62 ASN n 
1 63 TYR n 
1 64 MET n 
1 65 LYS n 
1 66 HIS n 
1 67 LEU n 
1 68 GLY n 
1 69 ARG n 
1 70 LYS n 
1 71 ALA n 
1 72 HIS n 
1 73 THR n 
1 74 LEU n 
1 75 LYS n 
1 76 THR n 
# 
_entity_src_gen.entity_id                          1 
_entity_src_gen.pdbx_src_id                        1 
_entity_src_gen.pdbx_alt_source_flag               sample 
_entity_src_gen.pdbx_seq_type                      ? 
_entity_src_gen.pdbx_beg_seq_num                   ? 
_entity_src_gen.pdbx_end_seq_num                   ? 
_entity_src_gen.gene_src_common_name               human 
_entity_src_gen.gene_src_genus                     Homo 
_entity_src_gen.pdbx_gene_src_gene                 'CCL13, MCP4, NCC1, SCYA13' 
_entity_src_gen.gene_src_species                   ? 
_entity_src_gen.gene_src_strain                    ? 
_entity_src_gen.gene_src_tissue                    ? 
_entity_src_gen.gene_src_tissue_fraction           ? 
_entity_src_gen.gene_src_details                   ? 
_entity_src_gen.pdbx_gene_src_fragment             ? 
_entity_src_gen.pdbx_gene_src_scientific_name      'Homo sapiens' 
_entity_src_gen.pdbx_gene_src_ncbi_taxonomy_id     9606 
_entity_src_gen.pdbx_gene_src_variant              ? 
_entity_src_gen.pdbx_gene_src_cell_line            ? 
_entity_src_gen.pdbx_gene_src_atcc                 ? 
_entity_src_gen.pdbx_gene_src_organ                ? 
_entity_src_gen.pdbx_gene_src_organelle            ? 
_entity_src_gen.pdbx_gene_src_cell                 ? 
_entity_src_gen.pdbx_gene_src_cellular_location    ? 
_entity_src_gen.host_org_common_name               ? 
_entity_src_gen.pdbx_host_org_scientific_name      'Escherichia coli' 
_entity_src_gen.pdbx_host_org_ncbi_taxonomy_id     562 
_entity_src_gen.host_org_genus                     Escherichia 
_entity_src_gen.pdbx_host_org_gene                 ? 
_entity_src_gen.pdbx_host_org_organ                ? 
_entity_src_gen.host_org_species                   ? 
_entity_src_gen.pdbx_host_org_tissue               ? 
_entity_src_gen.pdbx_host_org_tissue_fraction      ? 
_entity_src_gen.pdbx_host_org_strain               'BL21(DE3)trxB' 
_entity_src_gen.pdbx_host_org_variant              ? 
_entity_src_gen.pdbx_host_org_cell_line            ? 
_entity_src_gen.pdbx_host_org_atcc                 ? 
_entity_src_gen.pdbx_host_org_culture_collection   ? 
_entity_src_gen.pdbx_host_org_cell                 ? 
_entity_src_gen.pdbx_host_org_organelle            ? 
_entity_src_gen.pdbx_host_org_cellular_location    ? 
_entity_src_gen.pdbx_host_org_vector_type          plasmid 
_entity_src_gen.pdbx_host_org_vector               ? 
_entity_src_gen.host_org_details                   ? 
_entity_src_gen.expression_system_id               ? 
_entity_src_gen.plasmid_name                       pET-11d 
_entity_src_gen.plasmid_details                    ? 
_entity_src_gen.pdbx_description                   ? 
# 
loop_
_chem_comp.id 
_chem_comp.type 
_chem_comp.mon_nstd_flag 
_chem_comp.name 
_chem_comp.pdbx_synonyms 
_chem_comp.formula 
_chem_comp.formula_weight 
ALA 'L-peptide linking' y ALANINE                ? 'C3 H7 N O2'     89.093  
ARG 'L-peptide linking' y ARGININE               ? 'C6 H15 N4 O2 1' 175.209 
ASN 'L-peptide linking' y ASPARAGINE             ? 'C4 H8 N2 O3'    132.118 
ASP 'L-peptide linking' y 'ASPARTIC ACID'        ? 'C4 H7 N O4'     133.103 
CYS 'L-peptide linking' y CYSTEINE               ? 'C3 H7 N O2 S'   121.158 
GLN 'L-peptide linking' y GLUTAMINE              ? 'C5 H10 N2 O3'   146.144 
GLU 'L-peptide linking' y 'GLUTAMIC ACID'        ? 'C5 H9 N O4'     147.129 
GLY 'peptide linking'   y GLYCINE                ? 'C2 H5 N O2'     75.067  
HIS 'L-peptide linking' y HISTIDINE              ? 'C6 H10 N3 O2 1' 156.162 
HOH non-polymer         . WATER                  ? 'H2 O'           18.015  
ILE 'L-peptide linking' y ISOLEUCINE             ? 'C6 H13 N O2'    131.173 
LEU 'L-peptide linking' y LEUCINE                ? 'C6 H13 N O2'    131.173 
LYS 'L-peptide linking' y LYSINE                 ? 'C6 H15 N2 O2 1' 147.195 
MET 'L-peptide linking' y METHIONINE             ? 'C5 H11 N O2 S'  149.211 
PHE 'L-peptide linking' y PHENYLALANINE          ? 'C9 H11 N O2'    165.189 
PRO 'L-peptide linking' y PROLINE                ? 'C5 H9 N O2'     115.130 
SER 'L-peptide linking' y SERINE                 ? 'C3 H7 N O3'     105.093 
SO4 non-polymer         . 'SULFATE ION'          ? 'O4 S -2'        96.063  
TFA non-polymer         . 'trifluoroacetic acid' ? 'C2 H F3 O2'     114.023 
THR 'L-peptide linking' y THREONINE              ? 'C4 H9 N O3'     119.119 
TRP 'L-peptide linking' y TRYPTOPHAN             ? 'C11 H12 N2 O2'  204.225 
TYR 'L-peptide linking' y TYROSINE               ? 'C9 H11 N O3'    181.189 
VAL 'L-peptide linking' y VALINE                 ? 'C5 H11 N O2'    117.146 
# 
loop_
_pdbx_poly_seq_scheme.asym_id 
_pdbx_poly_seq_scheme.entity_id 
_pdbx_poly_seq_scheme.seq_id 
_pdbx_poly_seq_scheme.mon_id 
_pdbx_poly_seq_scheme.ndb_seq_num 
_pdbx_poly_seq_scheme.pdb_seq_num 
_pdbx_poly_seq_scheme.auth_seq_num 
_pdbx_poly_seq_scheme.pdb_mon_id 
_pdbx_poly_seq_scheme.auth_mon_id 
_pdbx_poly_seq_scheme.pdb_strand_id 
_pdbx_poly_seq_scheme.pdb_ins_code 
_pdbx_poly_seq_scheme.hetero 
A 1 1  MET 1  0  ?  ?   ?   A . n 
A 1 2  GLN 2  1  ?  ?   ?   A . n 
A 1 3  PRO 3  2  ?  ?   ?   A . n 
A 1 4  ASP 4  3  3  ASP ASP A . n 
A 1 5  ALA 5  4  4  ALA ALA A . n 
A 1 6  LEU 6  5  5  LEU LEU A . n 
A 1 7  ASN 7  6  6  ASN ASN A . n 
A 1 8  VAL 8  7  7  VAL VAL A . n 
A 1 9  PRO 9  8  8  PRO PRO A . n 
A 1 10 SER 10 9  9  SER SER A . n 
A 1 11 THR 11 10 10 THR THR A . n 
A 1 12 CYS 12 11 11 CYS CYS A . n 
A 1 13 CYS 13 12 12 CYS CYS A . n 
A 1 14 PHE 14 13 13 PHE PHE A . n 
A 1 15 THR 15 14 14 THR THR A . n 
A 1 16 PHE 16 15 15 PHE PHE A . n 
A 1 17 SER 17 16 16 SER SER A . n 
A 1 18 SER 18 17 17 SER SER A . n 
A 1 19 LYS 19 18 18 LYS LYS A . n 
A 1 20 LYS 20 19 19 LYS LYS A . n 
A 1 21 ILE 21 20 20 ILE ILE A . n 
A 1 22 SER 22 21 21 SER SER A . n 
A 1 23 LEU 23 22 22 LEU LEU A . n 
A 1 24 GLN 24 23 23 GLN GLN A . n 
A 1 25 ARG 25 24 24 ARG ARG A . n 
A 1 26 LEU 26 25 25 LEU LEU A . n 
A 1 27 LYS 27 26 26 LYS LYS A . n 
A 1 28 SER 28 27 27 SER SER A . n 
A 1 29 TYR 29 28 28 TYR TYR A . n 
A 1 30 VAL 30 29 29 VAL VAL A . n 
A 1 31 ILE 31 30 30 ILE ILE A . n 
A 1 32 THR 32 31 31 THR THR A . n 
A 1 33 THR 33 32 32 THR THR A . n 
A 1 34 SER 34 33 33 SER SER A . n 
A 1 35 ARG 35 34 34 ARG ARG A . n 
A 1 36 CYS 36 35 35 CYS CYS A . n 
A 1 37 PRO 37 36 36 PRO PRO A . n 
A 1 38 GLN 38 37 37 GLN GLN A . n 
A 1 39 LYS 39 38 38 LYS LYS A . n 
A 1 40 ALA 40 39 39 ALA ALA A . n 
A 1 41 VAL 41 40 40 VAL VAL A . n 
A 1 42 ILE 42 41 41 ILE ILE A . n 
A 1 43 PHE 43 42 42 PHE PHE A . n 
A 1 44 ARG 44 43 43 ARG ARG A . n 
A 1 45 THR 45 44 44 THR THR A . n 
A 1 46 LYS 46 45 45 LYS LYS A . n 
A 1 47 LEU 47 46 46 LEU LEU A . n 
A 1 48 GLY 48 47 47 GLY GLY A . n 
A 1 49 LYS 49 48 48 LYS LYS A . n 
A 1 50 GLU 50 49 49 GLU GLU A . n 
A 1 51 ILE 51 50 50 ILE ILE A . n 
A 1 52 CYS 52 51 51 CYS CYS A . n 
A 1 53 ALA 53 52 52 ALA ALA A . n 
A 1 54 ASP 54 53 53 ASP ASP A . n 
A 1 55 PRO 55 54 54 PRO PRO A . n 
A 1 56 LYS 56 55 55 LYS LYS A . n 
A 1 57 GLU 57 56 56 GLU GLU A . n 
A 1 58 LYS 58 57 57 LYS LYS A . n 
A 1 59 TRP 59 58 58 TRP TRP A . n 
A 1 60 VAL 60 59 59 VAL VAL A . n 
A 1 61 GLN 61 60 60 GLN GLN A . n 
A 1 62 ASN 62 61 61 ASN ASN A . n 
A 1 63 TYR 63 62 62 TYR TYR A . n 
A 1 64 MET 64 63 63 MET MET A . n 
A 1 65 LYS 65 64 64 LYS LYS A . n 
A 1 66 HIS 66 65 65 HIS HIS A . n 
A 1 67 LEU 67 66 66 LEU LEU A . n 
A 1 68 GLY 68 67 67 GLY GLY A . n 
A 1 69 ARG 69 68 ?  ?   ?   A . n 
A 1 70 LYS 70 69 ?  ?   ?   A . n 
A 1 71 ALA 71 70 ?  ?   ?   A . n 
A 1 72 HIS 72 71 ?  ?   ?   A . n 
A 1 73 THR 73 72 ?  ?   ?   A . n 
A 1 74 LEU 74 73 ?  ?   ?   A . n 
A 1 75 LYS 75 74 ?  ?   ?   A . n 
A 1 76 THR 76 75 ?  ?   ?   A . n 
B 1 1  MET 1  0  ?  ?   ?   B . n 
B 1 2  GLN 2  1  ?  ?   ?   B . n 
B 1 3  PRO 3  2  ?  ?   ?   B . n 
B 1 4  ASP 4  3  3  ASP ASP B . n 
B 1 5  ALA 5  4  4  ALA ALA B . n 
B 1 6  LEU 6  5  5  LEU LEU B . n 
B 1 7  ASN 7  6  6  ASN ASN B . n 
B 1 8  VAL 8  7  7  VAL VAL B . n 
B 1 9  PRO 9  8  8  PRO PRO B . n 
B 1 10 SER 10 9  9  SER SER B . n 
B 1 11 THR 11 10 10 THR THR B . n 
B 1 12 CYS 12 11 11 CYS CYS B . n 
B 1 13 CYS 13 12 12 CYS CYS B . n 
B 1 14 PHE 14 13 13 PHE PHE B . n 
B 1 15 THR 15 14 14 THR THR B . n 
B 1 16 PHE 16 15 15 PHE PHE B . n 
B 1 17 SER 17 16 16 SER SER B . n 
B 1 18 SER 18 17 17 SER SER B . n 
B 1 19 LYS 19 18 18 LYS LYS B . n 
B 1 20 LYS 20 19 19 LYS LYS B . n 
B 1 21 ILE 21 20 20 ILE ILE B . n 
B 1 22 SER 22 21 21 SER SER B . n 
B 1 23 LEU 23 22 22 LEU LEU B . n 
B 1 24 GLN 24 23 23 GLN GLN B . n 
B 1 25 ARG 25 24 24 ARG ARG B . n 
B 1 26 LEU 26 25 25 LEU LEU B . n 
B 1 27 LYS 27 26 26 LYS LYS B . n 
B 1 28 SER 28 27 27 SER SER B . n 
B 1 29 TYR 29 28 28 TYR TYR B . n 
B 1 30 VAL 30 29 29 VAL VAL B . n 
B 1 31 ILE 31 30 30 ILE ILE B . n 
B 1 32 THR 32 31 31 THR THR B . n 
B 1 33 THR 33 32 32 THR THR B . n 
B 1 34 SER 34 33 33 SER SER B . n 
B 1 35 ARG 35 34 34 ARG ARG B . n 
B 1 36 CYS 36 35 35 CYS CYS B . n 
B 1 37 PRO 37 36 36 PRO PRO B . n 
B 1 38 GLN 38 37 37 GLN GLN B . n 
B 1 39 LYS 39 38 38 LYS LYS B . n 
B 1 40 ALA 40 39 39 ALA ALA B . n 
B 1 41 VAL 41 40 40 VAL VAL B . n 
B 1 42 ILE 42 41 41 ILE ILE B . n 
B 1 43 PHE 43 42 42 PHE PHE B . n 
B 1 44 ARG 44 43 43 ARG ARG B . n 
B 1 45 THR 45 44 44 THR THR B . n 
B 1 46 LYS 46 45 45 LYS LYS B . n 
B 1 47 LEU 47 46 46 LEU LEU B . n 
B 1 48 GLY 48 47 47 GLY GLY B . n 
B 1 49 LYS 49 48 48 LYS LYS B . n 
B 1 50 GLU 50 49 49 GLU GLU B . n 
B 1 51 ILE 51 50 50 ILE ILE B . n 
B 1 52 CYS 52 51 51 CYS CYS B . n 
B 1 53 ALA 53 52 52 ALA ALA B . n 
B 1 54 ASP 54 53 53 ASP ASP B . n 
B 1 55 PRO 55 54 54 PRO PRO B . n 
B 1 56 LYS 56 55 55 LYS LYS B . n 
B 1 57 GLU 57 56 56 GLU GLU B . n 
B 1 58 LYS 58 57 57 LYS LYS B . n 
B 1 59 TRP 59 58 58 TRP TRP B . n 
B 1 60 VAL 60 59 59 VAL VAL B . n 
B 1 61 GLN 61 60 60 GLN GLN B . n 
B 1 62 ASN 62 61 61 ASN ASN B . n 
B 1 63 TYR 63 62 62 TYR TYR B . n 
B 1 64 MET 64 63 63 MET MET B . n 
B 1 65 LYS 65 64 64 LYS LYS B . n 
B 1 66 HIS 66 65 65 HIS HIS B . n 
B 1 67 LEU 67 66 66 LEU LEU B . n 
B 1 68 GLY 68 67 67 GLY GLY B . n 
B 1 69 ARG 69 68 ?  ?   ?   B . n 
B 1 70 LYS 70 69 ?  ?   ?   B . n 
B 1 71 ALA 71 70 ?  ?   ?   B . n 
B 1 72 HIS 72 71 ?  ?   ?   B . n 
B 1 73 THR 73 72 ?  ?   ?   B . n 
B 1 74 LEU 74 73 ?  ?   ?   B . n 
B 1 75 LYS 75 74 ?  ?   ?   B . n 
B 1 76 THR 76 75 ?  ?   ?   B . n 
# 
loop_
_pdbx_nonpoly_scheme.asym_id 
_pdbx_nonpoly_scheme.entity_id 
_pdbx_nonpoly_scheme.mon_id 
_pdbx_nonpoly_scheme.ndb_seq_num 
_pdbx_nonpoly_scheme.pdb_seq_num 
_pdbx_nonpoly_scheme.auth_seq_num 
_pdbx_nonpoly_scheme.pdb_mon_id 
_pdbx_nonpoly_scheme.auth_mon_id 
_pdbx_nonpoly_scheme.pdb_strand_id 
_pdbx_nonpoly_scheme.pdb_ins_code 
C 2 SO4 1  76  1  SO4 SO4 A . 
D 2 SO4 1  77  2  SO4 SO4 A . 
E 2 SO4 1  78  5  SO4 SO4 A . 
F 2 SO4 1  76  3  SO4 SO4 B . 
G 2 SO4 1  77  4  SO4 SO4 B . 
H 2 SO4 1  78  6  SO4 SO4 B . 
I 3 TFA 1  79  1  TFA TFA B . 
J 4 HOH 1  79  6  HOH HOH A . 
J 4 HOH 2  80  7  HOH HOH A . 
J 4 HOH 3  81  8  HOH HOH A . 
J 4 HOH 4  82  9  HOH HOH A . 
J 4 HOH 5  83  11 HOH HOH A . 
J 4 HOH 6  84  12 HOH HOH A . 
J 4 HOH 7  85  13 HOH HOH A . 
J 4 HOH 8  86  18 HOH HOH A . 
J 4 HOH 9  87  20 HOH HOH A . 
J 4 HOH 10 88  21 HOH HOH A . 
J 4 HOH 11 89  22 HOH HOH A . 
J 4 HOH 12 90  24 HOH HOH A . 
J 4 HOH 13 91  33 HOH HOH A . 
J 4 HOH 14 92  34 HOH HOH A . 
J 4 HOH 15 93  36 HOH HOH A . 
J 4 HOH 16 94  37 HOH HOH A . 
J 4 HOH 17 95  38 HOH HOH A . 
J 4 HOH 18 96  40 HOH HOH A . 
J 4 HOH 19 97  42 HOH HOH A . 
J 4 HOH 20 98  43 HOH HOH A . 
J 4 HOH 21 99  44 HOH HOH A . 
J 4 HOH 22 100 45 HOH HOH A . 
J 4 HOH 23 101 46 HOH HOH A . 
J 4 HOH 24 102 47 HOH HOH A . 
J 4 HOH 25 103 49 HOH HOH A . 
J 4 HOH 26 104 51 HOH HOH A . 
J 4 HOH 27 105 53 HOH HOH A . 
J 4 HOH 28 106 54 HOH HOH A . 
J 4 HOH 29 107 55 HOH HOH A . 
J 4 HOH 30 108 57 HOH HOH A . 
J 4 HOH 31 109 61 HOH HOH A . 
J 4 HOH 32 110 62 HOH HOH A . 
J 4 HOH 33 111 63 HOH HOH A . 
J 4 HOH 34 112 65 HOH HOH A . 
J 4 HOH 35 113 68 HOH HOH A . 
J 4 HOH 36 114 71 HOH HOH A . 
J 4 HOH 37 115 72 HOH HOH A . 
J 4 HOH 38 116 31 HOH HOH A . 
J 4 HOH 39 117 58 HOH HOH A . 
K 4 HOH 1  80  1  HOH HOH B . 
K 4 HOH 2  81  2  HOH HOH B . 
K 4 HOH 3  82  3  HOH HOH B . 
K 4 HOH 4  83  4  HOH HOH B . 
K 4 HOH 5  84  5  HOH HOH B . 
K 4 HOH 6  85  10 HOH HOH B . 
K 4 HOH 7  86  14 HOH HOH B . 
K 4 HOH 8  87  15 HOH HOH B . 
K 4 HOH 9  88  16 HOH HOH B . 
K 4 HOH 10 89  17 HOH HOH B . 
K 4 HOH 11 90  19 HOH HOH B . 
K 4 HOH 12 91  23 HOH HOH B . 
K 4 HOH 13 92  25 HOH HOH B . 
K 4 HOH 14 93  26 HOH HOH B . 
K 4 HOH 15 94  27 HOH HOH B . 
K 4 HOH 16 95  28 HOH HOH B . 
K 4 HOH 17 96  29 HOH HOH B . 
K 4 HOH 18 97  30 HOH HOH B . 
K 4 HOH 19 98  32 HOH HOH B . 
K 4 HOH 20 99  35 HOH HOH B . 
K 4 HOH 21 100 39 HOH HOH B . 
K 4 HOH 22 101 41 HOH HOH B . 
K 4 HOH 23 102 48 HOH HOH B . 
K 4 HOH 24 103 50 HOH HOH B . 
K 4 HOH 25 104 52 HOH HOH B . 
K 4 HOH 26 105 56 HOH HOH B . 
K 4 HOH 27 106 59 HOH HOH B . 
K 4 HOH 28 107 60 HOH HOH B . 
K 4 HOH 29 108 64 HOH HOH B . 
K 4 HOH 30 109 66 HOH HOH B . 
K 4 HOH 31 110 67 HOH HOH B . 
K 4 HOH 32 111 69 HOH HOH B . 
K 4 HOH 33 112 70 HOH HOH B . 
# 
loop_
_software.name 
_software.classification 
_software.version 
_software.citation_id 
_software.pdbx_ordinal 
REFMAC   refinement        5.2.0005 ? 1 
HKL-2000 'data collection' .        ? 2 
HKL-2000 'data reduction'  .        ? 3 
HKL-2000 'data scaling'    .        ? 4 
EPMR     phasing           .        ? 5 
# 
_cell.entry_id           2RA4 
_cell.length_a           74.673 
_cell.length_b           74.673 
_cell.length_c           51.650 
_cell.angle_alpha        90.00 
_cell.angle_beta         90.00 
_cell.angle_gamma        90.00 
_cell.Z_PDB              16 
_cell.pdbx_unique_axis   ? 
_cell.length_a_esd       ? 
_cell.length_b_esd       ? 
_cell.length_c_esd       ? 
_cell.angle_alpha_esd    ? 
_cell.angle_beta_esd     ? 
_cell.angle_gamma_esd    ? 
# 
_symmetry.entry_id                         2RA4 
_symmetry.space_group_name_H-M             'I 4' 
_symmetry.pdbx_full_space_group_name_H-M   ? 
_symmetry.cell_setting                     ? 
_symmetry.Int_Tables_number                79 
_symmetry.space_group_name_Hall            ? 
# 
_exptl.entry_id          2RA4 
_exptl.method            'X-RAY DIFFRACTION' 
_exptl.crystals_number   1 
# 
_exptl_crystal.id                    1 
_exptl_crystal.density_meas          ? 
_exptl_crystal.density_Matthews      2.06 
_exptl_crystal.density_percent_sol   40.23 
_exptl_crystal.description           ? 
_exptl_crystal.F_000                 ? 
_exptl_crystal.preparation           ? 
# 
_exptl_crystal_grow.crystal_id      1 
_exptl_crystal_grow.method          'VAPOR DIFFUSION, HANGING DROP' 
_exptl_crystal_grow.temp            293 
_exptl_crystal_grow.temp_details    ? 
_exptl_crystal_grow.pH              6.5 
_exptl_crystal_grow.pdbx_details    '0.1 M Bis-Tris, 2 M ammonium sulfate, pH 6.5, VAPOR DIFFUSION, HANGING DROP, temperature 293K' 
_exptl_crystal_grow.pdbx_pH_range   . 
# 
_diffrn.id                     1 
_diffrn.ambient_temp           100 
_diffrn.ambient_temp_details   ? 
_diffrn.crystal_id             1 
# 
_diffrn_detector.diffrn_id              1 
_diffrn_detector.detector               CCD 
_diffrn_detector.type                   'MARMOSAIC 300 mm CCD' 
_diffrn_detector.pdbx_collection_date   2004-11-09 
_diffrn_detector.details                ? 
# 
_diffrn_radiation.diffrn_id                        1 
_diffrn_radiation.wavelength_id                    1 
_diffrn_radiation.pdbx_monochromatic_or_laue_m_l   M 
_diffrn_radiation.monochromator                    ? 
_diffrn_radiation.pdbx_diffrn_protocol             'SINGLE WAVELENGTH' 
_diffrn_radiation.pdbx_scattering_type             x-ray 
# 
_diffrn_radiation_wavelength.id           1 
_diffrn_radiation_wavelength.wavelength   1.00 
_diffrn_radiation_wavelength.wt           1.0 
# 
_diffrn_source.diffrn_id                   1 
_diffrn_source.source                      SYNCHROTRON 
_diffrn_source.type                        'APS BEAMLINE 22-ID' 
_diffrn_source.pdbx_synchrotron_site       APS 
_diffrn_source.pdbx_synchrotron_beamline   22-ID 
_diffrn_source.pdbx_wavelength             ? 
_diffrn_source.pdbx_wavelength_list        1.00 
# 
_reflns.entry_id                     2RA4 
_reflns.observed_criterion_sigma_I   -3 
_reflns.observed_criterion_sigma_F   -3 
_reflns.d_resolution_low             50.0 
_reflns.d_resolution_high            1.70 
_reflns.number_obs                   15683 
_reflns.number_all                   15683 
_reflns.percent_possible_obs         99.9 
_reflns.pdbx_Rmerge_I_obs            0.072 
_reflns.pdbx_Rsym_value              ? 
_reflns.pdbx_netI_over_sigmaI        26.2 
_reflns.B_iso_Wilson_estimate        ? 
_reflns.pdbx_redundancy              12.7 
_reflns.R_free_details               ? 
_reflns.limit_h_max                  ? 
_reflns.limit_h_min                  ? 
_reflns.limit_k_max                  ? 
_reflns.limit_k_min                  ? 
_reflns.limit_l_max                  ? 
_reflns.limit_l_min                  ? 
_reflns.observed_criterion_F_max     ? 
_reflns.observed_criterion_F_min     ? 
_reflns.pdbx_chi_squared             ? 
_reflns.pdbx_scaling_rejects         ? 
_reflns.pdbx_ordinal                 1 
_reflns.pdbx_diffrn_id               1 
# 
_reflns_shell.d_res_high             1.70 
_reflns_shell.d_res_low              1.76 
_reflns_shell.percent_possible_all   99.5 
_reflns_shell.Rmerge_I_obs           0.568 
_reflns_shell.pdbx_Rsym_value        ? 
_reflns_shell.meanI_over_sigI_obs    2.6 
_reflns_shell.pdbx_redundancy        5.4 
_reflns_shell.percent_possible_obs   ? 
_reflns_shell.number_unique_all      ? 
_reflns_shell.number_measured_all    ? 
_reflns_shell.number_measured_obs    ? 
_reflns_shell.number_unique_obs      ? 
_reflns_shell.pdbx_chi_squared       ? 
_reflns_shell.pdbx_ordinal           1 
_reflns_shell.pdbx_diffrn_id         1 
# 
_refine.entry_id                                 2RA4 
_refine.ls_number_reflns_obs                     14898 
_refine.ls_number_reflns_all                     ? 
_refine.pdbx_ls_sigma_I                          ? 
_refine.pdbx_ls_sigma_F                          ? 
_refine.pdbx_data_cutoff_high_absF               ? 
_refine.pdbx_data_cutoff_low_absF                ? 
_refine.pdbx_data_cutoff_high_rms_absF           ? 
_refine.ls_d_res_low                             30.00 
_refine.ls_d_res_high                            1.70 
_refine.ls_percent_reflns_obs                    99.93 
_refine.ls_R_factor_obs                          0.18155 
_refine.ls_R_factor_all                          ? 
_refine.ls_R_factor_R_work                       0.17974 
_refine.ls_R_factor_R_free                       0.21581 
_refine.ls_R_factor_R_free_error                 ? 
_refine.ls_R_factor_R_free_error_details         ? 
_refine.ls_percent_reflns_R_free                 5.0 
_refine.ls_number_reflns_R_free                  783 
_refine.ls_number_parameters                     ? 
_refine.ls_number_restraints                     ? 
_refine.occupancy_min                            ? 
_refine.occupancy_max                            ? 
_refine.correlation_coeff_Fo_to_Fc               0.967 
_refine.correlation_coeff_Fo_to_Fc_free          0.958 
_refine.B_iso_mean                               31.722 
_refine.aniso_B[1][1]                            -0.10 
_refine.aniso_B[2][2]                            -0.10 
_refine.aniso_B[3][3]                            0.19 
_refine.aniso_B[1][2]                            0.00 
_refine.aniso_B[1][3]                            0.00 
_refine.aniso_B[2][3]                            0.00 
_refine.solvent_model_details                    'BABINET MODEL WITH MASK' 
_refine.solvent_model_param_ksol                 ? 
_refine.solvent_model_param_bsol                 ? 
_refine.pdbx_solvent_vdw_probe_radii             1.20 
_refine.pdbx_solvent_ion_probe_radii             0.80 
_refine.pdbx_solvent_shrinkage_radii             0.80 
_refine.pdbx_ls_cross_valid_method               THROUGHOUT 
_refine.details                                  'HYDROGENS HAVE BEEN ADDED IN THE RIDING POSITIONS' 
_refine.pdbx_starting_model                      'PDB entry 1dok' 
_refine.pdbx_method_to_determine_struct          'MOLECULAR REPLACEMENT' 
_refine.pdbx_isotropic_thermal_model             ? 
_refine.pdbx_stereochemistry_target_values       'MAXIMUM LIKELIHOOD' 
_refine.pdbx_stereochem_target_val_spec_case     ? 
_refine.pdbx_R_Free_selection_details            RANDOM 
_refine.pdbx_overall_ESU_R                       0.108 
_refine.pdbx_overall_ESU_R_Free                  0.106 
_refine.overall_SU_ML                            0.069 
_refine.overall_SU_B                             4.106 
_refine.ls_redundancy_reflns_obs                 ? 
_refine.B_iso_min                                ? 
_refine.B_iso_max                                ? 
_refine.overall_SU_R_Cruickshank_DPI             ? 
_refine.overall_SU_R_free                        ? 
_refine.ls_wR_factor_R_free                      ? 
_refine.ls_wR_factor_R_work                      ? 
_refine.overall_FOM_free_R_set                   ? 
_refine.overall_FOM_work_R_set                   ? 
_refine.pdbx_refine_id                           'X-RAY DIFFRACTION' 
_refine.pdbx_TLS_residual_ADP_flag               'LIKELY RESIDUAL' 
_refine.pdbx_diffrn_id                           1 
_refine.pdbx_overall_phase_error                 ? 
_refine.pdbx_overall_SU_R_free_Cruickshank_DPI   ? 
_refine.pdbx_overall_SU_R_Blow_DPI               ? 
_refine.pdbx_overall_SU_R_free_Blow_DPI          ? 
# 
_refine_hist.pdbx_refine_id                   'X-RAY DIFFRACTION' 
_refine_hist.cycle_id                         LAST 
_refine_hist.pdbx_number_atoms_protein        1038 
_refine_hist.pdbx_number_atoms_nucleic_acid   0 
_refine_hist.pdbx_number_atoms_ligand         37 
_refine_hist.number_atoms_solvent             72 
_refine_hist.number_atoms_total               1147 
_refine_hist.d_res_high                       1.70 
_refine_hist.d_res_low                        30.00 
# 
loop_
_refine_ls_restr.type 
_refine_ls_restr.dev_ideal 
_refine_ls_restr.dev_ideal_target 
_refine_ls_restr.weight 
_refine_ls_restr.number 
_refine_ls_restr.pdbx_refine_id 
_refine_ls_restr.pdbx_restraint_function 
r_bond_refined_d             0.020  0.022  ? 1153 'X-RAY DIFFRACTION' ? 
r_bond_other_d               ?      ?      ? ?    'X-RAY DIFFRACTION' ? 
r_angle_refined_deg          1.926  1.986  ? 1555 'X-RAY DIFFRACTION' ? 
r_angle_other_deg            ?      ?      ? ?    'X-RAY DIFFRACTION' ? 
r_dihedral_angle_1_deg       5.558  5.000  ? 128  'X-RAY DIFFRACTION' ? 
r_dihedral_angle_2_deg       27.380 22.889 ? 45   'X-RAY DIFFRACTION' ? 
r_dihedral_angle_3_deg       14.938 15.000 ? 239  'X-RAY DIFFRACTION' ? 
r_dihedral_angle_4_deg       21.215 15.000 ? 8    'X-RAY DIFFRACTION' ? 
r_chiral_restr               0.149  0.200  ? 175  'X-RAY DIFFRACTION' ? 
r_gen_planes_refined         0.009  0.020  ? 782  'X-RAY DIFFRACTION' ? 
r_gen_planes_other           ?      ?      ? ?    'X-RAY DIFFRACTION' ? 
r_nbd_refined                0.227  0.200  ? 483  'X-RAY DIFFRACTION' ? 
r_nbd_other                  ?      ?      ? ?    'X-RAY DIFFRACTION' ? 
r_nbtor_refined              0.313  0.200  ? 760  'X-RAY DIFFRACTION' ? 
r_nbtor_other                ?      ?      ? ?    'X-RAY DIFFRACTION' ? 
r_xyhbond_nbd_refined        0.241  0.200  ? 66   'X-RAY DIFFRACTION' ? 
r_xyhbond_nbd_other          ?      ?      ? ?    'X-RAY DIFFRACTION' ? 
r_metal_ion_refined          ?      ?      ? ?    'X-RAY DIFFRACTION' ? 
r_metal_ion_other            ?      ?      ? ?    'X-RAY DIFFRACTION' ? 
r_symmetry_vdw_refined       0.200  0.200  ? 54   'X-RAY DIFFRACTION' ? 
r_symmetry_vdw_other         ?      ?      ? ?    'X-RAY DIFFRACTION' ? 
r_symmetry_hbond_refined     0.174  0.200  ? 16   'X-RAY DIFFRACTION' ? 
r_symmetry_hbond_other       ?      ?      ? ?    'X-RAY DIFFRACTION' ? 
r_symmetry_metal_ion_refined ?      ?      ? ?    'X-RAY DIFFRACTION' ? 
r_symmetry_metal_ion_other   ?      ?      ? ?    'X-RAY DIFFRACTION' ? 
r_mcbond_it                  1.494  1.500  ? 689  'X-RAY DIFFRACTION' ? 
r_mcbond_other               ?      ?      ? ?    'X-RAY DIFFRACTION' ? 
r_mcangle_it                 2.198  2.000  ? 1100 'X-RAY DIFFRACTION' ? 
r_scbond_it                  3.383  3.000  ? 522  'X-RAY DIFFRACTION' ? 
r_scangle_it                 4.687  4.500  ? 455  'X-RAY DIFFRACTION' ? 
r_rigid_bond_restr           ?      ?      ? ?    'X-RAY DIFFRACTION' ? 
r_sphericity_free            ?      ?      ? ?    'X-RAY DIFFRACTION' ? 
r_sphericity_bonded          ?      ?      ? ?    'X-RAY DIFFRACTION' ? 
# 
_refine_ls_shell.pdbx_total_number_of_bins_used   20 
_refine_ls_shell.d_res_high                       1.70 
_refine_ls_shell.d_res_low                        1.745 
_refine_ls_shell.number_reflns_R_work             1073 
_refine_ls_shell.R_factor_R_work                  0.233 
_refine_ls_shell.percent_reflns_obs               99.38 
_refine_ls_shell.R_factor_R_free                  0.287 
_refine_ls_shell.R_factor_R_free_error            ? 
_refine_ls_shell.percent_reflns_R_free            ? 
_refine_ls_shell.number_reflns_R_free             54 
_refine_ls_shell.number_reflns_all                ? 
_refine_ls_shell.R_factor_all                     ? 
_refine_ls_shell.redundancy_reflns_obs            ? 
_refine_ls_shell.number_reflns_obs                ? 
_refine_ls_shell.pdbx_refine_id                   'X-RAY DIFFRACTION' 
# 
_struct.entry_id                  2RA4 
_struct.title                     'Crystal Structure of Human Monocyte Chemoattractant Protein 4 (MCP-4/CCL13)' 
_struct.pdbx_model_details        ? 
_struct.pdbx_CASP_flag            ? 
_struct.pdbx_model_type_details   ? 
# 
_struct_keywords.entry_id        2RA4 
_struct_keywords.pdbx_keywords   CYTOKINE 
_struct_keywords.text            
'CCL13, MCP-4, CC chemokine family, chemotaxis, monocytes, Cytokine, Inflammatory response, Pyrrolidone carboxylic acid, Secreted' 
# 
loop_
_struct_asym.id 
_struct_asym.pdbx_blank_PDB_chainid_flag 
_struct_asym.pdbx_modified 
_struct_asym.entity_id 
_struct_asym.details 
A N N 1 ? 
B N N 1 ? 
C N N 2 ? 
D N N 2 ? 
E N N 2 ? 
F N N 2 ? 
G N N 2 ? 
H N N 2 ? 
I N N 3 ? 
J N N 4 ? 
K N N 4 ? 
# 
_struct_ref.id                         1 
_struct_ref.db_name                    UNP 
_struct_ref.db_code                    CCL13_HUMAN 
_struct_ref.pdbx_db_accession          Q99616 
_struct_ref.entity_id                  1 
_struct_ref.pdbx_seq_one_letter_code   QPDALNVPSTCCFTFSSKKISLQRLKSYVITTSRCPQKAVIFRTKLGKEICADPKEKWVQNYMKHLGRKAHTLKT 
_struct_ref.pdbx_align_begin           24 
_struct_ref.pdbx_db_isoform            ? 
# 
loop_
_struct_ref_seq.align_id 
_struct_ref_seq.ref_id 
_struct_ref_seq.pdbx_PDB_id_code 
_struct_ref_seq.pdbx_strand_id 
_struct_ref_seq.seq_align_beg 
_struct_ref_seq.pdbx_seq_align_beg_ins_code 
_struct_ref_seq.seq_align_end 
_struct_ref_seq.pdbx_seq_align_end_ins_code 
_struct_ref_seq.pdbx_db_accession 
_struct_ref_seq.db_align_beg 
_struct_ref_seq.pdbx_db_align_beg_ins_code 
_struct_ref_seq.db_align_end 
_struct_ref_seq.pdbx_db_align_end_ins_code 
_struct_ref_seq.pdbx_auth_seq_align_beg 
_struct_ref_seq.pdbx_auth_seq_align_end 
1 1 2RA4 A 2 ? 76 ? Q99616 24 ? 98 ? 1 75 
2 1 2RA4 B 2 ? 76 ? Q99616 24 ? 98 ? 1 75 
# 
loop_
_struct_ref_seq_dif.align_id 
_struct_ref_seq_dif.pdbx_pdb_id_code 
_struct_ref_seq_dif.mon_id 
_struct_ref_seq_dif.pdbx_pdb_strand_id 
_struct_ref_seq_dif.seq_num 
_struct_ref_seq_dif.pdbx_pdb_ins_code 
_struct_ref_seq_dif.pdbx_seq_db_name 
_struct_ref_seq_dif.pdbx_seq_db_accession_code 
_struct_ref_seq_dif.db_mon_id 
_struct_ref_seq_dif.pdbx_seq_db_seq_num 
_struct_ref_seq_dif.details 
_struct_ref_seq_dif.pdbx_auth_seq_num 
_struct_ref_seq_dif.pdbx_ordinal 
1 2RA4 MET A 1 ? UNP Q99616 ? ? 'initiating methionine' 0 1 
2 2RA4 MET B 1 ? UNP Q99616 ? ? 'initiating methionine' 0 2 
# 
loop_
_pdbx_struct_assembly.id 
_pdbx_struct_assembly.details 
_pdbx_struct_assembly.method_details 
_pdbx_struct_assembly.oligomeric_details 
_pdbx_struct_assembly.oligomeric_count 
1 author_and_software_defined_assembly PISA dimeric    2 
2 software_defined_assembly            PISA octameric  8 
3 software_defined_assembly            PISA tetrameric 4 
4 software_defined_assembly            PISA tetrameric 4 
# 
loop_
_pdbx_struct_assembly_prop.biol_id 
_pdbx_struct_assembly_prop.type 
_pdbx_struct_assembly_prop.value 
_pdbx_struct_assembly_prop.details 
1 'ABSA (A^2)' 2910  ? 
2 'ABSA (A^2)' 26260 ? 
3 'ABSA (A^2)' 7040  ? 
4 'ABSA (A^2)' 8250  ? 
# 
loop_
_pdbx_struct_assembly_gen.assembly_id 
_pdbx_struct_assembly_gen.oper_expression 
_pdbx_struct_assembly_gen.asym_id_list 
1 1       A,B,C,D,E,F,G,H,I,J,K 
2 1,2,3,4 A,B,C,D,E,F,G,H,I,J,K 
3 1,2,3,4 A,C,D,E,J             
4 1,2,3,4 B,F,G,H,I,K           
# 
loop_
_pdbx_struct_oper_list.id 
_pdbx_struct_oper_list.type 
_pdbx_struct_oper_list.name 
_pdbx_struct_oper_list.symmetry_operation 
_pdbx_struct_oper_list.matrix[1][1] 
_pdbx_struct_oper_list.matrix[1][2] 
_pdbx_struct_oper_list.matrix[1][3] 
_pdbx_struct_oper_list.vector[1] 
_pdbx_struct_oper_list.matrix[2][1] 
_pdbx_struct_oper_list.matrix[2][2] 
_pdbx_struct_oper_list.matrix[2][3] 
_pdbx_struct_oper_list.vector[2] 
_pdbx_struct_oper_list.matrix[3][1] 
_pdbx_struct_oper_list.matrix[3][2] 
_pdbx_struct_oper_list.matrix[3][3] 
_pdbx_struct_oper_list.vector[3] 
1 'identity operation'         1_555 x,y,z       1.0000000000  0.0000000000  0.0000000000  0.0000000000   0.0000000000  1.0000000000  0.0000000000 0.0000000000  0.0000000000  0.0000000000 1.0000000000 0.0000000000  
2 'crystal symmetry operation' 2_665 -x+1,-y+1,z -0.9847439254 0.0786753891  0.1552081971  -19.2431060638 0.0786753891  -0.5942719842 0.8004067666 21.2186979939 0.1552081971  0.8004067666 0.5790159096 -8.8643195858 
3 'crystal symmetry operation' 3_655 -y+1,x,z    0.0076280373  0.9278802961  -0.3728001731 -21.0446752940 -0.8492049070 0.2028640079  0.4875420189 2.4472880240  0.5280083702  0.3128647476 0.7895079548 0.8280348588  
4 'crystal symmetry operation' 4_565 y,-x+1,z    0.0076280373  -0.8492049070 0.5280083702  1.8015692302   0.9278802961  0.2028640079  0.3128647476 18.7714099698 -0.3728001731 0.4875420189 0.7895079548 -9.6923544447 
# 
_struct_biol.id        1 
_struct_biol.details   ? 
# 
loop_
_struct_conf.conf_type_id 
_struct_conf.id 
_struct_conf.pdbx_PDB_helix_id 
_struct_conf.beg_label_comp_id 
_struct_conf.beg_label_asym_id 
_struct_conf.beg_label_seq_id 
_struct_conf.pdbx_beg_PDB_ins_code 
_struct_conf.end_label_comp_id 
_struct_conf.end_label_asym_id 
_struct_conf.end_label_seq_id 
_struct_conf.pdbx_end_PDB_ins_code 
_struct_conf.beg_auth_comp_id 
_struct_conf.beg_auth_asym_id 
_struct_conf.beg_auth_seq_id 
_struct_conf.end_auth_comp_id 
_struct_conf.end_auth_asym_id 
_struct_conf.end_auth_seq_id 
_struct_conf.pdbx_PDB_helix_class 
_struct_conf.details 
_struct_conf.pdbx_PDB_helix_length 
HELX_P HELX_P1 1 SER A 22 ? GLN A 24 ? SER A 21 GLN A 23 5 ? 3  
HELX_P HELX_P2 2 GLU A 57 ? GLY A 68 ? GLU A 56 GLY A 67 1 ? 12 
HELX_P HELX_P3 3 SER B 22 ? GLN B 24 ? SER B 21 GLN B 23 5 ? 3  
HELX_P HELX_P4 4 GLU B 57 ? GLY B 68 ? GLU B 56 GLY B 67 1 ? 12 
# 
_struct_conf_type.id          HELX_P 
_struct_conf_type.criteria    ? 
_struct_conf_type.reference   ? 
# 
loop_
_struct_conn.id 
_struct_conn.conn_type_id 
_struct_conn.pdbx_leaving_atom_flag 
_struct_conn.pdbx_PDB_id 
_struct_conn.ptnr1_label_asym_id 
_struct_conn.ptnr1_label_comp_id 
_struct_conn.ptnr1_label_seq_id 
_struct_conn.ptnr1_label_atom_id 
_struct_conn.pdbx_ptnr1_label_alt_id 
_struct_conn.pdbx_ptnr1_PDB_ins_code 
_struct_conn.pdbx_ptnr1_standard_comp_id 
_struct_conn.ptnr1_symmetry 
_struct_conn.ptnr2_label_asym_id 
_struct_conn.ptnr2_label_comp_id 
_struct_conn.ptnr2_label_seq_id 
_struct_conn.ptnr2_label_atom_id 
_struct_conn.pdbx_ptnr2_label_alt_id 
_struct_conn.pdbx_ptnr2_PDB_ins_code 
_struct_conn.ptnr1_auth_asym_id 
_struct_conn.ptnr1_auth_comp_id 
_struct_conn.ptnr1_auth_seq_id 
_struct_conn.ptnr2_auth_asym_id 
_struct_conn.ptnr2_auth_comp_id 
_struct_conn.ptnr2_auth_seq_id 
_struct_conn.ptnr2_symmetry 
_struct_conn.pdbx_ptnr3_label_atom_id 
_struct_conn.pdbx_ptnr3_label_seq_id 
_struct_conn.pdbx_ptnr3_label_comp_id 
_struct_conn.pdbx_ptnr3_label_asym_id 
_struct_conn.pdbx_ptnr3_label_alt_id 
_struct_conn.pdbx_ptnr3_PDB_ins_code 
_struct_conn.details 
_struct_conn.pdbx_dist_value 
_struct_conn.pdbx_value_order 
_struct_conn.pdbx_role 
disulf1 disulf ? ? A CYS 12 SG ? ? ? 1_555 A CYS 36 SG ? ? A CYS 11 A CYS 35 1_555 ? ? ? ? ? ? ? 2.103 ? ? 
disulf2 disulf ? ? A CYS 13 SG ? ? ? 1_555 A CYS 52 SG ? ? A CYS 12 A CYS 51 1_555 ? ? ? ? ? ? ? 2.175 ? ? 
disulf3 disulf ? ? B CYS 12 SG ? ? ? 1_555 B CYS 36 SG ? ? B CYS 11 B CYS 35 1_555 ? ? ? ? ? ? ? 2.090 ? ? 
disulf4 disulf ? ? B CYS 13 SG ? ? ? 1_555 B CYS 52 SG ? ? B CYS 12 B CYS 51 1_555 ? ? ? ? ? ? ? 2.183 ? ? 
# 
_struct_conn_type.id          disulf 
_struct_conn_type.criteria    ? 
_struct_conn_type.reference   ? 
# 
loop_
_pdbx_modification_feature.ordinal 
_pdbx_modification_feature.label_comp_id 
_pdbx_modification_feature.label_asym_id 
_pdbx_modification_feature.label_seq_id 
_pdbx_modification_feature.label_alt_id 
_pdbx_modification_feature.modified_residue_label_comp_id 
_pdbx_modification_feature.modified_residue_label_asym_id 
_pdbx_modification_feature.modified_residue_label_seq_id 
_pdbx_modification_feature.modified_residue_label_alt_id 
_pdbx_modification_feature.auth_comp_id 
_pdbx_modification_feature.auth_asym_id 
_pdbx_modification_feature.auth_seq_id 
_pdbx_modification_feature.PDB_ins_code 
_pdbx_modification_feature.symmetry 
_pdbx_modification_feature.modified_residue_auth_comp_id 
_pdbx_modification_feature.modified_residue_auth_asym_id 
_pdbx_modification_feature.modified_residue_auth_seq_id 
_pdbx_modification_feature.modified_residue_PDB_ins_code 
_pdbx_modification_feature.modified_residue_symmetry 
_pdbx_modification_feature.comp_id_linking_atom 
_pdbx_modification_feature.modified_residue_id_linking_atom 
_pdbx_modification_feature.modified_residue_id 
_pdbx_modification_feature.ref_pcm_id 
_pdbx_modification_feature.ref_comp_id 
_pdbx_modification_feature.type 
_pdbx_modification_feature.category 
1 CYS A 12 ? CYS A 36 ? CYS A 11 ? 1_555 CYS A 35 ? 1_555 SG SG . . . None 'Disulfide bridge' 
2 CYS A 13 ? CYS A 52 ? CYS A 12 ? 1_555 CYS A 51 ? 1_555 SG SG . . . None 'Disulfide bridge' 
3 CYS B 12 ? CYS B 36 ? CYS B 11 ? 1_555 CYS B 35 ? 1_555 SG SG . . . None 'Disulfide bridge' 
4 CYS B 13 ? CYS B 52 ? CYS B 12 ? 1_555 CYS B 51 ? 1_555 SG SG . . . None 'Disulfide bridge' 
# 
loop_
_struct_sheet.id 
_struct_sheet.type 
_struct_sheet.number_strands 
_struct_sheet.details 
A ? 2 ? 
B ? 3 ? 
C ? 3 ? 
# 
loop_
_struct_sheet_order.sheet_id 
_struct_sheet_order.range_id_1 
_struct_sheet_order.range_id_2 
_struct_sheet_order.offset 
_struct_sheet_order.sense 
A 1 2 ? anti-parallel 
B 1 2 ? anti-parallel 
B 2 3 ? anti-parallel 
C 1 2 ? anti-parallel 
C 2 3 ? anti-parallel 
# 
loop_
_struct_sheet_range.sheet_id 
_struct_sheet_range.id 
_struct_sheet_range.beg_label_comp_id 
_struct_sheet_range.beg_label_asym_id 
_struct_sheet_range.beg_label_seq_id 
_struct_sheet_range.pdbx_beg_PDB_ins_code 
_struct_sheet_range.end_label_comp_id 
_struct_sheet_range.end_label_asym_id 
_struct_sheet_range.end_label_seq_id 
_struct_sheet_range.pdbx_end_PDB_ins_code 
_struct_sheet_range.beg_auth_comp_id 
_struct_sheet_range.beg_auth_asym_id 
_struct_sheet_range.beg_auth_seq_id 
_struct_sheet_range.end_auth_comp_id 
_struct_sheet_range.end_auth_asym_id 
_struct_sheet_range.end_auth_seq_id 
A 1 SER A 10 ? CYS A 12 ? SER A 9  CYS A 11 
A 2 SER B 10 ? CYS B 12 ? SER B 9  CYS B 11 
B 1 LEU A 26 ? ILE A 31 ? LEU A 25 ILE A 30 
B 2 VAL A 41 ? THR A 45 ? VAL A 40 THR A 44 
B 3 GLU A 50 ? ALA A 53 ? GLU A 49 ALA A 52 
C 1 LEU B 26 ? ILE B 31 ? LEU B 25 ILE B 30 
C 2 VAL B 41 ? THR B 45 ? VAL B 40 THR B 44 
C 3 GLU B 50 ? ALA B 53 ? GLU B 49 ALA B 52 
# 
loop_
_pdbx_struct_sheet_hbond.sheet_id 
_pdbx_struct_sheet_hbond.range_id_1 
_pdbx_struct_sheet_hbond.range_id_2 
_pdbx_struct_sheet_hbond.range_1_label_atom_id 
_pdbx_struct_sheet_hbond.range_1_label_comp_id 
_pdbx_struct_sheet_hbond.range_1_label_asym_id 
_pdbx_struct_sheet_hbond.range_1_label_seq_id 
_pdbx_struct_sheet_hbond.range_1_PDB_ins_code 
_pdbx_struct_sheet_hbond.range_1_auth_atom_id 
_pdbx_struct_sheet_hbond.range_1_auth_comp_id 
_pdbx_struct_sheet_hbond.range_1_auth_asym_id 
_pdbx_struct_sheet_hbond.range_1_auth_seq_id 
_pdbx_struct_sheet_hbond.range_2_label_atom_id 
_pdbx_struct_sheet_hbond.range_2_label_comp_id 
_pdbx_struct_sheet_hbond.range_2_label_asym_id 
_pdbx_struct_sheet_hbond.range_2_label_seq_id 
_pdbx_struct_sheet_hbond.range_2_PDB_ins_code 
_pdbx_struct_sheet_hbond.range_2_auth_atom_id 
_pdbx_struct_sheet_hbond.range_2_auth_comp_id 
_pdbx_struct_sheet_hbond.range_2_auth_asym_id 
_pdbx_struct_sheet_hbond.range_2_auth_seq_id 
A 1 2 N SER A 10 ? N SER A 9  O CYS B 12 ? O CYS B 11 
B 1 2 N LYS A 27 ? N LYS A 26 O ARG A 44 ? O ARG A 43 
B 2 3 N PHE A 43 ? N PHE A 42 O ILE A 51 ? O ILE A 50 
C 1 2 N LYS B 27 ? N LYS B 26 O ARG B 44 ? O ARG B 43 
C 2 3 N VAL B 41 ? N VAL B 40 O ALA B 53 ? O ALA B 52 
# 
loop_
_struct_site.id 
_struct_site.pdbx_evidence_code 
_struct_site.pdbx_auth_asym_id 
_struct_site.pdbx_auth_comp_id 
_struct_site.pdbx_auth_seq_id 
_struct_site.pdbx_auth_ins_code 
_struct_site.pdbx_num_residues 
_struct_site.details 
AC1 Software A SO4 76 ? 7 'BINDING SITE FOR RESIDUE SO4 A 76' 
AC2 Software A SO4 77 ? 9 'BINDING SITE FOR RESIDUE SO4 A 77' 
AC3 Software B SO4 76 ? 9 'BINDING SITE FOR RESIDUE SO4 B 76' 
AC4 Software B SO4 77 ? 7 'BINDING SITE FOR RESIDUE SO4 B 77' 
AC5 Software A SO4 78 ? 8 'BINDING SITE FOR RESIDUE SO4 A 78' 
AC6 Software B SO4 78 ? 1 'BINDING SITE FOR RESIDUE SO4 B 78' 
AC7 Software B TFA 79 ? 7 'BINDING SITE FOR RESIDUE TFA B 79' 
# 
loop_
_struct_site_gen.id 
_struct_site_gen.site_id 
_struct_site_gen.pdbx_num_res 
_struct_site_gen.label_comp_id 
_struct_site_gen.label_asym_id 
_struct_site_gen.label_seq_id 
_struct_site_gen.pdbx_auth_ins_code 
_struct_site_gen.auth_comp_id 
_struct_site_gen.auth_asym_id 
_struct_site_gen.auth_seq_id 
_struct_site_gen.label_atom_id 
_struct_site_gen.label_alt_id 
_struct_site_gen.symmetry 
_struct_site_gen.details 
1  AC1 7 LYS A 19 ? LYS A 18  . ? 1_555 ? 
2  AC1 7 ILE A 21 ? ILE A 20  . ? 1_555 ? 
3  AC1 7 SER A 22 ? SER A 21  . ? 1_555 ? 
4  AC1 7 ARG A 25 ? ARG A 24  . ? 1_555 ? 
5  AC1 7 THR A 33 ? THR A 32  . ? 3_655 ? 
6  AC1 7 SER A 34 ? SER A 33  . ? 3_655 ? 
7  AC1 7 HOH J .  ? HOH A 107 . ? 1_555 ? 
8  AC2 9 SER A 10 ? SER A 9   . ? 3_655 ? 
9  AC2 9 LYS A 19 ? LYS A 18  . ? 1_555 ? 
10 AC2 9 ARG A 25 ? ARG A 24  . ? 1_555 ? 
11 AC2 9 THR A 33 ? THR A 32  . ? 3_655 ? 
12 AC2 9 ARG A 35 ? ARG A 34  . ? 3_655 ? 
13 AC2 9 LYS A 49 ? LYS A 48  . ? 1_555 ? 
14 AC2 9 HOH J .  ? HOH A 84  . ? 1_555 ? 
15 AC2 9 HOH J .  ? HOH A 110 . ? 1_555 ? 
16 AC2 9 LEU B 6  ? LEU B 5   . ? 1_555 ? 
17 AC3 9 LEU A 6  ? LEU A 5   . ? 1_555 ? 
18 AC3 9 SER B 10 ? SER B 9   . ? 4_565 ? 
19 AC3 9 LYS B 19 ? LYS B 18  . ? 1_555 ? 
20 AC3 9 ARG B 25 ? ARG B 24  . ? 1_555 ? 
21 AC3 9 THR B 33 ? THR B 32  . ? 4_565 ? 
22 AC3 9 ARG B 35 ? ARG B 34  . ? 4_565 ? 
23 AC3 9 LYS B 49 ? LYS B 48  . ? 1_555 ? 
24 AC3 9 HOH K .  ? HOH B 87  . ? 1_555 ? 
25 AC3 9 HOH K .  ? HOH B 100 . ? 4_565 ? 
26 AC4 7 LYS A 56 ? LYS A 55  . ? 7_544 ? 
27 AC4 7 LYS B 19 ? LYS B 18  . ? 1_555 ? 
28 AC4 7 SER B 22 ? SER B 21  . ? 1_555 ? 
29 AC4 7 ARG B 25 ? ARG B 24  . ? 1_555 ? 
30 AC4 7 THR B 33 ? THR B 32  . ? 4_565 ? 
31 AC4 7 SER B 34 ? SER B 33  . ? 4_565 ? 
32 AC4 7 HOH K .  ? HOH B 99  . ? 1_555 ? 
33 AC5 8 THR A 11 ? THR A 10  . ? 3_655 ? 
34 AC5 8 ARG A 25 ? ARG A 24  . ? 1_555 ? 
35 AC5 8 THR A 45 ? THR A 44  . ? 1_555 ? 
36 AC5 8 LEU A 47 ? LEU A 46  . ? 1_555 ? 
37 AC5 8 LYS A 49 ? LYS A 48  . ? 1_555 ? 
38 AC5 8 HOH J .  ? HOH A 84  . ? 1_555 ? 
39 AC5 8 HOH J .  ? HOH A 114 . ? 1_555 ? 
40 AC5 8 HOH J .  ? HOH A 115 . ? 1_555 ? 
41 AC6 1 LYS B 27 ? LYS B 26  . ? 1_555 ? 
42 AC7 7 ARG B 25 ? ARG B 24  . ? 1_555 ? 
43 AC7 7 THR B 45 ? THR B 44  . ? 1_555 ? 
44 AC7 7 LYS B 46 ? LYS B 45  . ? 1_555 ? 
45 AC7 7 LEU B 47 ? LEU B 46  . ? 1_555 ? 
46 AC7 7 LYS B 49 ? LYS B 48  . ? 1_555 ? 
47 AC7 7 HOH K .  ? HOH B 97  . ? 4_565 ? 
48 AC7 7 HOH K .  ? HOH B 101 . ? 4_565 ? 
# 
_pdbx_entry_details.entry_id                   2RA4 
_pdbx_entry_details.compound_details           ? 
_pdbx_entry_details.source_details             ? 
_pdbx_entry_details.nonpolymer_details         ? 
_pdbx_entry_details.sequence_details           ? 
_pdbx_entry_details.has_ligand_of_interest     ? 
_pdbx_entry_details.has_protein_modification   Y 
# 
loop_
_pdbx_validate_close_contact.id 
_pdbx_validate_close_contact.PDB_model_num 
_pdbx_validate_close_contact.auth_atom_id_1 
_pdbx_validate_close_contact.auth_asym_id_1 
_pdbx_validate_close_contact.auth_comp_id_1 
_pdbx_validate_close_contact.auth_seq_id_1 
_pdbx_validate_close_contact.PDB_ins_code_1 
_pdbx_validate_close_contact.label_alt_id_1 
_pdbx_validate_close_contact.auth_atom_id_2 
_pdbx_validate_close_contact.auth_asym_id_2 
_pdbx_validate_close_contact.auth_comp_id_2 
_pdbx_validate_close_contact.auth_seq_id_2 
_pdbx_validate_close_contact.PDB_ins_code_2 
_pdbx_validate_close_contact.label_alt_id_2 
_pdbx_validate_close_contact.dist 
1 1 O3  A SO4 78 ? ? O  A HOH 114 ? ? 1.87 
2 1 OD1 A ASN 61 ? B O  A HOH 111 ? ? 1.96 
3 1 NH1 B ARG 34 ? ? O  B HOH 100 ? ? 2.10 
4 1 OG1 B THR 44 ? ? F3 B TFA 79  ? ? 2.19 
# 
_pdbx_validate_rmsd_angle.id                         1 
_pdbx_validate_rmsd_angle.PDB_model_num              1 
_pdbx_validate_rmsd_angle.auth_atom_id_1             NE 
_pdbx_validate_rmsd_angle.auth_asym_id_1             B 
_pdbx_validate_rmsd_angle.auth_comp_id_1             ARG 
_pdbx_validate_rmsd_angle.auth_seq_id_1              43 
_pdbx_validate_rmsd_angle.PDB_ins_code_1             ? 
_pdbx_validate_rmsd_angle.label_alt_id_1             A 
_pdbx_validate_rmsd_angle.auth_atom_id_2             CZ 
_pdbx_validate_rmsd_angle.auth_asym_id_2             B 
_pdbx_validate_rmsd_angle.auth_comp_id_2             ARG 
_pdbx_validate_rmsd_angle.auth_seq_id_2              43 
_pdbx_validate_rmsd_angle.PDB_ins_code_2             ? 
_pdbx_validate_rmsd_angle.label_alt_id_2             A 
_pdbx_validate_rmsd_angle.auth_atom_id_3             NH2 
_pdbx_validate_rmsd_angle.auth_asym_id_3             B 
_pdbx_validate_rmsd_angle.auth_comp_id_3             ARG 
_pdbx_validate_rmsd_angle.auth_seq_id_3              43 
_pdbx_validate_rmsd_angle.PDB_ins_code_3             ? 
_pdbx_validate_rmsd_angle.label_alt_id_3             A 
_pdbx_validate_rmsd_angle.angle_value                117.21 
_pdbx_validate_rmsd_angle.angle_target_value         120.30 
_pdbx_validate_rmsd_angle.angle_deviation            -3.09 
_pdbx_validate_rmsd_angle.angle_standard_deviation   0.50 
_pdbx_validate_rmsd_angle.linker_flag                N 
# 
loop_
_pdbx_struct_special_symmetry.id 
_pdbx_struct_special_symmetry.PDB_model_num 
_pdbx_struct_special_symmetry.auth_asym_id 
_pdbx_struct_special_symmetry.auth_comp_id 
_pdbx_struct_special_symmetry.auth_seq_id 
_pdbx_struct_special_symmetry.PDB_ins_code 
_pdbx_struct_special_symmetry.label_asym_id 
_pdbx_struct_special_symmetry.label_comp_id 
_pdbx_struct_special_symmetry.label_seq_id 
1 1 B SO4 78 ? H SO4 . 
2 1 B SO4 78 ? H SO4 . 
# 
loop_
_pdbx_refine_tls.id 
_pdbx_refine_tls.details 
_pdbx_refine_tls.method 
_pdbx_refine_tls.origin_x 
_pdbx_refine_tls.origin_y 
_pdbx_refine_tls.origin_z 
_pdbx_refine_tls.T[1][1] 
_pdbx_refine_tls.T[2][2] 
_pdbx_refine_tls.T[3][3] 
_pdbx_refine_tls.T[1][2] 
_pdbx_refine_tls.T[1][3] 
_pdbx_refine_tls.T[2][3] 
_pdbx_refine_tls.L[1][1] 
_pdbx_refine_tls.L[2][2] 
_pdbx_refine_tls.L[3][3] 
_pdbx_refine_tls.L[1][2] 
_pdbx_refine_tls.L[1][3] 
_pdbx_refine_tls.L[2][3] 
_pdbx_refine_tls.S[1][1] 
_pdbx_refine_tls.S[1][2] 
_pdbx_refine_tls.S[1][3] 
_pdbx_refine_tls.S[2][1] 
_pdbx_refine_tls.S[2][2] 
_pdbx_refine_tls.S[2][3] 
_pdbx_refine_tls.S[3][1] 
_pdbx_refine_tls.S[3][2] 
_pdbx_refine_tls.S[3][3] 
_pdbx_refine_tls.pdbx_refine_id 
1 ? refined -5.8247 -7.9502 -6.9017 -0.0650 -0.0880 -0.0625 0.0235  -0.0071 -0.0002 2.9037 2.7561 2.0015 1.5505 0.6677 0.9467 0.0809 0.1264  -0.0688 0.0157 -0.0572 0.0471  0.0807  0.0425 -0.0236 'X-RAY DIFFRACTION' 
2 ? refined 5.7026  8.0586  6.8238  -0.0298 -0.0489 -0.0428 -0.0058 -0.0423 0.0141  1.4155 5.8277 2.0342 1.5870 0.0918 0.6949 0.0039 -0.0262 0.1626  0.3891 -0.0319 -0.1893 -0.1406 0.1560 0.0281  'X-RAY DIFFRACTION' 
# 
loop_
_pdbx_refine_tls_group.id 
_pdbx_refine_tls_group.refine_tls_id 
_pdbx_refine_tls_group.beg_auth_asym_id 
_pdbx_refine_tls_group.beg_auth_seq_id 
_pdbx_refine_tls_group.beg_label_asym_id 
_pdbx_refine_tls_group.beg_label_seq_id 
_pdbx_refine_tls_group.end_auth_asym_id 
_pdbx_refine_tls_group.end_auth_seq_id 
_pdbx_refine_tls_group.end_label_asym_id 
_pdbx_refine_tls_group.end_label_seq_id 
_pdbx_refine_tls_group.selection 
_pdbx_refine_tls_group.pdbx_refine_id 
_pdbx_refine_tls_group.selection_details 
1 1 A 3 A 4 A 67 A 68 ? 'X-RAY DIFFRACTION' ? 
2 2 B 3 B 4 B 67 B 68 ? 'X-RAY DIFFRACTION' ? 
# 
loop_
_pdbx_unobs_or_zero_occ_residues.id 
_pdbx_unobs_or_zero_occ_residues.PDB_model_num 
_pdbx_unobs_or_zero_occ_residues.polymer_flag 
_pdbx_unobs_or_zero_occ_residues.occupancy_flag 
_pdbx_unobs_or_zero_occ_residues.auth_asym_id 
_pdbx_unobs_or_zero_occ_residues.auth_comp_id 
_pdbx_unobs_or_zero_occ_residues.auth_seq_id 
_pdbx_unobs_or_zero_occ_residues.PDB_ins_code 
_pdbx_unobs_or_zero_occ_residues.label_asym_id 
_pdbx_unobs_or_zero_occ_residues.label_comp_id 
_pdbx_unobs_or_zero_occ_residues.label_seq_id 
1  1 Y 1 A MET 0  ? A MET 1  
2  1 Y 1 A GLN 1  ? A GLN 2  
3  1 Y 1 A PRO 2  ? A PRO 3  
4  1 Y 1 A ARG 68 ? A ARG 69 
5  1 Y 1 A LYS 69 ? A LYS 70 
6  1 Y 1 A ALA 70 ? A ALA 71 
7  1 Y 1 A HIS 71 ? A HIS 72 
8  1 Y 1 A THR 72 ? A THR 73 
9  1 Y 1 A LEU 73 ? A LEU 74 
10 1 Y 1 A LYS 74 ? A LYS 75 
11 1 Y 1 A THR 75 ? A THR 76 
12 1 Y 1 B MET 0  ? B MET 1  
13 1 Y 1 B GLN 1  ? B GLN 2  
14 1 Y 1 B PRO 2  ? B PRO 3  
15 1 Y 1 B ARG 68 ? B ARG 69 
16 1 Y 1 B LYS 69 ? B LYS 70 
17 1 Y 1 B ALA 70 ? B ALA 71 
18 1 Y 1 B HIS 71 ? B HIS 72 
19 1 Y 1 B THR 72 ? B THR 73 
20 1 Y 1 B LEU 73 ? B LEU 74 
21 1 Y 1 B LYS 74 ? B LYS 75 
22 1 Y 1 B THR 75 ? B THR 76 
# 
loop_
_chem_comp_atom.comp_id 
_chem_comp_atom.atom_id 
_chem_comp_atom.type_symbol 
_chem_comp_atom.pdbx_aromatic_flag 
_chem_comp_atom.pdbx_stereo_config 
_chem_comp_atom.pdbx_ordinal 
ALA N    N N N 1   
ALA CA   C N S 2   
ALA C    C N N 3   
ALA O    O N N 4   
ALA CB   C N N 5   
ALA OXT  O N N 6   
ALA H    H N N 7   
ALA H2   H N N 8   
ALA HA   H N N 9   
ALA HB1  H N N 10  
ALA HB2  H N N 11  
ALA HB3  H N N 12  
ALA HXT  H N N 13  
ARG N    N N N 14  
ARG CA   C N S 15  
ARG C    C N N 16  
ARG O    O N N 17  
ARG CB   C N N 18  
ARG CG   C N N 19  
ARG CD   C N N 20  
ARG NE   N N N 21  
ARG CZ   C N N 22  
ARG NH1  N N N 23  
ARG NH2  N N N 24  
ARG OXT  O N N 25  
ARG H    H N N 26  
ARG H2   H N N 27  
ARG HA   H N N 28  
ARG HB2  H N N 29  
ARG HB3  H N N 30  
ARG HG2  H N N 31  
ARG HG3  H N N 32  
ARG HD2  H N N 33  
ARG HD3  H N N 34  
ARG HE   H N N 35  
ARG HH11 H N N 36  
ARG HH12 H N N 37  
ARG HH21 H N N 38  
ARG HH22 H N N 39  
ARG HXT  H N N 40  
ASN N    N N N 41  
ASN CA   C N S 42  
ASN C    C N N 43  
ASN O    O N N 44  
ASN CB   C N N 45  
ASN CG   C N N 46  
ASN OD1  O N N 47  
ASN ND2  N N N 48  
ASN OXT  O N N 49  
ASN H    H N N 50  
ASN H2   H N N 51  
ASN HA   H N N 52  
ASN HB2  H N N 53  
ASN HB3  H N N 54  
ASN HD21 H N N 55  
ASN HD22 H N N 56  
ASN HXT  H N N 57  
ASP N    N N N 58  
ASP CA   C N S 59  
ASP C    C N N 60  
ASP O    O N N 61  
ASP CB   C N N 62  
ASP CG   C N N 63  
ASP OD1  O N N 64  
ASP OD2  O N N 65  
ASP OXT  O N N 66  
ASP H    H N N 67  
ASP H2   H N N 68  
ASP HA   H N N 69  
ASP HB2  H N N 70  
ASP HB3  H N N 71  
ASP HD2  H N N 72  
ASP HXT  H N N 73  
CYS N    N N N 74  
CYS CA   C N R 75  
CYS C    C N N 76  
CYS O    O N N 77  
CYS CB   C N N 78  
CYS SG   S N N 79  
CYS OXT  O N N 80  
CYS H    H N N 81  
CYS H2   H N N 82  
CYS HA   H N N 83  
CYS HB2  H N N 84  
CYS HB3  H N N 85  
CYS HG   H N N 86  
CYS HXT  H N N 87  
GLN N    N N N 88  
GLN CA   C N S 89  
GLN C    C N N 90  
GLN O    O N N 91  
GLN CB   C N N 92  
GLN CG   C N N 93  
GLN CD   C N N 94  
GLN OE1  O N N 95  
GLN NE2  N N N 96  
GLN OXT  O N N 97  
GLN H    H N N 98  
GLN H2   H N N 99  
GLN HA   H N N 100 
GLN HB2  H N N 101 
GLN HB3  H N N 102 
GLN HG2  H N N 103 
GLN HG3  H N N 104 
GLN HE21 H N N 105 
GLN HE22 H N N 106 
GLN HXT  H N N 107 
GLU N    N N N 108 
GLU CA   C N S 109 
GLU C    C N N 110 
GLU O    O N N 111 
GLU CB   C N N 112 
GLU CG   C N N 113 
GLU CD   C N N 114 
GLU OE1  O N N 115 
GLU OE2  O N N 116 
GLU OXT  O N N 117 
GLU H    H N N 118 
GLU H2   H N N 119 
GLU HA   H N N 120 
GLU HB2  H N N 121 
GLU HB3  H N N 122 
GLU HG2  H N N 123 
GLU HG3  H N N 124 
GLU HE2  H N N 125 
GLU HXT  H N N 126 
GLY N    N N N 127 
GLY CA   C N N 128 
GLY C    C N N 129 
GLY O    O N N 130 
GLY OXT  O N N 131 
GLY H    H N N 132 
GLY H2   H N N 133 
GLY HA2  H N N 134 
GLY HA3  H N N 135 
GLY HXT  H N N 136 
HIS N    N N N 137 
HIS CA   C N S 138 
HIS C    C N N 139 
HIS O    O N N 140 
HIS CB   C N N 141 
HIS CG   C Y N 142 
HIS ND1  N Y N 143 
HIS CD2  C Y N 144 
HIS CE1  C Y N 145 
HIS NE2  N Y N 146 
HIS OXT  O N N 147 
HIS H    H N N 148 
HIS H2   H N N 149 
HIS HA   H N N 150 
HIS HB2  H N N 151 
HIS HB3  H N N 152 
HIS HD1  H N N 153 
HIS HD2  H N N 154 
HIS HE1  H N N 155 
HIS HE2  H N N 156 
HIS HXT  H N N 157 
HOH O    O N N 158 
HOH H1   H N N 159 
HOH H2   H N N 160 
ILE N    N N N 161 
ILE CA   C N S 162 
ILE C    C N N 163 
ILE O    O N N 164 
ILE CB   C N S 165 
ILE CG1  C N N 166 
ILE CG2  C N N 167 
ILE CD1  C N N 168 
ILE OXT  O N N 169 
ILE H    H N N 170 
ILE H2   H N N 171 
ILE HA   H N N 172 
ILE HB   H N N 173 
ILE HG12 H N N 174 
ILE HG13 H N N 175 
ILE HG21 H N N 176 
ILE HG22 H N N 177 
ILE HG23 H N N 178 
ILE HD11 H N N 179 
ILE HD12 H N N 180 
ILE HD13 H N N 181 
ILE HXT  H N N 182 
LEU N    N N N 183 
LEU CA   C N S 184 
LEU C    C N N 185 
LEU O    O N N 186 
LEU CB   C N N 187 
LEU CG   C N N 188 
LEU CD1  C N N 189 
LEU CD2  C N N 190 
LEU OXT  O N N 191 
LEU H    H N N 192 
LEU H2   H N N 193 
LEU HA   H N N 194 
LEU HB2  H N N 195 
LEU HB3  H N N 196 
LEU HG   H N N 197 
LEU HD11 H N N 198 
LEU HD12 H N N 199 
LEU HD13 H N N 200 
LEU HD21 H N N 201 
LEU HD22 H N N 202 
LEU HD23 H N N 203 
LEU HXT  H N N 204 
LYS N    N N N 205 
LYS CA   C N S 206 
LYS C    C N N 207 
LYS O    O N N 208 
LYS CB   C N N 209 
LYS CG   C N N 210 
LYS CD   C N N 211 
LYS CE   C N N 212 
LYS NZ   N N N 213 
LYS OXT  O N N 214 
LYS H    H N N 215 
LYS H2   H N N 216 
LYS HA   H N N 217 
LYS HB2  H N N 218 
LYS HB3  H N N 219 
LYS HG2  H N N 220 
LYS HG3  H N N 221 
LYS HD2  H N N 222 
LYS HD3  H N N 223 
LYS HE2  H N N 224 
LYS HE3  H N N 225 
LYS HZ1  H N N 226 
LYS HZ2  H N N 227 
LYS HZ3  H N N 228 
LYS HXT  H N N 229 
MET N    N N N 230 
MET CA   C N S 231 
MET C    C N N 232 
MET O    O N N 233 
MET CB   C N N 234 
MET CG   C N N 235 
MET SD   S N N 236 
MET CE   C N N 237 
MET OXT  O N N 238 
MET H    H N N 239 
MET H2   H N N 240 
MET HA   H N N 241 
MET HB2  H N N 242 
MET HB3  H N N 243 
MET HG2  H N N 244 
MET HG3  H N N 245 
MET HE1  H N N 246 
MET HE2  H N N 247 
MET HE3  H N N 248 
MET HXT  H N N 249 
PHE N    N N N 250 
PHE CA   C N S 251 
PHE C    C N N 252 
PHE O    O N N 253 
PHE CB   C N N 254 
PHE CG   C Y N 255 
PHE CD1  C Y N 256 
PHE CD2  C Y N 257 
PHE CE1  C Y N 258 
PHE CE2  C Y N 259 
PHE CZ   C Y N 260 
PHE OXT  O N N 261 
PHE H    H N N 262 
PHE H2   H N N 263 
PHE HA   H N N 264 
PHE HB2  H N N 265 
PHE HB3  H N N 266 
PHE HD1  H N N 267 
PHE HD2  H N N 268 
PHE HE1  H N N 269 
PHE HE2  H N N 270 
PHE HZ   H N N 271 
PHE HXT  H N N 272 
PRO N    N N N 273 
PRO CA   C N S 274 
PRO C    C N N 275 
PRO O    O N N 276 
PRO CB   C N N 277 
PRO CG   C N N 278 
PRO CD   C N N 279 
PRO OXT  O N N 280 
PRO H    H N N 281 
PRO HA   H N N 282 
PRO HB2  H N N 283 
PRO HB3  H N N 284 
PRO HG2  H N N 285 
PRO HG3  H N N 286 
PRO HD2  H N N 287 
PRO HD3  H N N 288 
PRO HXT  H N N 289 
SER N    N N N 290 
SER CA   C N S 291 
SER C    C N N 292 
SER O    O N N 293 
SER CB   C N N 294 
SER OG   O N N 295 
SER OXT  O N N 296 
SER H    H N N 297 
SER H2   H N N 298 
SER HA   H N N 299 
SER HB2  H N N 300 
SER HB3  H N N 301 
SER HG   H N N 302 
SER HXT  H N N 303 
SO4 S    S N N 304 
SO4 O1   O N N 305 
SO4 O2   O N N 306 
SO4 O3   O N N 307 
SO4 O4   O N N 308 
TFA C1   C N N 309 
TFA C2   C N N 310 
TFA O    O N N 311 
TFA F1   F N N 312 
TFA F2   F N N 313 
TFA F3   F N N 314 
TFA OXT  O N N 315 
TFA HXT  H N N 316 
THR N    N N N 317 
THR CA   C N S 318 
THR C    C N N 319 
THR O    O N N 320 
THR CB   C N R 321 
THR OG1  O N N 322 
THR CG2  C N N 323 
THR OXT  O N N 324 
THR H    H N N 325 
THR H2   H N N 326 
THR HA   H N N 327 
THR HB   H N N 328 
THR HG1  H N N 329 
THR HG21 H N N 330 
THR HG22 H N N 331 
THR HG23 H N N 332 
THR HXT  H N N 333 
TRP N    N N N 334 
TRP CA   C N S 335 
TRP C    C N N 336 
TRP O    O N N 337 
TRP CB   C N N 338 
TRP CG   C Y N 339 
TRP CD1  C Y N 340 
TRP CD2  C Y N 341 
TRP NE1  N Y N 342 
TRP CE2  C Y N 343 
TRP CE3  C Y N 344 
TRP CZ2  C Y N 345 
TRP CZ3  C Y N 346 
TRP CH2  C Y N 347 
TRP OXT  O N N 348 
TRP H    H N N 349 
TRP H2   H N N 350 
TRP HA   H N N 351 
TRP HB2  H N N 352 
TRP HB3  H N N 353 
TRP HD1  H N N 354 
TRP HE1  H N N 355 
TRP HE3  H N N 356 
TRP HZ2  H N N 357 
TRP HZ3  H N N 358 
TRP HH2  H N N 359 
TRP HXT  H N N 360 
TYR N    N N N 361 
TYR CA   C N S 362 
TYR C    C N N 363 
TYR O    O N N 364 
TYR CB   C N N 365 
TYR CG   C Y N 366 
TYR CD1  C Y N 367 
TYR CD2  C Y N 368 
TYR CE1  C Y N 369 
TYR CE2  C Y N 370 
TYR CZ   C Y N 371 
TYR OH   O N N 372 
TYR OXT  O N N 373 
TYR H    H N N 374 
TYR H2   H N N 375 
TYR HA   H N N 376 
TYR HB2  H N N 377 
TYR HB3  H N N 378 
TYR HD1  H N N 379 
TYR HD2  H N N 380 
TYR HE1  H N N 381 
TYR HE2  H N N 382 
TYR HH   H N N 383 
TYR HXT  H N N 384 
VAL N    N N N 385 
VAL CA   C N S 386 
VAL C    C N N 387 
VAL O    O N N 388 
VAL CB   C N N 389 
VAL CG1  C N N 390 
VAL CG2  C N N 391 
VAL OXT  O N N 392 
VAL H    H N N 393 
VAL H2   H N N 394 
VAL HA   H N N 395 
VAL HB   H N N 396 
VAL HG11 H N N 397 
VAL HG12 H N N 398 
VAL HG13 H N N 399 
VAL HG21 H N N 400 
VAL HG22 H N N 401 
VAL HG23 H N N 402 
VAL HXT  H N N 403 
# 
loop_
_chem_comp_bond.comp_id 
_chem_comp_bond.atom_id_1 
_chem_comp_bond.atom_id_2 
_chem_comp_bond.value_order 
_chem_comp_bond.pdbx_aromatic_flag 
_chem_comp_bond.pdbx_stereo_config 
_chem_comp_bond.pdbx_ordinal 
ALA N   CA   sing N N 1   
ALA N   H    sing N N 2   
ALA N   H2   sing N N 3   
ALA CA  C    sing N N 4   
ALA CA  CB   sing N N 5   
ALA CA  HA   sing N N 6   
ALA C   O    doub N N 7   
ALA C   OXT  sing N N 8   
ALA CB  HB1  sing N N 9   
ALA CB  HB2  sing N N 10  
ALA CB  HB3  sing N N 11  
ALA OXT HXT  sing N N 12  
ARG N   CA   sing N N 13  
ARG N   H    sing N N 14  
ARG N   H2   sing N N 15  
ARG CA  C    sing N N 16  
ARG CA  CB   sing N N 17  
ARG CA  HA   sing N N 18  
ARG C   O    doub N N 19  
ARG C   OXT  sing N N 20  
ARG CB  CG   sing N N 21  
ARG CB  HB2  sing N N 22  
ARG CB  HB3  sing N N 23  
ARG CG  CD   sing N N 24  
ARG CG  HG2  sing N N 25  
ARG CG  HG3  sing N N 26  
ARG CD  NE   sing N N 27  
ARG CD  HD2  sing N N 28  
ARG CD  HD3  sing N N 29  
ARG NE  CZ   sing N N 30  
ARG NE  HE   sing N N 31  
ARG CZ  NH1  sing N N 32  
ARG CZ  NH2  doub N N 33  
ARG NH1 HH11 sing N N 34  
ARG NH1 HH12 sing N N 35  
ARG NH2 HH21 sing N N 36  
ARG NH2 HH22 sing N N 37  
ARG OXT HXT  sing N N 38  
ASN N   CA   sing N N 39  
ASN N   H    sing N N 40  
ASN N   H2   sing N N 41  
ASN CA  C    sing N N 42  
ASN CA  CB   sing N N 43  
ASN CA  HA   sing N N 44  
ASN C   O    doub N N 45  
ASN C   OXT  sing N N 46  
ASN CB  CG   sing N N 47  
ASN CB  HB2  sing N N 48  
ASN CB  HB3  sing N N 49  
ASN CG  OD1  doub N N 50  
ASN CG  ND2  sing N N 51  
ASN ND2 HD21 sing N N 52  
ASN ND2 HD22 sing N N 53  
ASN OXT HXT  sing N N 54  
ASP N   CA   sing N N 55  
ASP N   H    sing N N 56  
ASP N   H2   sing N N 57  
ASP CA  C    sing N N 58  
ASP CA  CB   sing N N 59  
ASP CA  HA   sing N N 60  
ASP C   O    doub N N 61  
ASP C   OXT  sing N N 62  
ASP CB  CG   sing N N 63  
ASP CB  HB2  sing N N 64  
ASP CB  HB3  sing N N 65  
ASP CG  OD1  doub N N 66  
ASP CG  OD2  sing N N 67  
ASP OD2 HD2  sing N N 68  
ASP OXT HXT  sing N N 69  
CYS N   CA   sing N N 70  
CYS N   H    sing N N 71  
CYS N   H2   sing N N 72  
CYS CA  C    sing N N 73  
CYS CA  CB   sing N N 74  
CYS CA  HA   sing N N 75  
CYS C   O    doub N N 76  
CYS C   OXT  sing N N 77  
CYS CB  SG   sing N N 78  
CYS CB  HB2  sing N N 79  
CYS CB  HB3  sing N N 80  
CYS SG  HG   sing N N 81  
CYS OXT HXT  sing N N 82  
GLN N   CA   sing N N 83  
GLN N   H    sing N N 84  
GLN N   H2   sing N N 85  
GLN CA  C    sing N N 86  
GLN CA  CB   sing N N 87  
GLN CA  HA   sing N N 88  
GLN C   O    doub N N 89  
GLN C   OXT  sing N N 90  
GLN CB  CG   sing N N 91  
GLN CB  HB2  sing N N 92  
GLN CB  HB3  sing N N 93  
GLN CG  CD   sing N N 94  
GLN CG  HG2  sing N N 95  
GLN CG  HG3  sing N N 96  
GLN CD  OE1  doub N N 97  
GLN CD  NE2  sing N N 98  
GLN NE2 HE21 sing N N 99  
GLN NE2 HE22 sing N N 100 
GLN OXT HXT  sing N N 101 
GLU N   CA   sing N N 102 
GLU N   H    sing N N 103 
GLU N   H2   sing N N 104 
GLU CA  C    sing N N 105 
GLU CA  CB   sing N N 106 
GLU CA  HA   sing N N 107 
GLU C   O    doub N N 108 
GLU C   OXT  sing N N 109 
GLU CB  CG   sing N N 110 
GLU CB  HB2  sing N N 111 
GLU CB  HB3  sing N N 112 
GLU CG  CD   sing N N 113 
GLU CG  HG2  sing N N 114 
GLU CG  HG3  sing N N 115 
GLU CD  OE1  doub N N 116 
GLU CD  OE2  sing N N 117 
GLU OE2 HE2  sing N N 118 
GLU OXT HXT  sing N N 119 
GLY N   CA   sing N N 120 
GLY N   H    sing N N 121 
GLY N   H2   sing N N 122 
GLY CA  C    sing N N 123 
GLY CA  HA2  sing N N 124 
GLY CA  HA3  sing N N 125 
GLY C   O    doub N N 126 
GLY C   OXT  sing N N 127 
GLY OXT HXT  sing N N 128 
HIS N   CA   sing N N 129 
HIS N   H    sing N N 130 
HIS N   H2   sing N N 131 
HIS CA  C    sing N N 132 
HIS CA  CB   sing N N 133 
HIS CA  HA   sing N N 134 
HIS C   O    doub N N 135 
HIS C   OXT  sing N N 136 
HIS CB  CG   sing N N 137 
HIS CB  HB2  sing N N 138 
HIS CB  HB3  sing N N 139 
HIS CG  ND1  sing Y N 140 
HIS CG  CD2  doub Y N 141 
HIS ND1 CE1  doub Y N 142 
HIS ND1 HD1  sing N N 143 
HIS CD2 NE2  sing Y N 144 
HIS CD2 HD2  sing N N 145 
HIS CE1 NE2  sing Y N 146 
HIS CE1 HE1  sing N N 147 
HIS NE2 HE2  sing N N 148 
HIS OXT HXT  sing N N 149 
HOH O   H1   sing N N 150 
HOH O   H2   sing N N 151 
ILE N   CA   sing N N 152 
ILE N   H    sing N N 153 
ILE N   H2   sing N N 154 
ILE CA  C    sing N N 155 
ILE CA  CB   sing N N 156 
ILE CA  HA   sing N N 157 
ILE C   O    doub N N 158 
ILE C   OXT  sing N N 159 
ILE CB  CG1  sing N N 160 
ILE CB  CG2  sing N N 161 
ILE CB  HB   sing N N 162 
ILE CG1 CD1  sing N N 163 
ILE CG1 HG12 sing N N 164 
ILE CG1 HG13 sing N N 165 
ILE CG2 HG21 sing N N 166 
ILE CG2 HG22 sing N N 167 
ILE CG2 HG23 sing N N 168 
ILE CD1 HD11 sing N N 169 
ILE CD1 HD12 sing N N 170 
ILE CD1 HD13 sing N N 171 
ILE OXT HXT  sing N N 172 
LEU N   CA   sing N N 173 
LEU N   H    sing N N 174 
LEU N   H2   sing N N 175 
LEU CA  C    sing N N 176 
LEU CA  CB   sing N N 177 
LEU CA  HA   sing N N 178 
LEU C   O    doub N N 179 
LEU C   OXT  sing N N 180 
LEU CB  CG   sing N N 181 
LEU CB  HB2  sing N N 182 
LEU CB  HB3  sing N N 183 
LEU CG  CD1  sing N N 184 
LEU CG  CD2  sing N N 185 
LEU CG  HG   sing N N 186 
LEU CD1 HD11 sing N N 187 
LEU CD1 HD12 sing N N 188 
LEU CD1 HD13 sing N N 189 
LEU CD2 HD21 sing N N 190 
LEU CD2 HD22 sing N N 191 
LEU CD2 HD23 sing N N 192 
LEU OXT HXT  sing N N 193 
LYS N   CA   sing N N 194 
LYS N   H    sing N N 195 
LYS N   H2   sing N N 196 
LYS CA  C    sing N N 197 
LYS CA  CB   sing N N 198 
LYS CA  HA   sing N N 199 
LYS C   O    doub N N 200 
LYS C   OXT  sing N N 201 
LYS CB  CG   sing N N 202 
LYS CB  HB2  sing N N 203 
LYS CB  HB3  sing N N 204 
LYS CG  CD   sing N N 205 
LYS CG  HG2  sing N N 206 
LYS CG  HG3  sing N N 207 
LYS CD  CE   sing N N 208 
LYS CD  HD2  sing N N 209 
LYS CD  HD3  sing N N 210 
LYS CE  NZ   sing N N 211 
LYS CE  HE2  sing N N 212 
LYS CE  HE3  sing N N 213 
LYS NZ  HZ1  sing N N 214 
LYS NZ  HZ2  sing N N 215 
LYS NZ  HZ3  sing N N 216 
LYS OXT HXT  sing N N 217 
MET N   CA   sing N N 218 
MET N   H    sing N N 219 
MET N   H2   sing N N 220 
MET CA  C    sing N N 221 
MET CA  CB   sing N N 222 
MET CA  HA   sing N N 223 
MET C   O    doub N N 224 
MET C   OXT  sing N N 225 
MET CB  CG   sing N N 226 
MET CB  HB2  sing N N 227 
MET CB  HB3  sing N N 228 
MET CG  SD   sing N N 229 
MET CG  HG2  sing N N 230 
MET CG  HG3  sing N N 231 
MET SD  CE   sing N N 232 
MET CE  HE1  sing N N 233 
MET CE  HE2  sing N N 234 
MET CE  HE3  sing N N 235 
MET OXT HXT  sing N N 236 
PHE N   CA   sing N N 237 
PHE N   H    sing N N 238 
PHE N   H2   sing N N 239 
PHE CA  C    sing N N 240 
PHE CA  CB   sing N N 241 
PHE CA  HA   sing N N 242 
PHE C   O    doub N N 243 
PHE C   OXT  sing N N 244 
PHE CB  CG   sing N N 245 
PHE CB  HB2  sing N N 246 
PHE CB  HB3  sing N N 247 
PHE CG  CD1  doub Y N 248 
PHE CG  CD2  sing Y N 249 
PHE CD1 CE1  sing Y N 250 
PHE CD1 HD1  sing N N 251 
PHE CD2 CE2  doub Y N 252 
PHE CD2 HD2  sing N N 253 
PHE CE1 CZ   doub Y N 254 
PHE CE1 HE1  sing N N 255 
PHE CE2 CZ   sing Y N 256 
PHE CE2 HE2  sing N N 257 
PHE CZ  HZ   sing N N 258 
PHE OXT HXT  sing N N 259 
PRO N   CA   sing N N 260 
PRO N   CD   sing N N 261 
PRO N   H    sing N N 262 
PRO CA  C    sing N N 263 
PRO CA  CB   sing N N 264 
PRO CA  HA   sing N N 265 
PRO C   O    doub N N 266 
PRO C   OXT  sing N N 267 
PRO CB  CG   sing N N 268 
PRO CB  HB2  sing N N 269 
PRO CB  HB3  sing N N 270 
PRO CG  CD   sing N N 271 
PRO CG  HG2  sing N N 272 
PRO CG  HG3  sing N N 273 
PRO CD  HD2  sing N N 274 
PRO CD  HD3  sing N N 275 
PRO OXT HXT  sing N N 276 
SER N   CA   sing N N 277 
SER N   H    sing N N 278 
SER N   H2   sing N N 279 
SER CA  C    sing N N 280 
SER CA  CB   sing N N 281 
SER CA  HA   sing N N 282 
SER C   O    doub N N 283 
SER C   OXT  sing N N 284 
SER CB  OG   sing N N 285 
SER CB  HB2  sing N N 286 
SER CB  HB3  sing N N 287 
SER OG  HG   sing N N 288 
SER OXT HXT  sing N N 289 
SO4 S   O1   doub N N 290 
SO4 S   O2   doub N N 291 
SO4 S   O3   sing N N 292 
SO4 S   O4   sing N N 293 
TFA C1  C2   sing N N 294 
TFA C1  O    doub N N 295 
TFA C1  OXT  sing N N 296 
TFA C2  F1   sing N N 297 
TFA C2  F2   sing N N 298 
TFA C2  F3   sing N N 299 
TFA OXT HXT  sing N N 300 
THR N   CA   sing N N 301 
THR N   H    sing N N 302 
THR N   H2   sing N N 303 
THR CA  C    sing N N 304 
THR CA  CB   sing N N 305 
THR CA  HA   sing N N 306 
THR C   O    doub N N 307 
THR C   OXT  sing N N 308 
THR CB  OG1  sing N N 309 
THR CB  CG2  sing N N 310 
THR CB  HB   sing N N 311 
THR OG1 HG1  sing N N 312 
THR CG2 HG21 sing N N 313 
THR CG2 HG22 sing N N 314 
THR CG2 HG23 sing N N 315 
THR OXT HXT  sing N N 316 
TRP N   CA   sing N N 317 
TRP N   H    sing N N 318 
TRP N   H2   sing N N 319 
TRP CA  C    sing N N 320 
TRP CA  CB   sing N N 321 
TRP CA  HA   sing N N 322 
TRP C   O    doub N N 323 
TRP C   OXT  sing N N 324 
TRP CB  CG   sing N N 325 
TRP CB  HB2  sing N N 326 
TRP CB  HB3  sing N N 327 
TRP CG  CD1  doub Y N 328 
TRP CG  CD2  sing Y N 329 
TRP CD1 NE1  sing Y N 330 
TRP CD1 HD1  sing N N 331 
TRP CD2 CE2  doub Y N 332 
TRP CD2 CE3  sing Y N 333 
TRP NE1 CE2  sing Y N 334 
TRP NE1 HE1  sing N N 335 
TRP CE2 CZ2  sing Y N 336 
TRP CE3 CZ3  doub Y N 337 
TRP CE3 HE3  sing N N 338 
TRP CZ2 CH2  doub Y N 339 
TRP CZ2 HZ2  sing N N 340 
TRP CZ3 CH2  sing Y N 341 
TRP CZ3 HZ3  sing N N 342 
TRP CH2 HH2  sing N N 343 
TRP OXT HXT  sing N N 344 
TYR N   CA   sing N N 345 
TYR N   H    sing N N 346 
TYR N   H2   sing N N 347 
TYR CA  C    sing N N 348 
TYR CA  CB   sing N N 349 
TYR CA  HA   sing N N 350 
TYR C   O    doub N N 351 
TYR C   OXT  sing N N 352 
TYR CB  CG   sing N N 353 
TYR CB  HB2  sing N N 354 
TYR CB  HB3  sing N N 355 
TYR CG  CD1  doub Y N 356 
TYR CG  CD2  sing Y N 357 
TYR CD1 CE1  sing Y N 358 
TYR CD1 HD1  sing N N 359 
TYR CD2 CE2  doub Y N 360 
TYR CD2 HD2  sing N N 361 
TYR CE1 CZ   doub Y N 362 
TYR CE1 HE1  sing N N 363 
TYR CE2 CZ   sing Y N 364 
TYR CE2 HE2  sing N N 365 
TYR CZ  OH   sing N N 366 
TYR OH  HH   sing N N 367 
TYR OXT HXT  sing N N 368 
VAL N   CA   sing N N 369 
VAL N   H    sing N N 370 
VAL N   H2   sing N N 371 
VAL CA  C    sing N N 372 
VAL CA  CB   sing N N 373 
VAL CA  HA   sing N N 374 
VAL C   O    doub N N 375 
VAL C   OXT  sing N N 376 
VAL CB  CG1  sing N N 377 
VAL CB  CG2  sing N N 378 
VAL CB  HB   sing N N 379 
VAL CG1 HG11 sing N N 380 
VAL CG1 HG12 sing N N 381 
VAL CG1 HG13 sing N N 382 
VAL CG2 HG21 sing N N 383 
VAL CG2 HG22 sing N N 384 
VAL CG2 HG23 sing N N 385 
VAL OXT HXT  sing N N 386 
# 
_pdbx_initial_refinement_model.id               1 
_pdbx_initial_refinement_model.entity_id_list   ? 
_pdbx_initial_refinement_model.type             'experimental model' 
_pdbx_initial_refinement_model.source_name      PDB 
_pdbx_initial_refinement_model.accession_code   1DOK 
_pdbx_initial_refinement_model.details          'PDB entry 1dok' 
# 
_atom_sites.entry_id                    2RA4 
_atom_sites.fract_transf_matrix[1][1]   -0.00406936 
_atom_sites.fract_transf_matrix[1][2]   -0.01121443 
_atom_sites.fract_transf_matrix[1][3]   0.00608461 
_atom_sites.fract_transf_matrix[2][1]   -0.01270504 
_atom_sites.fract_transf_matrix[2][2]   0.00414722 
_atom_sites.fract_transf_matrix[2][3]   -0.00085340 
_atom_sites.fract_transf_matrix[3][1]   -0.00169096 
_atom_sites.fract_transf_matrix[3][2]   -0.00872028 
_atom_sites.fract_transf_matrix[3][3]   -0.01720307 
_atom_sites.fract_transf_vector[1]      0.606803 
_atom_sites.fract_transf_vector[2]      0.329987 
_atom_sites.fract_transf_vector[3]      0.292229 
# 
loop_
_atom_type.symbol 
C 
F 
N 
O 
S 
# 
loop_
_atom_site.group_PDB 
_atom_site.id 
_atom_site.type_symbol 
_atom_site.label_atom_id 
_atom_site.label_alt_id 
_atom_site.label_comp_id 
_atom_site.label_asym_id 
_atom_site.label_entity_id 
_atom_site.label_seq_id 
_atom_site.pdbx_PDB_ins_code 
_atom_site.Cartn_x 
_atom_site.Cartn_y 
_atom_site.Cartn_z 
_atom_site.occupancy 
_atom_site.B_iso_or_equiv 
_atom_site.pdbx_formal_charge 
_atom_site.auth_seq_id 
_atom_site.auth_comp_id 
_atom_site.auth_asym_id 
_atom_site.auth_atom_id 
_atom_site.pdbx_PDB_model_num 
ATOM   1    N N   . ASP A 1 4  ? 18.759  13.371  -4.760  1.00 32.69  ? 3   ASP A N   1 
ATOM   2    C CA  . ASP A 1 4  ? 17.804  13.090  -3.627  1.00 33.75  ? 3   ASP A CA  1 
ATOM   3    C C   . ASP A 1 4  ? 16.358  13.267  -4.067  1.00 32.49  ? 3   ASP A C   1 
ATOM   4    O O   . ASP A 1 4  ? 16.058  14.108  -4.920  1.00 33.09  ? 3   ASP A O   1 
ATOM   5    C CB  . ASP A 1 4  ? 18.106  14.028  -2.451  1.00 34.48  ? 3   ASP A CB  1 
ATOM   6    C CG  . ASP A 1 4  ? 19.470  13.753  -1.816  1.00 37.51  ? 3   ASP A CG  1 
ATOM   7    O OD1 . ASP A 1 4  ? 20.090  12.694  -2.102  1.00 40.05  ? 3   ASP A OD1 1 
ATOM   8    O OD2 . ASP A 1 4  ? 19.908  14.602  -1.016  1.00 39.33  ? 3   ASP A OD2 1 
ATOM   9    N N   . ALA A 1 5  ? 15.449  12.483  -3.490  1.00 31.21  ? 4   ALA A N   1 
ATOM   10   C CA  . ALA A 1 5  ? 14.066  12.491  -3.960  1.00 29.27  ? 4   ALA A CA  1 
ATOM   11   C C   . ALA A 1 5  ? 13.196  11.986  -2.853  1.00 28.30  ? 4   ALA A C   1 
ATOM   12   O O   . ALA A 1 5  ? 13.684  11.409  -1.889  1.00 28.86  ? 4   ALA A O   1 
ATOM   13   C CB  . ALA A 1 5  ? 13.883  11.613  -5.187  1.00 29.55  ? 4   ALA A CB  1 
ATOM   14   N N   . LEU A 1 6  ? 11.909  12.252  -2.982  1.00 26.55  ? 5   LEU A N   1 
ATOM   15   C CA  . LEU A 1 6  ? 10.960  11.652  -2.101  1.00 26.62  ? 5   LEU A CA  1 
ATOM   16   C C   . LEU A 1 6  ? 10.683  10.255  -2.624  1.00 26.15  ? 5   LEU A C   1 
ATOM   17   O O   . LEU A 1 6  ? 10.672  9.998   -3.859  1.00 26.61  ? 5   LEU A O   1 
ATOM   18   C CB  . LEU A 1 6  ? 9.674   12.452  -2.131  1.00 27.04  ? 5   LEU A CB  1 
ATOM   19   C CG  . LEU A 1 6  ? 9.509   13.602  -1.113  1.00 32.23  ? 5   LEU A CG  1 
ATOM   20   C CD1 . LEU A 1 6  ? 10.698  14.013  -0.257  1.00 31.17  ? 5   LEU A CD1 1 
ATOM   21   C CD2 . LEU A 1 6  ? 8.805   14.773  -1.706  1.00 33.01  ? 5   LEU A CD2 1 
ATOM   22   N N   . ASN A 1 7  ? 10.441  9.329   -1.710  1.00 25.29  ? 6   ASN A N   1 
ATOM   23   C CA  . ASN A 1 7  ? 10.022  7.991   -2.129  1.00 25.19  ? 6   ASN A CA  1 
ATOM   24   C C   . ASN A 1 7  ? 8.659   7.738   -1.529  1.00 25.62  ? 6   ASN A C   1 
ATOM   25   O O   . ASN A 1 7  ? 8.337   8.322   -0.481  1.00 26.16  ? 6   ASN A O   1 
ATOM   26   C CB  . ASN A 1 7  ? 10.996  6.917   -1.645  1.00 26.83  ? 6   ASN A CB  1 
ATOM   27   C CG  . ASN A 1 7  ? 12.242  6.783   -2.586  1.00 33.75  ? 6   ASN A CG  1 
ATOM   28   O OD1 . ASN A 1 7  ? 13.143  5.966   -2.353  1.00 38.37  ? 6   ASN A OD1 1 
ATOM   29   N ND2 . ASN A 1 7  ? 12.264  7.578   -3.653  1.00 38.21  ? 6   ASN A ND2 1 
ATOM   30   N N   . VAL A 1 8  ? 7.870   6.936   -2.209  1.00 24.71  ? 7   VAL A N   1 
ATOM   31   C CA  . VAL A 1 8  ? 6.475   6.752   -1.773  1.00 26.65  ? 7   VAL A CA  1 
ATOM   32   C C   . VAL A 1 8  ? 6.165   5.280   -1.490  1.00 25.56  ? 7   VAL A C   1 
ATOM   33   O O   . VAL A 1 8  ? 6.919   4.385   -1.938  1.00 26.85  ? 7   VAL A O   1 
ATOM   34   C CB  . VAL A 1 8  ? 5.468   7.288   -2.821  1.00 27.10  ? 7   VAL A CB  1 
ATOM   35   C CG1 . VAL A 1 8  ? 5.816   8.807   -3.092  1.00 26.95  ? 7   VAL A CG1 1 
ATOM   36   C CG2 . VAL A 1 8  ? 5.537   6.421   -4.099  1.00 29.46  ? 7   VAL A CG2 1 
ATOM   37   N N   . PRO A 1 9  ? 5.074   5.016   -0.752  1.00 26.21  ? 8   PRO A N   1 
ATOM   38   C CA  . PRO A 1 9  ? 4.831   3.596   -0.359  1.00 26.07  ? 8   PRO A CA  1 
ATOM   39   C C   . PRO A 1 9  ? 4.418   2.645   -1.483  1.00 25.76  ? 8   PRO A C   1 
ATOM   40   O O   . PRO A 1 9  ? 4.006   3.096   -2.602  1.00 27.45  ? 8   PRO A O   1 
ATOM   41   C CB  . PRO A 1 9  ? 3.690   3.678   0.713   1.00 26.70  ? 8   PRO A CB  1 
ATOM   42   C CG  . PRO A 1 9  ? 3.629   5.184   1.105   1.00 27.42  ? 8   PRO A CG  1 
ATOM   43   C CD  . PRO A 1 9  ? 4.165   5.981   -0.075  1.00 25.73  ? 8   PRO A CD  1 
ATOM   44   N N   . SER A 1 10 ? 4.516   1.354   -1.198  1.00 24.67  ? 9   SER A N   1 
ATOM   45   C CA  . SER A 1 10 ? 4.101   0.276   -2.090  1.00 25.68  ? 9   SER A CA  1 
ATOM   46   C C   . SER A 1 10 ? 2.840   -0.363  -1.526  1.00 25.56  ? 9   SER A C   1 
ATOM   47   O O   . SER A 1 10 ? 2.498   -0.134  -0.363  1.00 27.60  ? 9   SER A O   1 
ATOM   48   C CB  . SER A 1 10 ? 5.216   -0.777  -2.106  1.00 25.65  ? 9   SER A CB  1 
ATOM   49   O OG  . SER A 1 10 ? 6.446   -0.215  -2.662  1.00 27.15  ? 9   SER A OG  1 
ATOM   50   N N   . THR A 1 11 ? 2.133   -1.093  -2.377  1.00 24.76  ? 10  THR A N   1 
ATOM   51   C CA  . THR A 1 11 ? 0.894   -1.693  -1.973  1.00 26.57  ? 10  THR A CA  1 
ATOM   52   C C   . THR A 1 11 ? 1.139   -3.196  -1.943  1.00 27.73  ? 10  THR A C   1 
ATOM   53   O O   . THR A 1 11 ? 1.537   -3.773  -2.979  1.00 27.94  ? 10  THR A O   1 
ATOM   54   C CB  . THR A 1 11 ? -0.167  -1.311  -2.996  1.00 29.45  ? 10  THR A CB  1 
ATOM   55   O OG1 . THR A 1 11 ? -0.279  0.133   -2.971  1.00 30.69  ? 10  THR A OG1 1 
ATOM   56   C CG2 . THR A 1 11 ? -1.489  -1.897  -2.601  1.00 29.87  ? 10  THR A CG2 1 
ATOM   57   N N   . CYS A 1 12 ? 0.872   -3.842  -0.809  1.00 26.39  ? 11  CYS A N   1 
ATOM   58   C CA  . CYS A 1 12 ? 1.067   -5.308  -0.696  1.00 27.48  ? 11  CYS A CA  1 
ATOM   59   C C   . CYS A 1 12 ? -0.176  -5.969  -0.111  1.00 29.16  ? 11  CYS A C   1 
ATOM   60   O O   . CYS A 1 12 ? -0.921  -5.291  0.607   1.00 29.66  ? 11  CYS A O   1 
ATOM   61   C CB  . CYS A 1 12 ? 2.212   -5.631  0.222   1.00 30.51  ? 11  CYS A CB  1 
ATOM   62   S SG  . CYS A 1 12 ? 3.830   -5.206  -0.491  1.00 34.69  ? 11  CYS A SG  1 
ATOM   63   N N   . CYS A 1 13 ? -0.409  -7.248  -0.448  1.00 26.33  ? 12  CYS A N   1 
ATOM   64   C CA  . CYS A 1 13 ? -1.510  -8.006  0.189   1.00 27.15  ? 12  CYS A CA  1 
ATOM   65   C C   . CYS A 1 13 ? -0.934  -9.028  1.198   1.00 28.60  ? 12  CYS A C   1 
ATOM   66   O O   . CYS A 1 13 ? -0.059  -9.798  0.836   1.00 29.99  ? 12  CYS A O   1 
ATOM   67   C CB  . CYS A 1 13 ? -2.295  -8.763  -0.878  1.00 29.23  ? 12  CYS A CB  1 
ATOM   68   S SG  . CYS A 1 13 ? -3.233  -7.613  -1.903  1.00 34.36  ? 12  CYS A SG  1 
ATOM   69   N N   . PHE A 1 14 ? -1.422  -9.070  2.434   1.00 27.45  ? 13  PHE A N   1 
ATOM   70   C CA  . PHE A 1 14 ? -0.961  -10.095 3.369   1.00 28.23  ? 13  PHE A CA  1 
ATOM   71   C C   . PHE A 1 14 ? -2.065  -11.077 3.748   1.00 28.34  ? 13  PHE A C   1 
ATOM   72   O O   . PHE A 1 14 ? -1.801  -12.023 4.472   1.00 28.91  ? 13  PHE A O   1 
ATOM   73   C CB  . PHE A 1 14 ? -0.480  -9.401  4.618   1.00 29.42  ? 13  PHE A CB  1 
ATOM   74   C CG  . PHE A 1 14 ? 0.705   -8.538  4.338   1.00 28.15  ? 13  PHE A CG  1 
ATOM   75   C CD1 . PHE A 1 14 ? 0.569   -7.191  4.282   1.00 30.64  ? 13  PHE A CD1 1 
ATOM   76   C CD2 . PHE A 1 14 ? 1.936   -9.105  4.085   1.00 34.73  ? 13  PHE A CD2 1 
ATOM   77   C CE1 . PHE A 1 14 ? 1.703   -6.386  4.023   1.00 29.20  ? 13  PHE A CE1 1 
ATOM   78   C CE2 . PHE A 1 14 ? 3.060   -8.323  3.822   1.00 35.77  ? 13  PHE A CE2 1 
ATOM   79   C CZ  . PHE A 1 14 ? 2.914   -6.961  3.762   1.00 32.09  ? 13  PHE A CZ  1 
ATOM   80   N N   . THR A 1 15 ? -3.287  -10.808 3.295   1.00 29.17  ? 14  THR A N   1 
ATOM   81   C CA  . THR A 1 15 ? -4.400  -11.727 3.436   1.00 30.31  ? 14  THR A CA  1 
ATOM   82   C C   . THR A 1 15 ? -5.185  -11.671 2.116   1.00 29.85  ? 14  THR A C   1 
ATOM   83   O O   . THR A 1 15 ? -5.160  -10.672 1.398   1.00 32.68  ? 14  THR A O   1 
ATOM   84   C CB  . THR A 1 15 ? -5.325  -11.335 4.594   1.00 30.72  ? 14  THR A CB  1 
ATOM   85   O OG1 . THR A 1 15 ? -5.944  -10.104 4.314   1.00 35.59  ? 14  THR A OG1 1 
ATOM   86   C CG2 . THR A 1 15 ? -4.555  -11.152 5.898   1.00 32.47  ? 14  THR A CG2 1 
ATOM   87   N N   . PHE A 1 16 ? -5.818  -12.781 1.800   1.00 30.09  ? 15  PHE A N   1 
ATOM   88   C CA  . PHE A 1 16 ? -6.550  -12.895 0.560   1.00 27.98  ? 15  PHE A CA  1 
ATOM   89   C C   . PHE A 1 16 ? -8.044  -12.926 0.831   1.00 28.74  ? 15  PHE A C   1 
ATOM   90   O O   . PHE A 1 16 ? -8.500  -13.568 1.784   1.00 29.38  ? 15  PHE A O   1 
ATOM   91   C CB  . PHE A 1 16 ? -6.170  -14.222 -0.118  1.00 28.14  ? 15  PHE A CB  1 
ATOM   92   C CG  . PHE A 1 16 ? -4.713  -14.277 -0.547  1.00 30.79  ? 15  PHE A CG  1 
ATOM   93   C CD1 . PHE A 1 16 ? -4.158  -13.219 -1.270  1.00 31.24  ? 15  PHE A CD1 1 
ATOM   94   C CD2 . PHE A 1 16 ? -3.944  -15.426 -0.301  1.00 32.30  ? 15  PHE A CD2 1 
ATOM   95   C CE1 . PHE A 1 16 ? -2.828  -13.241 -1.702  1.00 31.82  ? 15  PHE A CE1 1 
ATOM   96   C CE2 . PHE A 1 16 ? -2.617  -15.476 -0.743  1.00 35.64  ? 15  PHE A CE2 1 
ATOM   97   C CZ  . PHE A 1 16 ? -2.063  -14.367 -1.433  1.00 30.32  ? 15  PHE A CZ  1 
ATOM   98   N N   . SER A 1 17 ? -8.804  -12.277 -0.070  1.00 27.78  ? 16  SER A N   1 
ATOM   99   C CA  . SER A 1 17 ? -10.270 -12.299 0.066   1.00 29.88  ? 16  SER A CA  1 
ATOM   100  C C   . SER A 1 17 ? -10.838 -13.695 0.005   1.00 32.25  ? 16  SER A C   1 
ATOM   101  O O   . SER A 1 17 ? -10.468 -14.471 -0.866  1.00 32.84  ? 16  SER A O   1 
ATOM   102  C CB  . SER A 1 17 ? -10.924 -11.467 -1.017  1.00 27.91  ? 16  SER A CB  1 
ATOM   103  O OG  . SER A 1 17 ? -10.534 -10.125 -0.842  1.00 27.85  ? 16  SER A OG  1 
ATOM   104  N N   . SER A 1 18 ? -11.740 -13.997 0.961   1.00 34.26  ? 17  SER A N   1 
ATOM   105  C CA  . SER A 1 18 ? -12.484 -15.271 1.011   1.00 37.40  ? 17  SER A CA  1 
ATOM   106  C C   . SER A 1 18 ? -13.803 -15.229 0.271   1.00 38.59  ? 17  SER A C   1 
ATOM   107  O O   . SER A 1 18 ? -14.424 -16.259 0.070   1.00 41.28  ? 17  SER A O   1 
ATOM   108  C CB  . SER A 1 18 ? -12.752 -15.693 2.468   1.00 37.26  ? 17  SER A CB  1 
ATOM   109  O OG  . SER A 1 18 ? -13.043 -14.602 3.339   1.00 38.27  ? 17  SER A OG  1 
ATOM   110  N N   . LYS A 1 19 ? -14.277 -14.037 -0.054  1.00 38.70  ? 18  LYS A N   1 
ATOM   111  C CA  . LYS A 1 19 ? -15.492 -13.869 -0.828  1.00 39.59  ? 18  LYS A CA  1 
ATOM   112  C C   . LYS A 1 19 ? -15.096 -13.778 -2.275  1.00 39.45  ? 18  LYS A C   1 
ATOM   113  O O   . LYS A 1 19 ? -14.197 -13.031 -2.608  1.00 38.97  ? 18  LYS A O   1 
ATOM   114  C CB  . LYS A 1 19 ? -16.191 -12.555 -0.426  1.00 39.44  ? 18  LYS A CB  1 
ATOM   115  C CG  . LYS A 1 19 ? -17.292 -12.130 -1.399  1.00 43.16  ? 18  LYS A CG  1 
ATOM   116  C CD  . LYS A 1 19 ? -18.255 -11.132 -0.799  1.00 42.88  ? 18  LYS A CD  1 
ATOM   117  C CE  . LYS A 1 19 ? -19.408 -10.897 -1.782  1.00 46.87  ? 18  LYS A CE  1 
ATOM   118  N NZ  . LYS A 1 19 ? -20.349 -9.843  -1.320  1.00 48.60  ? 18  LYS A NZ  1 
ATOM   119  N N   . LYS A 1 20 ? -15.782 -14.514 -3.131  1.00 38.13  ? 19  LYS A N   1 
ATOM   120  C CA  . LYS A 1 20 ? -15.656 -14.372 -4.574  1.00 37.98  ? 19  LYS A CA  1 
ATOM   121  C C   . LYS A 1 20 ? -16.653 -13.298 -5.015  1.00 37.01  ? 19  LYS A C   1 
ATOM   122  O O   . LYS A 1 20 ? -17.844 -13.555 -5.121  1.00 38.77  ? 19  LYS A O   1 
ATOM   123  C CB  . LYS A 1 20 ? -15.986 -15.704 -5.236  1.00 38.79  ? 19  LYS A CB  1 
ATOM   124  C CG  . LYS A 1 20 ? -16.165 -15.681 -6.742  1.00 41.12  ? 19  LYS A CG  1 
ATOM   125  C CD  . LYS A 1 20 ? -16.414 -17.084 -7.275  1.00 42.86  ? 19  LYS A CD  1 
ATOM   126  C CE  . LYS A 1 20 ? -16.566 -17.088 -8.814  1.00 42.11  ? 19  LYS A CE  1 
ATOM   127  N NZ  . LYS A 1 20 ? -17.840 -16.410 -9.172  1.00 46.25  ? 19  LYS A NZ  1 
ATOM   128  N N   . ILE A 1 21 ? -16.149 -12.099 -5.239  1.00 34.71  ? 20  ILE A N   1 
ATOM   129  C CA  . ILE A 1 21 ? -16.927 -10.956 -5.698  1.00 33.48  ? 20  ILE A CA  1 
ATOM   130  C C   . ILE A 1 21 ? -17.461 -11.187 -7.118  1.00 31.69  ? 20  ILE A C   1 
ATOM   131  O O   . ILE A 1 21 ? -16.862 -11.928 -7.886  1.00 32.86  ? 20  ILE A O   1 
ATOM   132  C CB  . ILE A 1 21 ? -15.973 -9.693  -5.667  1.00 33.93  ? 20  ILE A CB  1 
ATOM   133  C CG1 . ILE A 1 21 ? -16.717 -8.437  -6.085  1.00 36.36  ? 20  ILE A CG1 1 
ATOM   134  C CG2 . ILE A 1 21 ? -14.694 -9.949  -6.502  1.00 36.87  ? 20  ILE A CG2 1 
ATOM   135  C CD1 . ILE A 1 21 ? -15.984 -7.135  -5.849  1.00 33.93  ? 20  ILE A CD1 1 
ATOM   136  N N   . SER A 1 22 ? -18.566 -10.532 -7.463  1.00 30.06  ? 21  SER A N   1 
ATOM   137  C CA  . SER A 1 22 ? -19.147 -10.601 -8.794  1.00 30.40  ? 21  SER A CA  1 
ATOM   138  C C   . SER A 1 22 ? -18.125 -10.043 -9.804  1.00 29.92  ? 21  SER A C   1 
ATOM   139  O O   . SER A 1 22 ? -17.591 -8.964  -9.600  1.00 30.80  ? 21  SER A O   1 
ATOM   140  C CB  . SER A 1 22 ? -20.434 -9.772  -8.820  1.00 31.47  ? 21  SER A CB  1 
ATOM   141  O OG  . SER A 1 22 ? -20.872 -9.693  -10.151 1.00 38.26  ? 21  SER A OG  1 
ATOM   142  N N   . LEU A 1 23 ? -17.918 -10.730 -10.930 1.00 29.71  ? 22  LEU A N   1 
ATOM   143  C CA  . LEU A 1 23 ? -16.991 -10.222 -11.935 1.00 27.25  ? 22  LEU A CA  1 
ATOM   144  C C   . LEU A 1 23 ? -17.482 -8.909  -12.511 1.00 27.67  ? 22  LEU A C   1 
ATOM   145  O O   . LEU A 1 23 ? -16.688 -8.029  -12.850 1.00 26.76  ? 22  LEU A O   1 
ATOM   146  C CB  . LEU A 1 23 ? -16.859 -11.253 -13.073 1.00 28.73  ? 22  LEU A CB  1 
ATOM   147  C CG  . LEU A 1 23 ? -16.006 -10.827 -14.254 1.00 29.36  ? 22  LEU A CG  1 
ATOM   148  C CD1 . LEU A 1 23 ? -14.636 -10.471 -13.923 1.00 27.58  ? 22  LEU A CD1 1 
ATOM   149  C CD2 . LEU A 1 23 ? -16.011 -11.937 -15.299 1.00 31.31  ? 22  LEU A CD2 1 
ATOM   150  N N   . GLN A 1 24 ? -18.794 -8.728  -12.572 1.00 25.96  ? 23  GLN A N   1 
ATOM   151  C CA  . GLN A 1 24 ? -19.350 -7.446  -13.093 1.00 26.83  ? 23  GLN A CA  1 
ATOM   152  C C   . GLN A 1 24 ? -18.945 -6.205  -12.303 1.00 26.30  ? 23  GLN A C   1 
ATOM   153  O O   . GLN A 1 24 ? -19.025 -5.074  -12.807 1.00 29.09  ? 23  GLN A O   1 
ATOM   154  C CB  A GLN A 1 24 ? -20.854 -7.509  -13.245 0.65 28.09  ? 23  GLN A CB  1 
ATOM   155  C CB  B GLN A 1 24 ? -20.884 -7.497  -13.150 0.35 26.68  ? 23  GLN A CB  1 
ATOM   156  C CG  A GLN A 1 24 ? -21.391 -6.461  -14.225 0.65 30.85  ? 23  GLN A CG  1 
ATOM   157  C CG  B GLN A 1 24 ? -21.626 -7.757  -11.802 0.35 24.64  ? 23  GLN A CG  1 
ATOM   158  C CD  A GLN A 1 24 ? -21.860 -5.158  -13.576 0.65 32.98  ? 23  GLN A CD  1 
ATOM   159  C CD  B GLN A 1 24 ? -22.004 -6.519  -10.996 0.35 21.39  ? 23  GLN A CD  1 
ATOM   160  O OE1 A GLN A 1 24 ? -22.326 -5.148  -12.424 0.65 34.78  ? 23  GLN A OE1 1 
ATOM   161  O OE1 B GLN A 1 24 ? -22.125 -5.415  -11.523 0.35 19.56  ? 23  GLN A OE1 1 
ATOM   162  N NE2 A GLN A 1 24 ? -21.790 -4.063  -14.338 0.65 28.31  ? 23  GLN A NE2 1 
ATOM   163  N NE2 B GLN A 1 24 ? -22.245 -6.714  -9.714  0.35 18.26  ? 23  GLN A NE2 1 
ATOM   164  N N   . ARG A 1 25 ? -18.539 -6.364  -11.047 1.00 25.47  ? 24  ARG A N   1 
ATOM   165  C CA  . ARG A 1 25 ? -18.075 -5.207  -10.287 1.00 25.36  ? 24  ARG A CA  1 
ATOM   166  C C   . ARG A 1 25 ? -16.679 -4.796  -10.620 1.00 26.09  ? 24  ARG A C   1 
ATOM   167  O O   . ARG A 1 25 ? -16.239 -3.798  -10.093 1.00 26.96  ? 24  ARG A O   1 
ATOM   168  C CB  . ARG A 1 25 ? -18.089 -5.506  -8.765  1.00 26.88  ? 24  ARG A CB  1 
ATOM   169  C CG  . ARG A 1 25 ? -19.538 -5.479  -8.309  1.00 29.37  ? 24  ARG A CG  1 
ATOM   170  C CD  . ARG A 1 25 ? -19.725 -6.135  -6.951  1.00 35.55  ? 24  ARG A CD  1 
ATOM   171  N NE  . ARG A 1 25 ? -19.059 -5.350  -5.906  1.00 34.18  ? 24  ARG A NE  1 
ATOM   172  C CZ  . ARG A 1 25 ? -18.986 -5.740  -4.642  1.00 34.41  ? 24  ARG A CZ  1 
ATOM   173  N NH1 . ARG A 1 25 ? -19.552 -6.890  -4.280  1.00 34.54  ? 24  ARG A NH1 1 
ATOM   174  N NH2 . ARG A 1 25 ? -18.370 -4.986  -3.750  1.00 38.69  ? 24  ARG A NH2 1 
ATOM   175  N N   . LEU A 1 26 ? -15.946 -5.611  -11.381 1.00 24.68  ? 25  LEU A N   1 
ATOM   176  C CA  . LEU A 1 26 ? -14.510 -5.366  -11.546 1.00 26.36  ? 25  LEU A CA  1 
ATOM   177  C C   . LEU A 1 26 ? -14.122 -4.597  -12.813 1.00 27.59  ? 25  LEU A C   1 
ATOM   178  O O   . LEU A 1 26 ? -14.747 -4.781  -13.880 1.00 29.27  ? 25  LEU A O   1 
ATOM   179  C CB  . LEU A 1 26 ? -13.810 -6.712  -11.570 1.00 27.62  ? 25  LEU A CB  1 
ATOM   180  C CG  . LEU A 1 26 ? -14.098 -7.482  -10.284 1.00 25.88  ? 25  LEU A CG  1 
ATOM   181  C CD1 . LEU A 1 26 ? -13.253 -8.774  -10.266 1.00 28.32  ? 25  LEU A CD1 1 
ATOM   182  C CD2 . LEU A 1 26 ? -13.731 -6.669  -9.054  1.00 27.43  ? 25  LEU A CD2 1 
ATOM   183  N N   . LYS A 1 27 ? -13.100 -3.741  -12.674 1.00 28.98  ? 26  LYS A N   1 
ATOM   184  C CA  . LYS A 1 27 ? -12.587 -2.894  -13.739 1.00 30.42  ? 26  LYS A CA  1 
ATOM   185  C C   . LYS A 1 27 ? -11.255 -3.439  -14.272 1.00 29.61  ? 26  LYS A C   1 
ATOM   186  O O   . LYS A 1 27 ? -10.989 -3.421  -15.483 1.00 29.40  ? 26  LYS A O   1 
ATOM   187  C CB  A LYS A 1 27 ? -12.330 -1.477  -13.159 0.65 31.56  ? 26  LYS A CB  1 
ATOM   188  C CB  B LYS A 1 27 ? -12.378 -1.478  -13.193 0.35 31.05  ? 26  LYS A CB  1 
ATOM   189  C CG  A LYS A 1 27 ? -11.516 -0.548  -14.027 0.65 32.63  ? 26  LYS A CG  1 
ATOM   190  C CG  B LYS A 1 27 ? -12.398 -0.379  -14.226 0.35 32.48  ? 26  LYS A CG  1 
ATOM   191  C CD  A LYS A 1 27 ? -11.717 0.889   -13.547 0.65 34.00  ? 26  LYS A CD  1 
ATOM   192  C CD  B LYS A 1 27 ? -12.437 0.962   -13.521 0.35 33.31  ? 26  LYS A CD  1 
ATOM   193  C CE  A LYS A 1 27 ? -11.062 1.911   -14.485 0.65 38.69  ? 26  LYS A CE  1 
ATOM   194  C CE  B LYS A 1 27 ? -11.449 1.002   -12.362 0.35 33.57  ? 26  LYS A CE  1 
ATOM   195  N NZ  A LYS A 1 27 ? -11.639 1.928   -15.872 0.65 40.76  ? 26  LYS A NZ  1 
ATOM   196  N NZ  B LYS A 1 27 ? -11.914 1.827   -11.208 0.35 36.02  ? 26  LYS A NZ  1 
ATOM   197  N N   . SER A 1 28 ? -10.402 -3.941  -13.388 1.00 28.28  ? 27  SER A N   1 
ATOM   198  C CA  . SER A 1 28 ? -9.053  -4.282  -13.805 1.00 28.37  ? 27  SER A CA  1 
ATOM   199  C C   . SER A 1 28 ? -8.380  -5.040  -12.672 1.00 27.47  ? 27  SER A C   1 
ATOM   200  O O   . SER A 1 28 ? -8.974  -5.209  -11.586 1.00 27.15  ? 27  SER A O   1 
ATOM   201  C CB  . SER A 1 28 ? -8.245  -3.007  -14.085 1.00 29.29  ? 27  SER A CB  1 
ATOM   202  O OG  . SER A 1 28 ? -8.123  -2.215  -12.895 1.00 32.96  ? 27  SER A OG  1 
ATOM   203  N N   . TYR A 1 29 ? -7.166  -5.516  -12.958 1.00 27.85  ? 28  TYR A N   1 
ATOM   204  C CA  . TYR A 1 29 ? -6.357  -6.122  -11.915 1.00 25.95  ? 28  TYR A CA  1 
ATOM   205  C C   . TYR A 1 29 ? -4.886  -5.770  -12.146 1.00 26.48  ? 28  TYR A C   1 
ATOM   206  O O   . TYR A 1 29 ? -4.488  -5.468  -13.266 1.00 26.58  ? 28  TYR A O   1 
ATOM   207  C CB  . TYR A 1 29 ? -6.520  -7.649  -11.853 1.00 27.10  ? 28  TYR A CB  1 
ATOM   208  C CG  . TYR A 1 29 ? -5.763  -8.430  -12.893 1.00 27.40  ? 28  TYR A CG  1 
ATOM   209  C CD1 . TYR A 1 29 ? -4.487  -8.909  -12.620 1.00 27.37  ? 28  TYR A CD1 1 
ATOM   210  C CD2 . TYR A 1 29 ? -6.327  -8.677  -14.155 1.00 29.10  ? 28  TYR A CD2 1 
ATOM   211  C CE1 . TYR A 1 29 ? -3.774  -9.612  -13.578 1.00 28.20  ? 28  TYR A CE1 1 
ATOM   212  C CE2 . TYR A 1 29 ? -5.631  -9.396  -15.131 1.00 29.37  ? 28  TYR A CE2 1 
ATOM   213  C CZ  . TYR A 1 29 ? -4.334  -9.861  -14.809 1.00 29.13  ? 28  TYR A CZ  1 
ATOM   214  O OH  . TYR A 1 29 ? -3.616  -10.599 -15.735 1.00 32.69  ? 28  TYR A OH  1 
ATOM   215  N N   . VAL A 1 30 ? -4.125  -5.889  -11.065 1.00 26.25  ? 29  VAL A N   1 
ATOM   216  C CA  . VAL A 1 30 ? -2.667  -5.804  -11.120 1.00 26.18  ? 29  VAL A CA  1 
ATOM   217  C C   . VAL A 1 30 ? -2.064  -6.915  -10.276 1.00 25.71  ? 29  VAL A C   1 
ATOM   218  O O   . VAL A 1 30 ? -2.716  -7.407  -9.351  1.00 28.20  ? 29  VAL A O   1 
ATOM   219  C CB  . VAL A 1 30 ? -2.129  -4.460  -10.650 1.00 28.32  ? 29  VAL A CB  1 
ATOM   220  C CG1 . VAL A 1 30 ? -2.663  -3.407  -11.507 1.00 33.47  ? 29  VAL A CG1 1 
ATOM   221  C CG2 . VAL A 1 30 ? -2.471  -4.180  -9.120  1.00 28.44  ? 29  VAL A CG2 1 
ATOM   222  N N   . ILE A 1 31 ? -0.825  -7.312  -10.580 1.00 26.27  ? 30  ILE A N   1 
ATOM   223  C CA  . ILE A 1 31 ? -0.111  -8.205  -9.653  1.00 26.38  ? 30  ILE A CA  1 
ATOM   224  C C   . ILE A 1 31 ? 0.764   -7.274  -8.773  1.00 28.76  ? 30  ILE A C   1 
ATOM   225  O O   . ILE A 1 31 ? 1.322   -6.287  -9.303  1.00 28.53  ? 30  ILE A O   1 
ATOM   226  C CB  . ILE A 1 31 ? 0.797   -9.138  -10.474 1.00 26.79  ? 30  ILE A CB  1 
ATOM   227  C CG1 . ILE A 1 31 ? -0.048  -9.965  -11.460 1.00 28.72  ? 30  ILE A CG1 1 
ATOM   228  C CG2 . ILE A 1 31 ? 1.641   -9.987  -9.517  1.00 27.24  ? 30  ILE A CG2 1 
ATOM   229  C CD1 . ILE A 1 31 ? -1.119  -10.741 -10.792 1.00 34.35  ? 30  ILE A CD1 1 
ATOM   230  N N   . THR A 1 32 ? 0.868   -7.556  -7.474  1.00 26.77  ? 31  THR A N   1 
ATOM   231  C CA  . THR A 1 32 ? 1.655   -6.684  -6.595  1.00 27.18  ? 31  THR A CA  1 
ATOM   232  C C   . THR A 1 32 ? 3.107   -6.583  -7.015  1.00 27.77  ? 31  THR A C   1 
ATOM   233  O O   . THR A 1 32 ? 3.678   -7.524  -7.670  1.00 28.08  ? 31  THR A O   1 
ATOM   234  C CB  . THR A 1 32 ? 1.525   -7.127  -5.149  1.00 26.91  ? 31  THR A CB  1 
ATOM   235  O OG1 . THR A 1 32 ? 1.725   -8.545  -5.061  1.00 29.54  ? 31  THR A OG1 1 
ATOM   236  C CG2 . THR A 1 32 ? 0.055   -6.745  -4.731  1.00 29.54  ? 31  THR A CG2 1 
ATOM   237  N N   . THR A 1 33 ? 3.713   -5.465  -6.642  1.00 27.37  ? 32  THR A N   1 
ATOM   238  C CA  . THR A 1 33 ? 5.148   -5.315  -6.864  1.00 29.07  ? 32  THR A CA  1 
ATOM   239  C C   . THR A 1 33 ? 5.952   -6.527  -6.426  1.00 29.07  ? 32  THR A C   1 
ATOM   240  O O   . THR A 1 33 ? 5.685   -7.193  -5.391  1.00 30.17  ? 32  THR A O   1 
ATOM   241  C CB  . THR A 1 33 ? 5.682   -4.064  -6.173  1.00 28.81  ? 32  THR A CB  1 
ATOM   242  O OG1 . THR A 1 33 ? 7.092   -3.998  -6.395  1.00 30.73  ? 32  THR A OG1 1 
ATOM   243  C CG2 . THR A 1 33 ? 5.464   -4.136  -4.687  1.00 29.24  ? 32  THR A CG2 1 
ATOM   244  N N   . SER A 1 34 ? 7.037   -6.798  -7.160  1.00 31.75  ? 33  SER A N   1 
ATOM   245  C CA  . SER A 1 34 ? 7.869   -7.926  -6.804  1.00 31.69  ? 33  SER A CA  1 
ATOM   246  C C   . SER A 1 34 ? 8.556   -7.814  -5.424  1.00 32.58  ? 33  SER A C   1 
ATOM   247  O O   . SER A 1 34 ? 9.035   -8.798  -4.892  1.00 32.83  ? 33  SER A O   1 
ATOM   248  C CB  . SER A 1 34 ? 8.895   -8.204  -7.914  1.00 32.89  ? 33  SER A CB  1 
ATOM   249  O OG  . SER A 1 34 ? 9.712   -7.085  -8.085  1.00 34.91  ? 33  SER A OG  1 
ATOM   250  N N   . ARG A 1 35 ? 8.563   -6.621  -4.853  1.00 32.09  ? 34  ARG A N   1 
ATOM   251  C CA  . ARG A 1 35 ? 9.131   -6.396  -3.532  1.00 32.21  ? 34  ARG A CA  1 
ATOM   252  C C   . ARG A 1 35 ? 8.311   -7.015  -2.367  1.00 31.68  ? 34  ARG A C   1 
ATOM   253  O O   . ARG A 1 35 ? 8.835   -7.226  -1.249  1.00 30.02  ? 34  ARG A O   1 
ATOM   254  C CB  A ARG A 1 35 ? 9.127   -4.868  -3.274  0.65 32.67  ? 34  ARG A CB  1 
ATOM   255  C CB  B ARG A 1 35 ? 9.492   -4.933  -3.300  0.35 32.71  ? 34  ARG A CB  1 
ATOM   256  C CG  A ARG A 1 35 ? 9.799   -3.913  -4.308  0.65 33.31  ? 34  ARG A CG  1 
ATOM   257  C CG  B ARG A 1 35 ? 10.673  -4.487  -4.153  0.35 33.28  ? 34  ARG A CG  1 
ATOM   258  C CD  A ARG A 1 35 ? 9.827   -2.534  -3.692  0.65 33.28  ? 34  ARG A CD  1 
ATOM   259  C CD  B ARG A 1 35 ? 11.496  -3.482  -3.432  0.35 35.27  ? 34  ARG A CD  1 
ATOM   260  N NE  A ARG A 1 35 ? 10.315  -1.454  -4.544  0.65 33.94  ? 34  ARG A NE  1 
ATOM   261  N NE  B ARG A 1 35 ? 12.525  -4.127  -2.605  0.35 35.57  ? 34  ARG A NE  1 
ATOM   262  C CZ  A ARG A 1 35 ? 11.578  -1.075  -4.656  0.65 36.43  ? 34  ARG A CZ  1 
ATOM   263  C CZ  B ARG A 1 35 ? 13.420  -3.479  -1.872  0.35 37.46  ? 34  ARG A CZ  1 
ATOM   264  N NH1 A ARG A 1 35 ? 12.563  -1.687  -3.994  0.65 36.58  ? 34  ARG A NH1 1 
ATOM   265  N NH1 B ARG A 1 35 ? 13.436  -2.153  -1.840  0.35 39.06  ? 34  ARG A NH1 1 
ATOM   266  N NH2 A ARG A 1 35 ? 11.864  -0.068  -5.459  0.65 36.18  ? 34  ARG A NH2 1 
ATOM   267  N NH2 B ARG A 1 35 ? 14.315  -4.159  -1.171  0.35 37.76  ? 34  ARG A NH2 1 
ATOM   268  N N   . CYS A 1 36 ? 7.029   -7.274  -2.604  1.00 30.67  ? 35  CYS A N   1 
ATOM   269  C CA  . CYS A 1 36 ? 6.147   -7.766  -1.540  1.00 30.61  ? 35  CYS A CA  1 
ATOM   270  C C   . CYS A 1 36 ? 6.580   -9.171  -1.179  1.00 32.68  ? 35  CYS A C   1 
ATOM   271  O O   . CYS A 1 36 ? 7.008   -9.929  -2.062  1.00 33.64  ? 35  CYS A O   1 
ATOM   272  C CB  . CYS A 1 36 ? 4.694   -7.830  -2.025  1.00 31.40  ? 35  CYS A CB  1 
ATOM   273  S SG  . CYS A 1 36 ? 3.973   -6.207  -2.335  1.00 33.27  ? 35  CYS A SG  1 
ATOM   274  N N   . PRO A 1 37 ? 6.448   -9.527  0.103   1.00 32.51  ? 36  PRO A N   1 
ATOM   275  C CA  . PRO A 1 37 ? 6.793   -10.880 0.539   1.00 32.94  ? 36  PRO A CA  1 
ATOM   276  C C   . PRO A 1 37 ? 6.001   -11.987 -0.173  1.00 34.07  ? 36  PRO A C   1 
ATOM   277  O O   . PRO A 1 37 ? 6.546   -13.073 -0.362  1.00 33.77  ? 36  PRO A O   1 
ATOM   278  C CB  . PRO A 1 37 ? 6.419   -10.865 2.014   1.00 33.40  ? 36  PRO A CB  1 
ATOM   279  C CG  . PRO A 1 37 ? 6.445   -9.432  2.429   1.00 33.01  ? 36  PRO A CG  1 
ATOM   280  C CD  . PRO A 1 37 ? 5.983   -8.690  1.230   1.00 33.65  ? 36  PRO A CD  1 
ATOM   281  N N   . GLN A 1 38 ? 4.731   -11.752 -0.519  1.00 34.51  ? 37  GLN A N   1 
ATOM   282  C CA  . GLN A 1 38 ? 3.943   -12.771 -1.194  1.00 37.44  ? 37  GLN A CA  1 
ATOM   283  C C   . GLN A 1 38 ? 3.275   -12.148 -2.423  1.00 34.32  ? 37  GLN A C   1 
ATOM   284  O O   . GLN A 1 38 ? 2.879   -10.974 -2.390  1.00 36.03  ? 37  GLN A O   1 
ATOM   285  C CB  . GLN A 1 38 ? 2.894   -13.322 -0.233  1.00 37.73  ? 37  GLN A CB  1 
ATOM   286  C CG  . GLN A 1 38 ? 3.143   -14.759 0.328   1.00 44.27  ? 37  GLN A CG  1 
ATOM   287  C CD  . GLN A 1 38 ? 1.813   -15.387 0.810   1.00 43.85  ? 37  GLN A CD  1 
ATOM   288  O OE1 . GLN A 1 38 ? 0.998   -14.707 1.444   1.00 52.03  ? 37  GLN A OE1 1 
ATOM   289  N NE2 . GLN A 1 38 ? 1.568   -16.652 0.449   1.00 50.12  ? 37  GLN A NE2 1 
ATOM   290  N N   . LYS A 1 39 ? 3.244   -12.901 -3.512  1.00 32.51  ? 38  LYS A N   1 
ATOM   291  C CA  . LYS A 1 39 ? 2.550   -12.481 -4.734  1.00 31.22  ? 38  LYS A CA  1 
ATOM   292  C C   . LYS A 1 39 ? 1.019   -12.447 -4.502  1.00 29.08  ? 38  LYS A C   1 
ATOM   293  O O   . LYS A 1 39 ? 0.445   -13.378 -3.915  1.00 29.30  ? 38  LYS A O   1 
ATOM   294  C CB  . LYS A 1 39 ? 2.876   -13.419 -5.889  1.00 31.76  ? 38  LYS A CB  1 
ATOM   295  C CG  . LYS A 1 39 ? 2.279   -13.001 -7.213  1.00 37.04  ? 38  LYS A CG  1 
ATOM   296  C CD  . LYS A 1 39 ? 2.655   -13.940 -8.337  1.00 42.48  ? 38  LYS A CD  1 
ATOM   297  C CE  . LYS A 1 39 ? 1.822   -13.635 -9.585  1.00 47.62  ? 38  LYS A CE  1 
ATOM   298  N NZ  . LYS A 1 39 ? 2.202   -14.567 -10.699 1.00 51.10  ? 38  LYS A NZ  1 
ATOM   299  N N   . ALA A 1 40 ? 0.380   -11.396 -5.025  1.00 28.84  ? 39  ALA A N   1 
ATOM   300  C CA  . ALA A 1 40 ? -1.040  -11.287 -4.887  1.00 26.55  ? 39  ALA A CA  1 
ATOM   301  C C   . ALA A 1 40 ? -1.588  -10.574 -6.063  1.00 26.97  ? 39  ALA A C   1 
ATOM   302  O O   . ALA A 1 40 ? -0.858  -9.886  -6.764  1.00 26.93  ? 39  ALA A O   1 
ATOM   303  C CB  . ALA A 1 40 ? -1.430  -10.468 -3.653  1.00 29.05  ? 39  ALA A CB  1 
ATOM   304  N N   . VAL A 1 41 ? -2.865  -10.825 -6.293  1.00 24.67  ? 40  VAL A N   1 
ATOM   305  C CA  . VAL A 1 41 ? -3.623  -10.066 -7.302  1.00 26.12  ? 40  VAL A CA  1 
ATOM   306  C C   . VAL A 1 41 ? -4.378  -8.983  -6.558  1.00 26.76  ? 40  VAL A C   1 
ATOM   307  O O   . VAL A 1 41 ? -4.960  -9.255  -5.488  1.00 28.19  ? 40  VAL A O   1 
ATOM   308  C CB  . VAL A 1 41 ? -4.622  -11.020 -8.019  1.00 25.89  ? 40  VAL A CB  1 
ATOM   309  C CG1 . VAL A 1 41 ? -5.438  -10.216 -9.031  1.00 28.02  ? 40  VAL A CG1 1 
ATOM   310  C CG2 . VAL A 1 41 ? -3.866  -12.128 -8.764  1.00 30.45  ? 40  VAL A CG2 1 
ATOM   311  N N   . ILE A 1 42 ? -4.412  -7.760  -7.076  1.00 26.07  ? 41  ILE A N   1 
ATOM   312  C CA  . ILE A 1 42 ? -5.335  -6.762  -6.517  1.00 26.74  ? 41  ILE A CA  1 
ATOM   313  C C   . ILE A 1 42 ? -6.341  -6.436  -7.626  1.00 27.16  ? 41  ILE A C   1 
ATOM   314  O O   . ILE A 1 42 ? -5.940  -6.025  -8.742  1.00 26.18  ? 41  ILE A O   1 
ATOM   315  C CB  . ILE A 1 42 ? -4.627  -5.495  -6.069  1.00 25.87  ? 41  ILE A CB  1 
ATOM   316  C CG1 . ILE A 1 42 ? -3.688  -5.794  -4.903  1.00 27.70  ? 41  ILE A CG1 1 
ATOM   317  C CG2 . ILE A 1 42 ? -5.642  -4.399  -5.715  1.00 27.98  ? 41  ILE A CG2 1 
ATOM   318  C CD1 . ILE A 1 42 ? -2.732  -4.622  -4.547  1.00 30.22  ? 41  ILE A CD1 1 
ATOM   319  N N   . PHE A 1 43 ? -7.609  -6.751  -7.374  1.00 26.40  ? 42  PHE A N   1 
ATOM   320  C CA  . PHE A 1 43 ? -8.652  -6.332  -8.260  1.00 25.27  ? 42  PHE A CA  1 
ATOM   321  C C   . PHE A 1 43 ? -9.065  -4.906  -7.942  1.00 27.00  ? 42  PHE A C   1 
ATOM   322  O O   . PHE A 1 43 ? -9.170  -4.543  -6.764  1.00 28.54  ? 42  PHE A O   1 
ATOM   323  C CB  . PHE A 1 43 ? -9.864  -7.268  -8.101  1.00 25.48  ? 42  PHE A CB  1 
ATOM   324  C CG  . PHE A 1 43 ? -9.653  -8.637  -8.714  1.00 24.23  ? 42  PHE A CG  1 
ATOM   325  C CD1 . PHE A 1 43 ? -9.441  -8.801  -10.111 1.00 23.45  ? 42  PHE A CD1 1 
ATOM   326  C CD2 . PHE A 1 43 ? -9.631  -9.740  -7.884  1.00 28.19  ? 42  PHE A CD2 1 
ATOM   327  C CE1 . PHE A 1 43 ? -9.207  -10.074 -10.643 1.00 25.80  ? 42  PHE A CE1 1 
ATOM   328  C CE2 . PHE A 1 43 ? -9.431  -11.022 -8.395  1.00 29.72  ? 42  PHE A CE2 1 
ATOM   329  C CZ  . PHE A 1 43 ? -9.190  -11.189 -9.792  1.00 27.83  ? 42  PHE A CZ  1 
ATOM   330  N N   . ARG A 1 44 ? -9.340  -4.112  -8.990  1.00 26.79  ? 43  ARG A N   1 
ATOM   331  C CA  . ARG A 1 44 ? -9.889  -2.776  -8.749  1.00 28.06  ? 43  ARG A CA  1 
ATOM   332  C C   . ARG A 1 44 ? -11.345 -2.798  -9.206  1.00 27.01  ? 43  ARG A C   1 
ATOM   333  O O   . ARG A 1 44 ? -11.641 -3.213  -10.354 1.00 27.44  ? 43  ARG A O   1 
ATOM   334  C CB  . ARG A 1 44 ? -9.106  -1.797  -9.557  1.00 28.87  ? 43  ARG A CB  1 
ATOM   335  C CG  . ARG A 1 44 ? -9.712  -0.363  -9.414  1.00 34.22  ? 43  ARG A CG  1 
ATOM   336  C CD  . ARG A 1 44 ? -8.756  0.784   -9.748  1.00 39.80  ? 43  ARG A CD  1 
ATOM   337  N NE  . ARG A 1 44 ? -9.097  1.997   -8.976  1.00 46.56  ? 43  ARG A NE  1 
ATOM   338  C CZ  . ARG A 1 44 ? -8.542  2.383   -7.813  1.00 46.51  ? 43  ARG A CZ  1 
ATOM   339  N NH1 . ARG A 1 44 ? -7.558  1.704   -7.224  1.00 53.25  ? 43  ARG A NH1 1 
ATOM   340  N NH2 . ARG A 1 44 ? -8.961  3.507   -7.228  1.00 53.53  ? 43  ARG A NH2 1 
ATOM   341  N N   . THR A 1 45 ? -12.275 -2.403  -8.325  1.00 27.42  ? 44  THR A N   1 
ATOM   342  C CA  . THR A 1 45 ? -13.676 -2.441  -8.724  1.00 26.74  ? 44  THR A CA  1 
ATOM   343  C C   . THR A 1 45 ? -13.997 -1.139  -9.482  1.00 25.64  ? 44  THR A C   1 
ATOM   344  O O   . THR A 1 45 ? -13.253 -0.149  -9.367  1.00 26.78  ? 44  THR A O   1 
ATOM   345  C CB  . THR A 1 45 ? -14.655 -2.526  -7.490  1.00 28.60  ? 44  THR A CB  1 
ATOM   346  O OG1 . THR A 1 45 ? -14.694 -1.258  -6.817  1.00 28.40  ? 44  THR A OG1 1 
ATOM   347  C CG2 . THR A 1 45 ? -14.202 -3.618  -6.471  1.00 28.57  ? 44  THR A CG2 1 
ATOM   348  N N   . LYS A 1 46 ? -15.111 -1.129  -10.219 1.00 24.19  ? 45  LYS A N   1 
ATOM   349  C CA  . LYS A 1 46 ? -15.555 0.044   -10.966 1.00 25.82  ? 45  LYS A CA  1 
ATOM   350  C C   . LYS A 1 46 ? -15.799 1.210   -10.034 1.00 26.95  ? 45  LYS A C   1 
ATOM   351  O O   . LYS A 1 46 ? -15.813 2.375   -10.494 1.00 28.53  ? 45  LYS A O   1 
ATOM   352  C CB  . LYS A 1 46 ? -16.816 -0.280  -11.745 1.00 25.99  ? 45  LYS A CB  1 
ATOM   353  C CG  . LYS A 1 46 ? -16.560 -1.220  -12.900 1.00 24.95  ? 45  LYS A CG  1 
ATOM   354  C CD  . LYS A 1 46 ? -17.873 -1.734  -13.502 1.00 27.49  ? 45  LYS A CD  1 
ATOM   355  C CE  . LYS A 1 46 ? -17.539 -2.735  -14.607 1.00 30.98  ? 45  LYS A CE  1 
ATOM   356  N NZ  . LYS A 1 46 ? -18.846 -3.271  -15.031 1.00 31.03  ? 45  LYS A NZ  1 
ATOM   357  N N   . LEU A 1 47 ? -16.054 0.926   -8.756  1.00 25.52  ? 46  LEU A N   1 
ATOM   358  C CA  . LEU A 1 47 ? -16.248 2.051   -7.826  1.00 25.12  ? 46  LEU A CA  1 
ATOM   359  C C   . LEU A 1 47 ? -14.947 2.458   -7.115  1.00 27.30  ? 46  LEU A C   1 
ATOM   360  O O   . LEU A 1 47 ? -14.959 3.389   -6.328  1.00 28.78  ? 46  LEU A O   1 
ATOM   361  C CB  . LEU A 1 47 ? -17.307 1.750   -6.809  1.00 26.47  ? 46  LEU A CB  1 
ATOM   362  C CG  . LEU A 1 47 ? -18.694 1.444   -7.432  1.00 25.48  ? 46  LEU A CG  1 
ATOM   363  C CD1 . LEU A 1 47 ? -19.675 1.319   -6.338  1.00 28.63  ? 46  LEU A CD1 1 
ATOM   364  C CD2 . LEU A 1 47 ? -19.155 2.521   -8.496  1.00 25.75  ? 46  LEU A CD2 1 
ATOM   365  N N   . GLY A 1 48 ? -13.859 1.789   -7.423  1.00 28.43  ? 47  GLY A N   1 
ATOM   366  C CA  . GLY A 1 48 ? -12.537 2.238   -6.927  1.00 30.49  ? 47  GLY A CA  1 
ATOM   367  C C   . GLY A 1 48 ? -11.989 1.430   -5.766  1.00 31.96  ? 47  GLY A C   1 
ATOM   368  O O   . GLY A 1 48 ? -10.888 1.730   -5.303  1.00 33.77  ? 47  GLY A O   1 
ATOM   369  N N   . LYS A 1 49 ? -12.688 0.386   -5.317  1.00 30.40  ? 48  LYS A N   1 
ATOM   370  C CA  . LYS A 1 49 ? -12.229 -0.365  -4.112  1.00 30.25  ? 48  LYS A CA  1 
ATOM   371  C C   . LYS A 1 49 ? -11.064 -1.254  -4.621  1.00 30.78  ? 48  LYS A C   1 
ATOM   372  O O   . LYS A 1 49 ? -11.107 -1.690  -5.762  1.00 32.26  ? 48  LYS A O   1 
ATOM   373  C CB  . LYS A 1 49 ? -13.385 -1.241  -3.537  1.00 30.91  ? 48  LYS A CB  1 
ATOM   374  C CG  . LYS A 1 49 ? -13.031 -2.152  -2.306  1.00 32.65  ? 48  LYS A CG  1 
ATOM   375  C CD  . LYS A 1 49 ? -14.269 -2.970  -1.773  1.00 33.97  ? 48  LYS A CD  1 
ATOM   376  C CE  . LYS A 1 49 ? -15.165 -2.143  -0.876  1.00 39.71  ? 48  LYS A CE  1 
ATOM   377  N NZ  . LYS A 1 49 ? -16.316 -2.957  -0.385  1.00 33.91  ? 48  LYS A NZ  1 
ATOM   378  N N   . GLU A 1 50 ? -10.081 -1.537  -3.775  1.00 30.08  ? 49  GLU A N   1 
ATOM   379  C CA  . GLU A 1 50 ? -9.014  -2.503  -4.120  1.00 28.89  ? 49  GLU A CA  1 
ATOM   380  C C   . GLU A 1 50 ? -9.249  -3.751  -3.290  1.00 29.51  ? 49  GLU A C   1 
ATOM   381  O O   . GLU A 1 50 ? -9.423  -3.621  -2.059  1.00 29.66  ? 49  GLU A O   1 
ATOM   382  C CB  . GLU A 1 50 ? -7.632  -1.917  -3.765  1.00 31.03  ? 49  GLU A CB  1 
ATOM   383  C CG  . GLU A 1 50 ? -7.267  -0.698  -4.585  1.00 33.79  ? 49  GLU A CG  1 
ATOM   384  C CD  . GLU A 1 50 ? -5.974  -0.004  -4.070  1.00 37.08  ? 49  GLU A CD  1 
ATOM   385  O OE1 . GLU A 1 50 ? -5.245  -0.567  -3.217  1.00 48.58  ? 49  GLU A OE1 1 
ATOM   386  O OE2 . GLU A 1 50 ? -5.691  1.084   -4.582  1.00 47.44  ? 49  GLU A OE2 1 
ATOM   387  N N   . ILE A 1 51 ? -9.232  -4.927  -3.951  1.00 25.45  ? 50  ILE A N   1 
ATOM   388  C CA  . ILE A 1 51 ? -9.505  -6.200  -3.275  1.00 27.58  ? 50  ILE A CA  1 
ATOM   389  C C   . ILE A 1 51 ? -8.299  -7.143  -3.475  1.00 26.40  ? 50  ILE A C   1 
ATOM   390  O O   . ILE A 1 51 ? -7.903  -7.360  -4.620  1.00 28.71  ? 50  ILE A O   1 
ATOM   391  C CB  . ILE A 1 51 ? -10.771 -6.802  -3.911  1.00 29.51  ? 50  ILE A CB  1 
ATOM   392  C CG1 . ILE A 1 51 ? -11.948 -5.850  -3.558  1.00 32.97  ? 50  ILE A CG1 1 
ATOM   393  C CG2 . ILE A 1 51 ? -11.046 -8.255  -3.422  1.00 32.82  ? 50  ILE A CG2 1 
ATOM   394  C CD1 . ILE A 1 51 ? -13.154 -6.207  -4.378  1.00 37.81  ? 50  ILE A CD1 1 
ATOM   395  N N   . CYS A 1 52 ? -7.790  -7.700  -2.378  1.00 25.85  ? 51  CYS A N   1 
ATOM   396  C CA  . CYS A 1 52 ? -6.687  -8.670  -2.435  1.00 26.62  ? 51  CYS A CA  1 
ATOM   397  C C   . CYS A 1 52 ? -7.229  -10.049 -2.790  1.00 25.33  ? 51  CYS A C   1 
ATOM   398  O O   . CYS A 1 52 ? -8.274  -10.485 -2.225  1.00 25.95  ? 51  CYS A O   1 
ATOM   399  C CB  . CYS A 1 52 ? -6.023  -8.786  -1.051  1.00 28.44  ? 51  CYS A CB  1 
ATOM   400  S SG  . CYS A 1 52 ? -5.006  -7.320  -0.678  1.00 36.28  ? 51  CYS A SG  1 
ATOM   401  N N   . ALA A 1 53 ? -6.518  -10.784 -3.651  1.00 24.56  ? 52  ALA A N   1 
ATOM   402  C CA  . ALA A 1 53 ? -6.974  -12.129 -4.021  1.00 25.61  ? 52  ALA A CA  1 
ATOM   403  C C   . ALA A 1 53 ? -5.814  -13.029 -4.304  1.00 24.95  ? 52  ALA A C   1 
ATOM   404  O O   . ALA A 1 53 ? -4.720  -12.550 -4.662  1.00 26.20  ? 52  ALA A O   1 
ATOM   405  C CB  . ALA A 1 53 ? -7.887  -12.011 -5.216  1.00 26.65  ? 52  ALA A CB  1 
ATOM   406  N N   . ASP A 1 54 ? -6.036  -14.332 -4.092  1.00 23.02  ? 53  ASP A N   1 
ATOM   407  C CA  . ASP A 1 54 ? -4.959  -15.316 -4.157  1.00 24.68  ? 53  ASP A CA  1 
ATOM   408  C C   . ASP A 1 54 ? -4.760  -15.712 -5.626  1.00 23.14  ? 53  ASP A C   1 
ATOM   409  O O   . ASP A 1 54 ? -5.631  -16.228 -6.236  1.00 22.08  ? 53  ASP A O   1 
ATOM   410  C CB  . ASP A 1 54 ? -5.415  -16.490 -3.329  1.00 24.78  ? 53  ASP A CB  1 
ATOM   411  C CG  . ASP A 1 54 ? -4.353  -17.605 -3.233  1.00 26.86  ? 53  ASP A CG  1 
ATOM   412  O OD1 . ASP A 1 54 ? -3.319  -17.530 -3.968  1.00 25.88  ? 53  ASP A OD1 1 
ATOM   413  O OD2 . ASP A 1 54 ? -4.569  -18.487 -2.384  1.00 29.83  ? 53  ASP A OD2 1 
ATOM   414  N N   . PRO A 1 55 ? -3.581  -15.468 -6.196  1.00 24.73  ? 54  PRO A N   1 
ATOM   415  C CA  . PRO A 1 55 ? -3.301  -15.831 -7.594  1.00 25.76  ? 54  PRO A CA  1 
ATOM   416  C C   . PRO A 1 55 ? -3.468  -17.319 -7.907  1.00 24.61  ? 54  PRO A C   1 
ATOM   417  O O   . PRO A 1 55 ? -3.612  -17.722 -9.101  1.00 23.64  ? 54  PRO A O   1 
ATOM   418  C CB  . PRO A 1 55 ? -1.772  -15.503 -7.702  1.00 26.87  ? 54  PRO A CB  1 
ATOM   419  C CG  . PRO A 1 55 ? -1.535  -14.509 -6.760  1.00 30.41  ? 54  PRO A CG  1 
ATOM   420  C CD  . PRO A 1 55 ? -2.386  -14.929 -5.529  1.00 27.19  ? 54  PRO A CD  1 
ATOM   421  N N   . LYS A 1 56 ? -3.393  -18.182 -6.877  1.00 23.11  ? 55  LYS A N   1 
ATOM   422  C CA  . LYS A 1 56 ? -3.509  -19.616 -7.060  1.00 22.38  ? 55  LYS A CA  1 
ATOM   423  C C   . LYS A 1 56 ? -4.962  -20.095 -7.208  1.00 22.29  ? 55  LYS A C   1 
ATOM   424  O O   . LYS A 1 56 ? -5.220  -21.174 -7.693  1.00 24.78  ? 55  LYS A O   1 
ATOM   425  C CB  A LYS A 1 56 ? -2.907  -20.318 -5.853  0.65 23.09  ? 55  LYS A CB  1 
ATOM   426  C CB  B LYS A 1 56 ? -2.811  -20.319 -5.899  0.35 22.72  ? 55  LYS A CB  1 
ATOM   427  C CG  A LYS A 1 56 ? -1.383  -20.160 -5.763  0.65 22.23  ? 55  LYS A CG  1 
ATOM   428  C CG  B LYS A 1 56 ? -1.322  -19.933 -5.814  0.35 19.89  ? 55  LYS A CG  1 
ATOM   429  C CD  A LYS A 1 56 ? -0.854  -21.238 -4.816  0.65 23.79  ? 55  LYS A CD  1 
ATOM   430  C CD  B LYS A 1 56 ? -0.592  -20.769 -4.777  0.35 21.40  ? 55  LYS A CD  1 
ATOM   431  C CE  A LYS A 1 56 ? 0.692   -21.164 -4.674  0.65 27.17  ? 55  LYS A CE  1 
ATOM   432  C CE  B LYS A 1 56 ? 0.876   -20.984 -5.215  0.35 20.09  ? 55  LYS A CE  1 
ATOM   433  N NZ  A LYS A 1 56 ? 1.095   -19.811 -4.143  0.65 28.40  ? 55  LYS A NZ  1 
ATOM   434  N NZ  B LYS A 1 56 ? 1.623   -21.827 -4.264  0.35 18.71  ? 55  LYS A NZ  1 
ATOM   435  N N   . GLU A 1 57 ? -5.925  -19.286 -6.761  1.00 22.06  ? 56  GLU A N   1 
ATOM   436  C CA  . GLU A 1 57 ? -7.360  -19.739 -6.795  1.00 23.55  ? 56  GLU A CA  1 
ATOM   437  C C   . GLU A 1 57 ? -7.951  -19.761 -8.220  1.00 23.48  ? 56  GLU A C   1 
ATOM   438  O O   . GLU A 1 57 ? -7.759  -18.829 -9.019  1.00 23.98  ? 56  GLU A O   1 
ATOM   439  C CB  . GLU A 1 57 ? -8.248  -18.845 -5.903  1.00 25.08  ? 56  GLU A CB  1 
ATOM   440  C CG  . GLU A 1 57 ? -7.941  -19.014 -4.466  1.00 28.59  ? 56  GLU A CG  1 
ATOM   441  C CD  . GLU A 1 57 ? -8.734  -20.149 -3.814  1.00 36.55  ? 56  GLU A CD  1 
ATOM   442  O OE1 . GLU A 1 57 ? -8.790  -20.132 -2.577  1.00 42.89  ? 56  GLU A OE1 1 
ATOM   443  O OE2 . GLU A 1 57 ? -9.321  -21.034 -4.494  1.00 42.00  ? 56  GLU A OE2 1 
ATOM   444  N N   . LYS A 1 58 ? -8.735  -20.798 -8.532  1.00 23.14  ? 57  LYS A N   1 
ATOM   445  C CA  . LYS A 1 58 ? -9.309  -20.931 -9.883  1.00 22.32  ? 57  LYS A CA  1 
ATOM   446  C C   . LYS A 1 58 ? -10.129 -19.661 -10.226 1.00 24.03  ? 57  LYS A C   1 
ATOM   447  O O   . LYS A 1 58 ? -10.032 -19.146 -11.331 1.00 25.73  ? 57  LYS A O   1 
ATOM   448  C CB  . LYS A 1 58 ? -10.237 -22.158 -9.927  1.00 23.14  ? 57  LYS A CB  1 
ATOM   449  C CG  . LYS A 1 58 ? -10.824 -22.427 -11.291 1.00 26.09  ? 57  LYS A CG  1 
ATOM   450  C CD  . LYS A 1 58 ? -11.542 -23.794 -11.265 1.00 34.21  ? 57  LYS A CD  1 
ATOM   451  C CE  . LYS A 1 58 ? -11.878 -24.279 -12.676 1.00 40.12  ? 57  LYS A CE  1 
ATOM   452  N NZ  . LYS A 1 58 ? -12.743 -25.504 -12.718 1.00 43.44  ? 57  LYS A NZ  1 
ATOM   453  N N   . TRP A 1 59 ? -10.971 -19.194 -9.318  1.00 24.70  ? 58  TRP A N   1 
ATOM   454  C CA  . TRP A 1 59 ? -11.832 -18.033 -9.677  1.00 25.51  ? 58  TRP A CA  1 
ATOM   455  C C   . TRP A 1 59 ? -11.052 -16.797 -10.007 1.00 25.66  ? 58  TRP A C   1 
ATOM   456  O O   . TRP A 1 59 ? -11.422 -16.068 -10.926 1.00 27.05  ? 58  TRP A O   1 
ATOM   457  C CB  . TRP A 1 59 ? -12.887 -17.726 -8.616  1.00 27.30  ? 58  TRP A CB  1 
ATOM   458  C CG  . TRP A 1 59 ? -12.445 -17.150 -7.359  1.00 27.39  ? 58  TRP A CG  1 
ATOM   459  C CD1 . TRP A 1 59 ? -12.148 -17.821 -6.194  1.00 30.42  ? 58  TRP A CD1 1 
ATOM   460  C CD2 . TRP A 1 59 ? -12.348 -15.740 -7.042  1.00 27.69  ? 58  TRP A CD2 1 
ATOM   461  N NE1 . TRP A 1 59 ? -11.837 -16.900 -5.181  1.00 29.86  ? 58  TRP A NE1 1 
ATOM   462  C CE2 . TRP A 1 59 ? -11.942 -15.629 -5.681  1.00 27.76  ? 58  TRP A CE2 1 
ATOM   463  C CE3 . TRP A 1 59 ? -12.477 -14.565 -7.793  1.00 29.18  ? 58  TRP A CE3 1 
ATOM   464  C CZ2 . TRP A 1 59 ? -11.700 -14.369 -5.050  1.00 30.19  ? 58  TRP A CZ2 1 
ATOM   465  C CZ3 . TRP A 1 59 ? -12.287 -13.303 -7.160  1.00 31.19  ? 58  TRP A CZ3 1 
ATOM   466  C CH2 . TRP A 1 59 ? -11.894 -13.214 -5.800  1.00 30.88  ? 58  TRP A CH2 1 
ATOM   467  N N   . VAL A 1 60 ? -9.949  -16.589 -9.287  1.00 24.51  ? 59  VAL A N   1 
ATOM   468  C CA  . VAL A 1 60 ? -9.115  -15.408 -9.456  1.00 23.24  ? 59  VAL A CA  1 
ATOM   469  C C   . VAL A 1 60 ? -8.494  -15.502 -10.849 1.00 23.19  ? 59  VAL A C   1 
ATOM   470  O O   . VAL A 1 60 ? -8.537  -14.529 -11.619 1.00 24.69  ? 59  VAL A O   1 
ATOM   471  C CB  . VAL A 1 60 ? -8.049  -15.389 -8.360  1.00 24.03  ? 59  VAL A CB  1 
ATOM   472  C CG1 . VAL A 1 60 ? -7.068  -14.259 -8.579  1.00 23.77  ? 59  VAL A CG1 1 
ATOM   473  C CG2 . VAL A 1 60 ? -8.782  -15.222 -6.982  1.00 23.20  ? 59  VAL A CG2 1 
ATOM   474  N N   . GLN A 1 61 ? -7.976  -16.671 -11.188 1.00 22.39  ? 60  GLN A N   1 
ATOM   475  C CA  . GLN A 1 61 ? -7.411  -16.894 -12.528 1.00 23.06  ? 60  GLN A CA  1 
ATOM   476  C C   . GLN A 1 61 ? -8.415  -16.704 -13.651 1.00 24.47  ? 60  GLN A C   1 
ATOM   477  O O   . GLN A 1 61 ? -8.097  -16.050 -14.659 1.00 25.78  ? 60  GLN A O   1 
ATOM   478  C CB  . GLN A 1 61 ? -6.691  -18.253 -12.632 1.00 22.49  ? 60  GLN A CB  1 
ATOM   479  C CG  . GLN A 1 61 ? -5.515  -18.322 -11.725 1.00 23.36  ? 60  GLN A CG  1 
ATOM   480  C CD  . GLN A 1 61 ? -4.713  -19.606 -11.986 1.00 26.00  ? 60  GLN A CD  1 
ATOM   481  O OE1 . GLN A 1 61 ? -4.745  -20.160 -13.103 1.00 30.03  ? 60  GLN A OE1 1 
ATOM   482  N NE2 . GLN A 1 61 ? -4.092  -20.128 -10.955 1.00 26.16  ? 60  GLN A NE2 1 
ATOM   483  N N   . ASN A 1 62 ? -9.635  -17.182 -13.460 1.00 25.95  ? 61  ASN A N   1 
ATOM   484  C CA  . ASN A 1 62 ? -10.668 -17.033 -14.488 1.00 26.38  ? 61  ASN A CA  1 
ATOM   485  C C   . ASN A 1 62 ? -10.973 -15.548 -14.643 1.00 25.98  ? 61  ASN A C   1 
ATOM   486  O O   . ASN A 1 62 ? -11.153 -15.049 -15.766 1.00 26.65  ? 61  ASN A O   1 
ATOM   487  C CB  A ASN A 1 62 ? -11.920 -17.791 -14.079 0.65 26.72  ? 61  ASN A CB  1 
ATOM   488  C CB  B ASN A 1 62 ? -11.941 -17.777 -14.071 0.35 26.13  ? 61  ASN A CB  1 
ATOM   489  C CG  A ASN A 1 62 ? -11.796 -19.295 -14.290 0.65 29.99  ? 61  ASN A CG  1 
ATOM   490  C CG  B ASN A 1 62 ? -13.120 -17.517 -15.011 0.35 27.13  ? 61  ASN A CG  1 
ATOM   491  O OD1 A ASN A 1 62 ? -10.868 -19.789 -14.949 0.65 34.96  ? 61  ASN A OD1 1 
ATOM   492  O OD1 B ASN A 1 62 ? -14.098 -16.869 -14.635 0.35 29.89  ? 61  ASN A OD1 1 
ATOM   493  N ND2 A ASN A 1 62 ? -12.754 -20.033 -13.739 0.65 36.80  ? 61  ASN A ND2 1 
ATOM   494  N ND2 B ASN A 1 62 ? -13.020 -18.011 -16.242 0.35 27.79  ? 61  ASN A ND2 1 
ATOM   495  N N   . TYR A 1 63 ? -11.014 -14.804 -13.517 1.00 24.51  ? 62  TYR A N   1 
ATOM   496  C CA  . TYR A 1 63 ? -11.331 -13.387 -13.619 1.00 24.98  ? 62  TYR A CA  1 
ATOM   497  C C   . TYR A 1 63 ? -10.217 -12.648 -14.316 1.00 25.96  ? 62  TYR A C   1 
ATOM   498  O O   . TYR A 1 63 ? -10.509 -11.734 -15.077 1.00 26.88  ? 62  TYR A O   1 
ATOM   499  C CB  . TYR A 1 63 ? -11.551 -12.773 -12.226 1.00 25.09  ? 62  TYR A CB  1 
ATOM   500  C CG  . TYR A 1 63 ? -12.882 -13.074 -11.570 1.00 24.06  ? 62  TYR A CG  1 
ATOM   501  C CD1 . TYR A 1 63 ? -13.744 -14.061 -12.067 1.00 27.57  ? 62  TYR A CD1 1 
ATOM   502  C CD2 . TYR A 1 63 ? -13.298 -12.300 -10.489 1.00 27.40  ? 62  TYR A CD2 1 
ATOM   503  C CE1 . TYR A 1 63 ? -15.008 -14.296 -11.475 1.00 27.35  ? 62  TYR A CE1 1 
ATOM   504  C CE2 . TYR A 1 63 ? -14.565 -12.526 -9.900  1.00 26.73  ? 62  TYR A CE2 1 
ATOM   505  C CZ  . TYR A 1 63 ? -15.378 -13.534 -10.370 1.00 29.48  ? 62  TYR A CZ  1 
ATOM   506  O OH  . TYR A 1 63 ? -16.614 -13.738 -9.748  1.00 30.60  ? 62  TYR A OH  1 
ATOM   507  N N   . MET A 1 64 ? -8.954  -13.017 -14.054 1.00 24.56  ? 63  MET A N   1 
ATOM   508  C CA  . MET A 1 64 ? -7.822  -12.341 -14.693 1.00 26.07  ? 63  MET A CA  1 
ATOM   509  C C   . MET A 1 64 ? -7.905  -12.554 -16.208 1.00 27.14  ? 63  MET A C   1 
ATOM   510  O O   . MET A 1 64 ? -7.640  -11.633 -16.986 1.00 27.87  ? 63  MET A O   1 
ATOM   511  C CB  A MET A 1 64 ? -6.518  -12.895 -14.167 0.65 26.50  ? 63  MET A CB  1 
ATOM   512  C CB  B MET A 1 64 ? -6.491  -12.866 -14.163 0.35 26.19  ? 63  MET A CB  1 
ATOM   513  C CG  A MET A 1 64 ? -6.293  -12.581 -12.689 0.65 25.88  ? 63  MET A CG  1 
ATOM   514  C CG  B MET A 1 64 ? -6.100  -12.303 -12.794 0.35 24.98  ? 63  MET A CG  1 
ATOM   515  S SD  A MET A 1 64 ? -5.081  -13.718 -11.944 0.65 28.20  ? 63  MET A SD  1 
ATOM   516  S SD  B MET A 1 64 ? -4.357  -12.586 -12.329 0.35 27.61  ? 63  MET A SD  1 
ATOM   517  C CE  A MET A 1 64 ? -3.614  -13.219 -12.816 0.65 29.42  ? 63  MET A CE  1 
ATOM   518  C CE  B MET A 1 64 ? -4.315  -14.364 -12.062 0.35 21.93  ? 63  MET A CE  1 
ATOM   519  N N   . LYS A 1 65 ? -8.302  -13.754 -16.612 1.00 27.08  ? 64  LYS A N   1 
ATOM   520  C CA  . LYS A 1 65 ? -8.473  -14.061 -18.061 1.00 28.38  ? 64  LYS A CA  1 
ATOM   521  C C   . LYS A 1 65 ? -9.569  -13.181 -18.651 1.00 29.24  ? 64  LYS A C   1 
ATOM   522  O O   . LYS A 1 65 ? -9.434  -12.717 -19.806 1.00 30.45  ? 64  LYS A O   1 
ATOM   523  C CB  . LYS A 1 65 ? -8.734  -15.566 -18.265 1.00 27.98  ? 64  LYS A CB  1 
ATOM   524  C CG  . LYS A 1 65 ? -8.920  -16.142 -19.743 1.00 30.43  ? 64  LYS A CG  1 
ATOM   525  C CD  . LYS A 1 65 ? -7.588  -16.109 -20.520 1.00 36.76  ? 64  LYS A CD  1 
ATOM   526  C CE  . LYS A 1 65 ? -7.695  -16.634 -21.959 1.00 37.15  ? 64  LYS A CE  1 
ATOM   527  N NZ  . LYS A 1 65 ? -8.268  -18.038 -22.019 1.00 39.30  ? 64  LYS A NZ  1 
ATOM   528  N N   . HIS A 1 66 ? -10.650 -12.945 -17.916 1.00 28.64  ? 65  HIS A N   1 
ATOM   529  C CA  . HIS A 1 66 ? -11.720 -12.104 -18.493 1.00 29.74  ? 65  HIS A CA  1 
ATOM   530  C C   . HIS A 1 66 ? -11.324 -10.661 -18.573 1.00 31.09  ? 65  HIS A C   1 
ATOM   531  O O   . HIS A 1 66 ? -11.598 -9.993  -19.583 1.00 33.67  ? 65  HIS A O   1 
ATOM   532  C CB  A HIS A 1 66 ? -13.034 -12.258 -17.729 0.65 28.83  ? 65  HIS A CB  1 
ATOM   533  C CB  B HIS A 1 66 ? -13.046 -12.311 -17.751 0.35 29.09  ? 65  HIS A CB  1 
ATOM   534  C CG  A HIS A 1 66 ? -13.791 -13.472 -18.122 0.65 31.40  ? 65  HIS A CG  1 
ATOM   535  C CG  B HIS A 1 66 ? -14.242 -11.886 -18.538 0.35 30.47  ? 65  HIS A CG  1 
ATOM   536  N ND1 A HIS A 1 66 ? -13.678 -14.671 -17.457 0.65 31.89  ? 65  HIS A ND1 1 
ATOM   537  N ND1 B HIS A 1 66 ? -14.608 -12.497 -19.721 0.35 29.20  ? 65  HIS A ND1 1 
ATOM   538  C CD2 A HIS A 1 66 ? -14.611 -13.701 -19.173 0.65 31.25  ? 65  HIS A CD2 1 
ATOM   539  C CD2 B HIS A 1 66 ? -15.148 -10.900 -18.326 0.35 30.24  ? 65  HIS A CD2 1 
ATOM   540  C CE1 A HIS A 1 66 ? -14.427 -15.580 -18.058 0.65 33.26  ? 65  HIS A CE1 1 
ATOM   541  C CE1 B HIS A 1 66 ? -15.686 -11.901 -20.203 0.35 29.48  ? 65  HIS A CE1 1 
ATOM   542  N NE2 A HIS A 1 66 ? -15.002 -15.018 -19.099 0.65 34.48  ? 65  HIS A NE2 1 
ATOM   543  N NE2 B HIS A 1 66 ? -16.044 -10.944 -19.365 0.35 29.70  ? 65  HIS A NE2 1 
ATOM   544  N N   . LEU A 1 67 ? -10.632 -10.168 -17.555 1.00 31.79  ? 66  LEU A N   1 
ATOM   545  C CA  . LEU A 1 67 ? -10.289 -8.774  -17.481 1.00 33.28  ? 66  LEU A CA  1 
ATOM   546  C C   . LEU A 1 67 ? -9.164  -8.362  -18.438 1.00 36.06  ? 66  LEU A C   1 
ATOM   547  O O   . LEU A 1 67 ? -9.212  -7.265  -19.015 1.00 38.39  ? 66  LEU A O   1 
ATOM   548  C CB  . LEU A 1 67 ? -9.970  -8.379  -16.033 1.00 30.29  ? 66  LEU A CB  1 
ATOM   549  C CG  . LEU A 1 67 ? -11.143 -8.451  -15.063 1.00 28.97  ? 66  LEU A CG  1 
ATOM   550  C CD1 . LEU A 1 67 ? -10.642 -8.293  -13.614 1.00 30.09  ? 66  LEU A CD1 1 
ATOM   551  C CD2 . LEU A 1 67 ? -12.119 -7.307  -15.389 1.00 32.84  ? 66  LEU A CD2 1 
ATOM   552  N N   . GLY A 1 68 ? -8.188  -9.240  -18.637 1.00 38.33  ? 67  GLY A N   1 
ATOM   553  C CA  . GLY A 1 68 ? -7.060  -8.960  -19.537 1.00 40.63  ? 67  GLY A CA  1 
ATOM   554  C C   . GLY A 1 68 ? -5.898  -8.176  -18.908 1.00 42.57  ? 67  GLY A C   1 
ATOM   555  O O   . GLY A 1 68 ? -6.047  -7.406  -17.922 1.00 44.24  ? 67  GLY A O   1 
ATOM   556  N N   . ASP B 1 4  ? -17.345 -14.922 5.382   1.00 30.97  ? 3   ASP B N   1 
ATOM   557  C CA  . ASP B 1 4  ? -16.449 -14.585 4.210   1.00 30.70  ? 3   ASP B CA  1 
ATOM   558  C C   . ASP B 1 4  ? -16.521 -13.106 3.874   1.00 29.52  ? 3   ASP B C   1 
ATOM   559  O O   . ASP B 1 4  ? -17.597 -12.510 3.891   1.00 29.28  ? 3   ASP B O   1 
ATOM   560  C CB  . ASP B 1 4  ? -16.805 -15.404 2.970   1.00 32.31  ? 3   ASP B CB  1 
ATOM   561  C CG  . ASP B 1 4  ? -16.409 -16.871 3.108   1.00 36.49  ? 3   ASP B CG  1 
ATOM   562  O OD1 . ASP B 1 4  ? -16.708 -17.662 2.177   1.00 40.28  ? 3   ASP B OD1 1 
ATOM   563  O OD2 . ASP B 1 4  ? -15.812 -17.224 4.165   1.00 42.15  ? 3   ASP B OD2 1 
ATOM   564  N N   . ALA B 1 5  ? -15.373 -12.529 3.528   1.00 27.61  ? 4   ALA B N   1 
ATOM   565  C CA  . ALA B 1 5  ? -15.261 -11.074 3.461   1.00 26.37  ? 4   ALA B CA  1 
ATOM   566  C C   . ALA B 1 5  ? -14.212 -10.765 2.436   1.00 24.72  ? 4   ALA B C   1 
ATOM   567  O O   . ALA B 1 5  ? -13.384 -11.622 2.067   1.00 26.41  ? 4   ALA B O   1 
ATOM   568  C CB  . ALA B 1 5  ? -14.853 -10.493 4.791   1.00 25.31  ? 4   ALA B CB  1 
ATOM   569  N N   . LEU B 1 6  ? -14.303 -9.563  1.912   1.00 23.70  ? 5   LEU B N   1 
ATOM   570  C CA  . LEU B 1 6  ? -13.243 -9.067  1.075   1.00 21.87  ? 5   LEU B CA  1 
ATOM   571  C C   . LEU B 1 6  ? -12.137 -8.561  1.963   1.00 23.65  ? 5   LEU B C   1 
ATOM   572  O O   . LEU B 1 6  ? -12.412 -7.998  3.041   1.00 23.20  ? 5   LEU B O   1 
ATOM   573  C CB  . LEU B 1 6  ? -13.746 -7.852  0.250   1.00 22.56  ? 5   LEU B CB  1 
ATOM   574  C CG  . LEU B 1 6  ? -14.827 -8.174  -0.766  1.00 25.36  ? 5   LEU B CG  1 
ATOM   575  C CD1 . LEU B 1 6  ? -15.180 -6.850  -1.520  1.00 27.70  ? 5   LEU B CD1 1 
ATOM   576  C CD2 . LEU B 1 6  ? -14.503 -9.324  -1.751  1.00 27.66  ? 5   LEU B CD2 1 
ATOM   577  N N   . ASN B 1 7  ? -10.892 -8.656  1.496   1.00 23.61  ? 6   ASN B N   1 
ATOM   578  C CA  . ASN B 1 7  ? -9.756  -8.097  2.252   1.00 25.78  ? 6   ASN B CA  1 
ATOM   579  C C   . ASN B 1 7  ? -9.070  -7.098  1.323   1.00 26.13  ? 6   ASN B C   1 
ATOM   580  O O   . ASN B 1 7  ? -9.116  -7.274  0.096   1.00 24.98  ? 6   ASN B O   1 
ATOM   581  C CB  . ASN B 1 7  ? -8.729  -9.174  2.629   1.00 28.01  ? 6   ASN B CB  1 
ATOM   582  C CG  . ASN B 1 7  ? -9.281  -10.313 3.516   1.00 33.87  ? 6   ASN B CG  1 
ATOM   583  O OD1 . ASN B 1 7  ? -8.616  -10.707 4.480   1.00 41.29  ? 6   ASN B OD1 1 
ATOM   584  N ND2 . ASN B 1 7  ? -10.404 -10.920 3.131   1.00 35.22  ? 6   ASN B ND2 1 
ATOM   585  N N   . VAL B 1 8  ? -8.476  -6.059  1.899   1.00 26.23  ? 7   VAL B N   1 
ATOM   586  C CA  . VAL B 1 8  ? -7.900  -4.973  1.114   1.00 26.01  ? 7   VAL B CA  1 
ATOM   587  C C   . VAL B 1 8  ? -6.386  -4.837  1.381   1.00 25.76  ? 7   VAL B C   1 
ATOM   588  O O   . VAL B 1 8  ? -5.852  -5.372  2.419   1.00 26.39  ? 7   VAL B O   1 
ATOM   589  C CB  . VAL B 1 8  ? -8.651  -3.640  1.314   1.00 27.20  ? 7   VAL B CB  1 
ATOM   590  C CG1 . VAL B 1 8  ? -10.148 -3.872  1.049   1.00 25.60  ? 7   VAL B CG1 1 
ATOM   591  C CG2 . VAL B 1 8  ? -8.408  -3.076  2.741   1.00 27.15  ? 7   VAL B CG2 1 
ATOM   592  N N   . PRO B 1 9  ? -5.686  -4.202  0.455   1.00 25.58  ? 8   PRO B N   1 
ATOM   593  C CA  . PRO B 1 9  ? -4.221  -4.136  0.612   1.00 25.87  ? 8   PRO B CA  1 
ATOM   594  C C   . PRO B 1 9  ? -3.715  -3.305  1.778   1.00 27.58  ? 8   PRO B C   1 
ATOM   595  O O   . PRO B 1 9  ? -4.460  -2.437  2.328   1.00 28.42  ? 8   PRO B O   1 
ATOM   596  C CB  . PRO B 1 9  ? -3.738  -3.526  -0.718  1.00 27.14  ? 8   PRO B CB  1 
ATOM   597  C CG  . PRO B 1 9  ? -4.867  -3.752  -1.739  1.00 26.03  ? 8   PRO B CG  1 
ATOM   598  C CD  . PRO B 1 9  ? -6.143  -3.618  -0.821  1.00 24.95  ? 8   PRO B CD  1 
ATOM   599  N N   . SER B 1 10 ? -2.419  -3.511  2.067   1.00 26.17  ? 9   SER B N   1 
ATOM   600  C CA  . SER B 1 10 ? -1.676  -2.835  3.123   1.00 28.63  ? 9   SER B CA  1 
ATOM   601  C C   . SER B 1 10 ? -0.676  -1.923  2.408   1.00 27.60  ? 9   SER B C   1 
ATOM   602  O O   . SER B 1 10 ? -0.353  -2.111  1.213   1.00 29.76  ? 9   SER B O   1 
ATOM   603  C CB  . SER B 1 10 ? -0.884  -3.875  3.953   1.00 27.98  ? 9   SER B CB  1 
ATOM   604  O OG  . SER B 1 10 ? -1.835  -4.697  4.690   1.00 31.66  ? 9   SER B OG  1 
ATOM   605  N N   . THR B 1 11 ? -0.216  -0.916  3.137   1.00 26.44  ? 10  THR B N   1 
ATOM   606  C CA  . THR B 1 11 ? 0.728   0.035   2.601   1.00 26.89  ? 10  THR B CA  1 
ATOM   607  C C   . THR B 1 11 ? 2.060   -0.122  3.285   1.00 27.14  ? 10  THR B C   1 
ATOM   608  O O   . THR B 1 11 ? 2.128   -0.087  4.524   1.00 28.29  ? 10  THR B O   1 
ATOM   609  C CB  . THR B 1 11 ? 0.153   1.452   2.902   1.00 28.13  ? 10  THR B CB  1 
ATOM   610  O OG1 . THR B 1 11 ? -1.077  1.555   2.149   1.00 33.83  ? 10  THR B OG1 1 
ATOM   611  C CG2 . THR B 1 11 ? 1.077   2.466   2.349   1.00 30.42  ? 10  THR B CG2 1 
ATOM   612  N N   . CYS B 1 12 ? 3.123   -0.325  2.499   1.00 26.86  ? 11  CYS B N   1 
ATOM   613  C CA  . CYS B 1 12 ? 4.443   -0.568  3.140   1.00 27.05  ? 11  CYS B CA  1 
ATOM   614  C C   . CYS B 1 12 ? 5.464   0.262   2.411   1.00 28.24  ? 11  CYS B C   1 
ATOM   615  O O   . CYS B 1 12 ? 5.268   0.651   1.234   1.00 29.57  ? 11  CYS B O   1 
ATOM   616  C CB  . CYS B 1 12 ? 4.878   -2.032  3.010   1.00 29.94  ? 11  CYS B CB  1 
ATOM   617  S SG  . CYS B 1 12 ? 3.808   -3.238  3.762   1.00 32.54  ? 11  CYS B SG  1 
ATOM   618  N N   . CYS B 1 13 ? 6.581   0.481   3.087   1.00 26.16  ? 12  CYS B N   1 
ATOM   619  C CA  . CYS B 1 13 ? 7.699   1.213   2.452   1.00 25.84  ? 12  CYS B CA  1 
ATOM   620  C C   . CYS B 1 13 ? 8.896   0.341   2.250   1.00 26.42  ? 12  CYS B C   1 
ATOM   621  O O   . CYS B 1 13 ? 9.402   -0.240  3.206   1.00 26.82  ? 12  CYS B O   1 
ATOM   622  C CB  . CYS B 1 13 ? 8.094   2.351   3.379   1.00 28.36  ? 12  CYS B CB  1 
ATOM   623  S SG  . CYS B 1 13 ? 6.842   3.654   3.554   1.00 32.25  ? 12  CYS B SG  1 
ATOM   624  N N   . PHE B 1 14 ? 9.430   0.291   1.032   1.00 25.93  ? 13  PHE B N   1 
ATOM   625  C CA  . PHE B 1 14 ? 10.601  -0.541  0.771   1.00 25.59  ? 13  PHE B CA  1 
ATOM   626  C C   . PHE B 1 14 ? 11.891  0.263   0.591   1.00 25.51  ? 13  PHE B C   1 
ATOM   627  O O   . PHE B 1 14 ? 12.985  -0.280  0.550   1.00 26.26  ? 13  PHE B O   1 
ATOM   628  C CB  . PHE B 1 14 ? 10.360  -1.391  -0.474  1.00 26.21  ? 13  PHE B CB  1 
ATOM   629  C CG  . PHE B 1 14 ? 9.359   -2.472  -0.222  1.00 27.63  ? 13  PHE B CG  1 
ATOM   630  C CD1 . PHE B 1 14 ? 8.080   -2.363  -0.650  1.00 32.45  ? 13  PHE B CD1 1 
ATOM   631  C CD2 . PHE B 1 14 ? 9.751   -3.615  0.447   1.00 31.48  ? 13  PHE B CD2 1 
ATOM   632  C CE1 . PHE B 1 14 ? 7.137   -3.381  -0.344  1.00 28.56  ? 13  PHE B CE1 1 
ATOM   633  C CE2 . PHE B 1 14 ? 8.851   -4.617  0.722   1.00 31.01  ? 13  PHE B CE2 1 
ATOM   634  C CZ  . PHE B 1 14 ? 7.546   -4.473  0.375   1.00 30.45  ? 13  PHE B CZ  1 
ATOM   635  N N   . THR B 1 15 ? 11.703  1.569   0.381   1.00 27.24  ? 14  THR B N   1 
ATOM   636  C CA  . THR B 1 15 ? 12.832  2.509   0.264   1.00 28.06  ? 14  THR B CA  1 
ATOM   637  C C   . THR B 1 15 ? 12.413  3.779   1.026   1.00 28.69  ? 14  THR B C   1 
ATOM   638  O O   . THR B 1 15 ? 11.209  4.039   1.181   1.00 31.25  ? 14  THR B O   1 
ATOM   639  C CB  . THR B 1 15 ? 13.092  2.868   -1.195  1.00 28.34  ? 14  THR B CB  1 
ATOM   640  O OG1 . THR B 1 15 ? 11.949  3.545   -1.722  1.00 32.27  ? 14  THR B OG1 1 
ATOM   641  C CG2 . THR B 1 15 ? 13.342  1.653   -1.995  1.00 31.77  ? 14  THR B CG2 1 
ATOM   642  N N   . PHE B 1 16 ? 13.394  4.518   1.542   1.00 28.43  ? 15  PHE B N   1 
ATOM   643  C CA  . PHE B 1 16 ? 13.139  5.678   2.394   1.00 28.35  ? 15  PHE B CA  1 
ATOM   644  C C   . PHE B 1 16 ? 13.554  6.911   1.633   1.00 29.32  ? 15  PHE B C   1 
ATOM   645  O O   . PHE B 1 16 ? 14.598  6.913   0.958   1.00 30.10  ? 15  PHE B O   1 
ATOM   646  C CB  . PHE B 1 16 ? 13.979  5.583   3.689   1.00 28.50  ? 15  PHE B CB  1 
ATOM   647  C CG  . PHE B 1 16 ? 13.570  4.456   4.607   1.00 31.03  ? 15  PHE B CG  1 
ATOM   648  C CD1 . PHE B 1 16 ? 12.248  4.339   5.047   1.00 31.94  ? 15  PHE B CD1 1 
ATOM   649  C CD2 . PHE B 1 16 ? 14.496  3.518   5.034   1.00 34.01  ? 15  PHE B CD2 1 
ATOM   650  C CE1 . PHE B 1 16 ? 11.886  3.308   5.912   1.00 34.50  ? 15  PHE B CE1 1 
ATOM   651  C CE2 . PHE B 1 16 ? 14.127  2.476   5.901   1.00 35.54  ? 15  PHE B CE2 1 
ATOM   652  C CZ  . PHE B 1 16 ? 12.816  2.369   6.314   1.00 34.45  ? 15  PHE B CZ  1 
ATOM   653  N N   . SER B 1 17 ? 12.794  7.984   1.800   1.00 30.32  ? 16  SER B N   1 
ATOM   654  C CA  . SER B 1 17 ? 13.103  9.251   1.139   1.00 29.47  ? 16  SER B CA  1 
ATOM   655  C C   . SER B 1 17 ? 14.446  9.800   1.552   1.00 31.53  ? 16  SER B C   1 
ATOM   656  O O   . SER B 1 17 ? 14.773  9.824   2.751   1.00 31.62  ? 16  SER B O   1 
ATOM   657  C CB  . SER B 1 17 ? 12.051  10.285  1.516   1.00 27.04  ? 16  SER B CB  1 
ATOM   658  O OG  . SER B 1 17 ? 10.791  9.905   0.983   1.00 27.29  ? 16  SER B OG  1 
ATOM   659  N N   . SER B 1 18 ? 15.221  10.249  0.546   1.00 33.14  ? 17  SER B N   1 
ATOM   660  C CA  . SER B 1 18 ? 16.489  10.947  0.769   1.00 35.05  ? 17  SER B CA  1 
ATOM   661  C C   . SER B 1 18 ? 16.351  12.464  0.959   1.00 36.41  ? 17  SER B C   1 
ATOM   662  O O   . SER B 1 18 ? 17.229  13.093  1.555   1.00 38.07  ? 17  SER B O   1 
ATOM   663  C CB  . SER B 1 18 ? 17.513  10.630  -0.336  1.00 35.18  ? 17  SER B CB  1 
ATOM   664  O OG  . SER B 1 18 ? 16.910  10.266  -1.580  1.00 37.53  ? 17  SER B OG  1 
ATOM   665  N N   . LYS B 1 19 ? 15.296  13.051  0.416   1.00 36.87  ? 18  LYS B N   1 
ATOM   666  C CA  . LYS B 1 19 ? 15.048  14.469  0.607   1.00 37.96  ? 18  LYS B CA  1 
ATOM   667  C C   . LYS B 1 19 ? 14.358  14.691  1.932   1.00 36.98  ? 18  LYS B C   1 
ATOM   668  O O   . LYS B 1 19 ? 13.314  14.094  2.187   1.00 37.56  ? 18  LYS B O   1 
ATOM   669  C CB  . LYS B 1 19 ? 14.170  15.030  -0.521  1.00 37.39  ? 18  LYS B CB  1 
ATOM   670  C CG  . LYS B 1 19 ? 13.844  16.522  -0.373  1.00 40.62  ? 18  LYS B CG  1 
ATOM   671  C CD  . LYS B 1 19 ? 12.884  16.970  -1.477  1.00 38.80  ? 18  LYS B CD  1 
ATOM   672  C CE  . LYS B 1 19 ? 12.730  18.504  -1.511  1.00 43.24  ? 18  LYS B CE  1 
ATOM   673  N NZ  . LYS B 1 19 ? 11.941  18.904  -2.719  1.00 43.74  ? 18  LYS B NZ  1 
ATOM   674  N N   . LYS B 1 20 ? 14.914  15.545  2.774   1.00 36.59  ? 19  LYS B N   1 
ATOM   675  C CA  . LYS B 1 20 ? 14.167  16.043  3.932   1.00 37.03  ? 19  LYS B CA  1 
ATOM   676  C C   . LYS B 1 20 ? 13.142  17.094  3.489   1.00 36.86  ? 19  LYS B C   1 
ATOM   677  O O   . LYS B 1 20 ? 13.502  18.244  3.237   1.00 37.63  ? 19  LYS B O   1 
ATOM   678  C CB  . LYS B 1 20 ? 15.122  16.612  4.982   1.00 37.80  ? 19  LYS B CB  1 
ATOM   679  C CG  . LYS B 1 20 ? 14.455  17.314  6.136   1.00 38.96  ? 19  LYS B CG  1 
ATOM   680  C CD  . LYS B 1 20 ? 15.487  17.745  7.192   1.00 38.59  ? 19  LYS B CD  1 
ATOM   681  C CE  . LYS B 1 20 ? 15.060  19.081  7.822   1.00 42.52  ? 19  LYS B CE  1 
ATOM   682  N NZ  . LYS B 1 20 ? 15.326  19.124  9.274   1.00 46.29  ? 19  LYS B NZ  1 
ATOM   683  N N   . ILE B 1 21 ? 11.878  16.697  3.429   1.00 35.91  ? 20  ILE B N   1 
ATOM   684  C CA  . ILE B 1 21 ? 10.774  17.580  3.037   1.00 34.94  ? 20  ILE B CA  1 
ATOM   685  C C   . ILE B 1 21 ? 10.586  18.675  4.084   1.00 33.44  ? 20  ILE B C   1 
ATOM   686  O O   . ILE B 1 21 ? 10.836  18.455  5.266   1.00 33.01  ? 20  ILE B O   1 
ATOM   687  C CB  . ILE B 1 21 ? 9.434   16.759  2.900   1.00 35.63  ? 20  ILE B CB  1 
ATOM   688  C CG1 . ILE B 1 21 ? 8.259   17.674  2.509   1.00 37.85  ? 20  ILE B CG1 1 
ATOM   689  C CG2 . ILE B 1 21 ? 9.201   15.906  4.144   1.00 35.39  ? 20  ILE B CG2 1 
ATOM   690  C CD1 . ILE B 1 21 ? 6.999   16.889  1.997   1.00 36.42  ? 20  ILE B CD1 1 
ATOM   691  N N   . SER B 1 22 ? 10.132  19.840  3.652   1.00 31.29  ? 21  SER B N   1 
ATOM   692  C CA  . SER B 1 22 ? 9.717   20.892  4.551   1.00 31.00  ? 21  SER B CA  1 
ATOM   693  C C   . SER B 1 22 ? 8.644   20.440  5.560   1.00 30.24  ? 21  SER B C   1 
ATOM   694  O O   . SER B 1 22 ? 7.609   19.876  5.195   1.00 28.51  ? 21  SER B O   1 
ATOM   695  C CB  . SER B 1 22 ? 9.238   22.092  3.725   1.00 32.00  ? 21  SER B CB  1 
ATOM   696  O OG  . SER B 1 22 ? 8.645   23.041  4.562   1.00 36.85  ? 21  SER B OG  1 
ATOM   697  N N   . LEU B 1 23 ? 8.852   20.719  6.842   1.00 29.58  ? 22  LEU B N   1 
ATOM   698  C CA  . LEU B 1 23 ? 7.832   20.375  7.831   1.00 28.87  ? 22  LEU B CA  1 
ATOM   699  C C   . LEU B 1 23 ? 6.471   21.052  7.576   1.00 28.44  ? 22  LEU B C   1 
ATOM   700  O O   . LEU B 1 23 ? 5.411   20.447  7.833   1.00 28.72  ? 22  LEU B O   1 
ATOM   701  C CB  . LEU B 1 23 ? 8.345   20.676  9.247   1.00 28.63  ? 22  LEU B CB  1 
ATOM   702  C CG  . LEU B 1 23 ? 7.426   20.306  10.412  1.00 29.29  ? 22  LEU B CG  1 
ATOM   703  C CD1 . LEU B 1 23 ? 7.168   18.815  10.557  1.00 28.60  ? 22  LEU B CD1 1 
ATOM   704  C CD2 . LEU B 1 23 ? 8.079   20.883  11.705  1.00 30.49  ? 22  LEU B CD2 1 
ATOM   705  N N   . GLN B 1 24 ? 6.494   22.272  7.032   1.00 27.19  ? 23  GLN B N   1 
ATOM   706  C CA  . GLN B 1 24 ? 5.266   23.031  6.742   1.00 27.87  ? 23  GLN B CA  1 
ATOM   707  C C   . GLN B 1 24 ? 4.360   22.314  5.748   1.00 27.60  ? 23  GLN B C   1 
ATOM   708  O O   . GLN B 1 24 ? 3.170   22.582  5.707   1.00 29.74  ? 23  GLN B O   1 
ATOM   709  C CB  A GLN B 1 24 ? 5.579   24.460  6.286   0.65 27.88  ? 23  GLN B CB  1 
ATOM   710  C CB  B GLN B 1 24 ? 5.554   24.459  6.190   0.35 27.39  ? 23  GLN B CB  1 
ATOM   711  C CG  A GLN B 1 24 ? 4.398   25.453  6.412   0.65 29.12  ? 23  GLN B CG  1 
ATOM   712  C CG  B GLN B 1 24 ? 6.588   24.629  5.004   0.35 26.24  ? 23  GLN B CG  1 
ATOM   713  C CD  A GLN B 1 24 ? 3.381   25.330  5.295   0.65 28.90  ? 23  GLN B CD  1 
ATOM   714  C CD  B GLN B 1 24 ? 6.021   24.722  3.542   0.35 24.87  ? 23  GLN B CD  1 
ATOM   715  O OE1 A GLN B 1 24 ? 3.727   24.982  4.154   0.65 34.77  ? 23  GLN B OE1 1 
ATOM   716  O OE1 B GLN B 1 24 ? 6.736   24.426  2.596   0.35 23.45  ? 23  GLN B OE1 1 
ATOM   717  N NE2 A GLN B 1 24 ? 2.114   25.581  5.615   0.65 29.45  ? 23  GLN B NE2 1 
ATOM   718  N NE2 B GLN B 1 24 ? 4.779   25.159  3.371   0.35 17.00  ? 23  GLN B NE2 1 
ATOM   719  N N   . ARG B 1 25 ? 4.921   21.418  4.932   1.00 26.50  ? 24  ARG B N   1 
ATOM   720  C CA  . ARG B 1 25 ? 4.114   20.656  3.967   1.00 27.03  ? 24  ARG B CA  1 
ATOM   721  C C   . ARG B 1 25 ? 3.302   19.536  4.593   1.00 26.20  ? 24  ARG B C   1 
ATOM   722  O O   . ARG B 1 25 ? 2.456   18.943  3.905   1.00 26.31  ? 24  ARG B O   1 
ATOM   723  C CB  . ARG B 1 25 ? 5.002   20.073  2.862   1.00 26.59  ? 24  ARG B CB  1 
ATOM   724  C CG  . ARG B 1 25 ? 5.585   21.204  2.013   1.00 29.36  ? 24  ARG B CG  1 
ATOM   725  C CD  . ARG B 1 25 ? 6.563   20.822  0.913   1.00 31.12  ? 24  ARG B CD  1 
ATOM   726  N NE  . ARG B 1 25 ? 6.000   19.766  0.044   1.00 31.96  ? 24  ARG B NE  1 
ATOM   727  C CZ  . ARG B 1 25 ? 6.743   19.088  -0.835  1.00 33.35  ? 24  ARG B CZ  1 
ATOM   728  N NH1 . ARG B 1 25 ? 8.028   19.374  -0.981  1.00 34.11  ? 24  ARG B NH1 1 
ATOM   729  N NH2 . ARG B 1 25 ? 6.205   18.122  -1.557  1.00 38.35  ? 24  ARG B NH2 1 
ATOM   730  N N   . LEU B 1 26 ? 3.640   19.170  5.838   1.00 26.20  ? 25  LEU B N   1 
ATOM   731  C CA  . LEU B 1 26 ? 3.098   17.959  6.434   1.00 26.24  ? 25  LEU B CA  1 
ATOM   732  C C   . LEU B 1 26 ? 1.857   18.157  7.276   1.00 27.17  ? 25  LEU B C   1 
ATOM   733  O O   . LEU B 1 26 ? 1.701   19.175  7.945   1.00 27.46  ? 25  LEU B O   1 
ATOM   734  C CB  . LEU B 1 26 ? 4.177   17.255  7.265   1.00 26.57  ? 25  LEU B CB  1 
ATOM   735  C CG  . LEU B 1 26 ? 5.421   16.950  6.439   1.00 24.63  ? 25  LEU B CG  1 
ATOM   736  C CD1 . LEU B 1 26 ? 6.500   16.176  7.252   1.00 24.58  ? 25  LEU B CD1 1 
ATOM   737  C CD2 . LEU B 1 26 ? 5.051   16.197  5.128   1.00 25.21  ? 25  LEU B CD2 1 
ATOM   738  N N   . LYS B 1 27 ? 1.008   17.124  7.257   1.00 27.14  ? 26  LYS B N   1 
ATOM   739  C CA  . LYS B 1 27 ? -0.288  17.113  7.947   1.00 29.24  ? 26  LYS B CA  1 
ATOM   740  C C   . LYS B 1 27 ? -0.218  16.102  9.110   1.00 28.18  ? 26  LYS B C   1 
ATOM   741  O O   . LYS B 1 27 ? -0.610  16.400  10.251  1.00 27.49  ? 26  LYS B O   1 
ATOM   742  C CB  . LYS B 1 27 ? -1.376  16.654  6.936   1.00 30.35  ? 26  LYS B CB  1 
ATOM   743  C CG  . LYS B 1 27 ? -2.812  16.775  7.402   1.00 34.79  ? 26  LYS B CG  1 
ATOM   744  C CD  . LYS B 1 27 ? -3.762  16.347  6.266   1.00 33.09  ? 26  LYS B CD  1 
ATOM   745  C CE  . LYS B 1 27 ? -5.087  15.827  6.798   1.00 41.95  ? 26  LYS B CE  1 
ATOM   746  N NZ  . LYS B 1 27 ? -6.214  16.093  5.838   1.00 45.65  ? 26  LYS B NZ  1 
ATOM   747  N N   . SER B 1 28 ? 0.318   14.906  8.836   1.00 25.41  ? 27  SER B N   1 
ATOM   748  C CA  . SER B 1 28 ? 0.253   13.834  9.839   1.00 24.99  ? 27  SER B CA  1 
ATOM   749  C C   . SER B 1 28 ? 1.318   12.787  9.515   1.00 24.89  ? 27  SER B C   1 
ATOM   750  O O   . SER B 1 28 ? 2.007   12.858  8.472   1.00 23.84  ? 27  SER B O   1 
ATOM   751  C CB  . SER B 1 28 ? -1.150  13.206  9.815   1.00 26.54  ? 27  SER B CB  1 
ATOM   752  O OG  . SER B 1 28 ? -1.369  12.726  8.536   1.00 31.05  ? 27  SER B OG  1 
ATOM   753  N N   . TYR B 1 29 ? 1.460   11.837  10.426  1.00 25.81  ? 28  TYR B N   1 
ATOM   754  C CA  . TYR B 1 29 ? 2.212   10.622  10.105  1.00 25.08  ? 28  TYR B CA  1 
ATOM   755  C C   . TYR B 1 29 ? 1.609   9.369   10.730  1.00 24.99  ? 28  TYR B C   1 
ATOM   756  O O   . TYR B 1 29 ? 0.832   9.448   11.691  1.00 24.15  ? 28  TYR B O   1 
ATOM   757  C CB  . TYR B 1 29 ? 3.653   10.760  10.605  1.00 25.69  ? 28  TYR B CB  1 
ATOM   758  C CG  . TYR B 1 29 ? 3.817   10.481  12.082  1.00 25.32  ? 28  TYR B CG  1 
ATOM   759  C CD1 . TYR B 1 29 ? 4.129   9.191   12.527  1.00 25.40  ? 28  TYR B CD1 1 
ATOM   760  C CD2 . TYR B 1 29 ? 3.643   11.474  13.026  1.00 27.71  ? 28  TYR B CD2 1 
ATOM   761  C CE1 . TYR B 1 29 ? 4.274   8.908   13.868  1.00 26.82  ? 28  TYR B CE1 1 
ATOM   762  C CE2 . TYR B 1 29 ? 3.766   11.180  14.401  1.00 30.23  ? 28  TYR B CE2 1 
ATOM   763  C CZ  . TYR B 1 29 ? 4.094   9.911   14.793  1.00 29.69  ? 28  TYR B CZ  1 
ATOM   764  O OH  . TYR B 1 29 ? 4.278   9.598   16.140  1.00 30.79  ? 28  TYR B OH  1 
ATOM   765  N N   . VAL B 1 30 ? 1.958   8.212   10.135  1.00 25.07  ? 29  VAL B N   1 
ATOM   766  C CA  . VAL B 1 30 ? 1.660   6.908   10.691  1.00 24.49  ? 29  VAL B CA  1 
ATOM   767  C C   . VAL B 1 30 ? 2.886   6.038   10.610  1.00 24.26  ? 29  VAL B C   1 
ATOM   768  O O   . VAL B 1 30 ? 3.787   6.292   9.820   1.00 25.03  ? 29  VAL B O   1 
ATOM   769  C CB  . VAL B 1 30 ? 0.492   6.178   9.970   1.00 26.30  ? 29  VAL B CB  1 
ATOM   770  C CG1 . VAL B 1 30 ? -0.752  7.010   10.072  1.00 28.91  ? 29  VAL B CG1 1 
ATOM   771  C CG2 . VAL B 1 30 ? 0.850   5.914   8.505   1.00 24.63  ? 29  VAL B CG2 1 
ATOM   772  N N   . ILE B 1 31 ? 2.934   5.043   11.492  1.00 23.24  ? 30  ILE B N   1 
ATOM   773  C CA  . ILE B 1 31 ? 3.934   4.011   11.344  1.00 23.26  ? 30  ILE B CA  1 
ATOM   774  C C   . ILE B 1 31 ? 3.279   2.877   10.537  1.00 26.23  ? 30  ILE B C   1 
ATOM   775  O O   . ILE B 1 31 ? 2.096   2.550   10.725  1.00 27.01  ? 30  ILE B O   1 
ATOM   776  C CB  . ILE B 1 31 ? 4.348   3.501   12.729  1.00 21.98  ? 30  ILE B CB  1 
ATOM   777  C CG1 . ILE B 1 31 ? 4.889   4.628   13.598  1.00 26.24  ? 30  ILE B CG1 1 
ATOM   778  C CG2 . ILE B 1 31 ? 5.348   2.316   12.539  1.00 23.45  ? 30  ILE B CG2 1 
ATOM   779  C CD1 . ILE B 1 31 ? 6.118   5.301   12.984  1.00 26.80  ? 30  ILE B CD1 1 
ATOM   780  N N   . THR B 1 32 ? 4.020   2.260   9.648   1.00 24.15  ? 31  THR B N   1 
ATOM   781  C CA  . THR B 1 32 ? 3.419   1.173   8.844   1.00 25.01  ? 31  THR B CA  1 
ATOM   782  C C   . THR B 1 32 ? 2.936   -0.022  9.679   1.00 27.11  ? 31  THR B C   1 
ATOM   783  O O   . THR B 1 32 ? 3.480   -0.290  10.735  1.00 25.28  ? 31  THR B O   1 
ATOM   784  C CB  . THR B 1 32 ? 4.347   0.744   7.693   1.00 24.15  ? 31  THR B CB  1 
ATOM   785  O OG1 . THR B 1 32 ? 5.657   0.449   8.188   1.00 25.68  ? 31  THR B OG1 1 
ATOM   786  C CG2 . THR B 1 32 ? 4.419   1.874   6.692   1.00 27.28  ? 31  THR B CG2 1 
ATOM   787  N N   . THR B 1 33 ? 1.913   -0.727  9.164   1.00 27.35  ? 32  THR B N   1 
ATOM   788  C CA  . THR B 1 33 ? 1.468   -1.958  9.811   1.00 30.68  ? 32  THR B CA  1 
ATOM   789  C C   . THR B 1 33 ? 2.585   -2.993  10.097  1.00 29.63  ? 32  THR B C   1 
ATOM   790  O O   . THR B 1 33 ? 3.520   -3.153  9.284   1.00 28.83  ? 32  THR B O   1 
ATOM   791  C CB  . THR B 1 33 ? 0.347   -2.578  8.966   1.00 29.93  ? 32  THR B CB  1 
ATOM   792  O OG1 . THR B 1 33 ? -0.064  -3.794  9.553   1.00 36.60  ? 32  THR B OG1 1 
ATOM   793  C CG2 . THR B 1 33 ? 0.776   -2.844  7.535   1.00 34.05  ? 32  THR B CG2 1 
ATOM   794  N N   . SER B 1 34 ? 2.513   -3.697  11.230  1.00 31.15  ? 33  SER B N   1 
ATOM   795  C CA  . SER B 1 34 ? 3.532   -4.681  11.505  1.00 31.16  ? 33  SER B CA  1 
ATOM   796  C C   . SER B 1 34 ? 3.570   -5.814  10.471  1.00 32.10  ? 33  SER B C   1 
ATOM   797  O O   . SER B 1 34 ? 4.496   -6.615  10.469  1.00 33.40  ? 33  SER B O   1 
ATOM   798  C CB  A SER B 1 34 ? 3.235   -5.327  12.876  0.65 33.22  ? 33  SER B CB  1 
ATOM   799  C CB  B SER B 1 34 ? 3.486   -5.230  12.944  0.35 31.61  ? 33  SER B CB  1 
ATOM   800  O OG  A SER B 1 34 ? 1.830   -5.593  12.971  0.65 34.35  ? 33  SER B OG  1 
ATOM   801  O OG  B SER B 1 34 ? 3.092   -6.580  12.930  0.35 27.83  ? 33  SER B OG  1 
ATOM   802  N N   . ARG B 1 35 ? 2.570   -5.881  9.606   1.00 31.51  ? 34  ARG B N   1 
ATOM   803  C CA  . ARG B 1 35 ? 2.601   -6.909  8.542   1.00 32.79  ? 34  ARG B CA  1 
ATOM   804  C C   . ARG B 1 35 ? 3.714   -6.640  7.519   1.00 30.65  ? 34  ARG B C   1 
ATOM   805  O O   . ARG B 1 35 ? 4.188   -7.560  6.816   1.00 28.99  ? 34  ARG B O   1 
ATOM   806  C CB  . ARG B 1 35 ? 1.261   -6.901  7.818   1.00 33.93  ? 34  ARG B CB  1 
ATOM   807  C CG  . ARG B 1 35 ? 0.187   -7.495  8.669   1.00 40.45  ? 34  ARG B CG  1 
ATOM   808  C CD  . ARG B 1 35 ? -1.130  -7.450  7.975   1.00 50.65  ? 34  ARG B CD  1 
ATOM   809  N NE  . ARG B 1 35 ? -2.080  -8.285  8.705   1.00 56.66  ? 34  ARG B NE  1 
ATOM   810  C CZ  . ARG B 1 35 ? -3.392  -8.182  8.584   1.00 57.96  ? 34  ARG B CZ  1 
ATOM   811  N NH1 . ARG B 1 35 ? -3.903  -7.271  7.760   1.00 59.49  ? 34  ARG B NH1 1 
ATOM   812  N NH2 . ARG B 1 35 ? -4.180  -8.970  9.296   1.00 57.89  ? 34  ARG B NH2 1 
ATOM   813  N N   . CYS B 1 36 ? 4.116   -5.367  7.418   1.00 29.25  ? 35  CYS B N   1 
ATOM   814  C CA  . CYS B 1 36 ? 5.159   -4.976  6.447   1.00 28.09  ? 35  CYS B CA  1 
ATOM   815  C C   . CYS B 1 36 ? 6.473   -5.575  6.845   1.00 27.78  ? 35  CYS B C   1 
ATOM   816  O O   . CYS B 1 36 ? 6.740   -5.636  8.057   1.00 28.20  ? 35  CYS B O   1 
ATOM   817  C CB  . CYS B 1 36 ? 5.316   -3.471  6.431   1.00 27.43  ? 35  CYS B CB  1 
ATOM   818  S SG  . CYS B 1 36 ? 3.857   -2.638  5.763   1.00 30.33  ? 35  CYS B SG  1 
ATOM   819  N N   . PRO B 1 37 ? 7.328   -5.972  5.887   1.00 27.91  ? 36  PRO B N   1 
ATOM   820  C CA  . PRO B 1 37 ? 8.661   -6.526  6.267   1.00 28.51  ? 36  PRO B CA  1 
ATOM   821  C C   . PRO B 1 37 ? 9.729   -5.577  6.859   1.00 27.84  ? 36  PRO B C   1 
ATOM   822  O O   . PRO B 1 37 ? 10.773  -6.027  7.295   1.00 26.27  ? 36  PRO B O   1 
ATOM   823  C CB  . PRO B 1 37 ? 9.147   -7.200  4.973   1.00 30.33  ? 36  PRO B CB  1 
ATOM   824  C CG  . PRO B 1 37 ? 8.427   -6.538  3.890   1.00 29.71  ? 36  PRO B CG  1 
ATOM   825  C CD  . PRO B 1 37 ? 7.117   -6.037  4.415   1.00 28.56  ? 36  PRO B CD  1 
ATOM   826  N N   . GLN B 1 38 ? 9.496   -4.263  6.852   1.00 27.57  ? 37  GLN B N   1 
ATOM   827  C CA  . GLN B 1 38 ? 10.374  -3.317  7.555   1.00 28.84  ? 37  GLN B CA  1 
ATOM   828  C C   . GLN B 1 38 ? 9.579   -2.149  8.121   1.00 27.93  ? 37  GLN B C   1 
ATOM   829  O O   . GLN B 1 38 ? 8.574   -1.718  7.511   1.00 29.45  ? 37  GLN B O   1 
ATOM   830  C CB  . GLN B 1 38 ? 11.536  -2.835  6.668   1.00 30.53  ? 37  GLN B CB  1 
ATOM   831  C CG  . GLN B 1 38 ? 11.255  -1.676  5.683   1.00 32.36  ? 37  GLN B CG  1 
ATOM   832  C CD  . GLN B 1 38 ? 12.544  -1.104  5.012   1.00 33.37  ? 37  GLN B CD  1 
ATOM   833  O OE1 . GLN B 1 38 ? 13.678  -1.450  5.374   1.00 37.94  ? 37  GLN B OE1 1 
ATOM   834  N NE2 . GLN B 1 38 ? 12.353  -0.188  4.060   1.00 34.85  ? 37  GLN B NE2 1 
ATOM   835  N N   . LYS B 1 39 ? 10.079  -1.578  9.213   1.00 24.91  ? 38  LYS B N   1 
ATOM   836  C CA  . LYS B 1 39 ? 9.345   -0.514  9.862   1.00 24.99  ? 38  LYS B CA  1 
ATOM   837  C C   . LYS B 1 39 ? 9.598   0.816   9.142   1.00 25.13  ? 38  LYS B C   1 
ATOM   838  O O   . LYS B 1 39 ? 10.779  1.193   8.898   1.00 25.13  ? 38  LYS B O   1 
ATOM   839  C CB  . LYS B 1 39 ? 9.821   -0.397  11.325  1.00 25.10  ? 38  LYS B CB  1 
ATOM   840  C CG  . LYS B 1 39 ? 9.073   0.673   12.172  1.00 26.67  ? 38  LYS B CG  1 
ATOM   841  C CD  . LYS B 1 39 ? 9.525   0.609   13.644  1.00 26.86  ? 38  LYS B CD  1 
ATOM   842  C CE  . LYS B 1 39 ? 9.021   1.800   14.424  1.00 32.51  ? 38  LYS B CE  1 
ATOM   843  N NZ  . LYS B 1 39 ? 9.428   1.701   15.911  1.00 33.77  ? 38  LYS B NZ  1 
ATOM   844  N N   . ALA B 1 40 ? 8.525   1.565   8.930   1.00 24.82  ? 39  ALA B N   1 
ATOM   845  C CA  . ALA B 1 40 ? 8.676   2.856   8.275   1.00 23.79  ? 39  ALA B CA  1 
ATOM   846  C C   . ALA B 1 40 ? 7.689   3.856   8.822   1.00 24.49  ? 39  ALA B C   1 
ATOM   847  O O   . ALA B 1 40 ? 6.656   3.497   9.373   1.00 24.13  ? 39  ALA B O   1 
ATOM   848  C CB  . ALA B 1 40 ? 8.508   2.667   6.792   1.00 26.71  ? 39  ALA B CB  1 
ATOM   849  N N   . VAL B 1 41 ? 8.041   5.118   8.640   1.00 23.07  ? 40  VAL B N   1 
ATOM   850  C CA  . VAL B 1 41 ? 7.106   6.194   8.878   1.00 24.03  ? 40  VAL B CA  1 
ATOM   851  C C   . VAL B 1 41 ? 6.549   6.634   7.540   1.00 25.40  ? 40  VAL B C   1 
ATOM   852  O O   . VAL B 1 41 ? 7.288   6.719   6.532   1.00 25.31  ? 40  VAL B O   1 
ATOM   853  C CB  . VAL B 1 41 ? 7.889   7.396   9.524   1.00 21.40  ? 40  VAL B CB  1 
ATOM   854  C CG1 . VAL B 1 41 ? 6.982   8.601   9.637   1.00 24.78  ? 40  VAL B CG1 1 
ATOM   855  C CG2 . VAL B 1 41 ? 8.367   6.987   10.858  1.00 27.94  ? 40  VAL B CG2 1 
ATOM   856  N N   . ILE B 1 42 ? 5.235   6.876   7.461   1.00 23.73  ? 41  ILE B N   1 
ATOM   857  C CA  . ILE B 1 42 ? 4.678   7.511   6.237   1.00 24.00  ? 41  ILE B CA  1 
ATOM   858  C C   . ILE B 1 42 ? 4.172   8.865   6.703   1.00 25.25  ? 41  ILE B C   1 
ATOM   859  O O   . ILE B 1 42 ? 3.302   8.927   7.552   1.00 24.37  ? 41  ILE B O   1 
ATOM   860  C CB  . ILE B 1 42 ? 3.534   6.679   5.700   1.00 24.67  ? 41  ILE B CB  1 
ATOM   861  C CG1 . ILE B 1 42 ? 4.092   5.384   5.100   1.00 24.80  ? 41  ILE B CG1 1 
ATOM   862  C CG2 . ILE B 1 42 ? 2.815   7.446   4.572   1.00 26.36  ? 41  ILE B CG2 1 
ATOM   863  C CD1 . ILE B 1 42 ? 2.906   4.437   4.650   1.00 27.14  ? 41  ILE B CD1 1 
ATOM   864  N N   . PHE B 1 43 ? 4.713   9.934   6.129   1.00 25.77  ? 42  PHE B N   1 
ATOM   865  C CA  . PHE B 1 43 ? 4.186   11.286  6.341   1.00 26.41  ? 42  PHE B CA  1 
ATOM   866  C C   . PHE B 1 43 ? 3.128   11.563  5.283   1.00 26.91  ? 42  PHE B C   1 
ATOM   867  O O   . PHE B 1 43 ? 3.277   11.160  4.111   1.00 27.67  ? 42  PHE B O   1 
ATOM   868  C CB  . PHE B 1 43 ? 5.324   12.301  6.165   1.00 25.34  ? 42  PHE B CB  1 
ATOM   869  C CG  . PHE B 1 43 ? 6.354   12.256  7.269   1.00 26.38  ? 42  PHE B CG  1 
ATOM   870  C CD1 . PHE B 1 43 ? 5.997   12.614  8.580   1.00 25.10  ? 42  PHE B CD1 1 
ATOM   871  C CD2 . PHE B 1 43 ? 7.699   11.930  7.003   1.00 27.50  ? 42  PHE B CD2 1 
ATOM   872  C CE1 . PHE B 1 43 ? 6.939   12.576  9.604   1.00 26.52  ? 42  PHE B CE1 1 
ATOM   873  C CE2 . PHE B 1 43 ? 8.641   11.869  8.028   1.00 29.89  ? 42  PHE B CE2 1 
ATOM   874  C CZ  . PHE B 1 43 ? 8.294   12.215  9.326   1.00 28.21  ? 42  PHE B CZ  1 
ATOM   875  N N   . ARG B 1 44 ? 2.060   12.279  5.678   1.00 27.44  ? 43  ARG B N   1 
ATOM   876  C CA  . ARG B 1 44 ? 0.999   12.618  4.736   1.00 28.19  ? 43  ARG B CA  1 
ATOM   877  C C   . ARG B 1 44 ? 1.083   14.124  4.561   1.00 28.14  ? 43  ARG B C   1 
ATOM   878  O O   . ARG B 1 44 ? 1.119   14.844  5.567   1.00 27.23  ? 43  ARG B O   1 
ATOM   879  C CB  A ARG B 1 44 ? -0.364  12.204  5.278   0.65 28.40  ? 43  ARG B CB  1 
ATOM   880  C CB  B ARG B 1 44 ? -0.364  12.218  5.325   0.35 27.83  ? 43  ARG B CB  1 
ATOM   881  C CG  A ARG B 1 44 ? -1.477  12.451  4.251   0.65 32.01  ? 43  ARG B CG  1 
ATOM   882  C CG  B ARG B 1 44 ? -1.569  12.982  4.748   0.35 28.95  ? 43  ARG B CG  1 
ATOM   883  C CD  A ARG B 1 44 ? -2.392  11.227  4.087   0.65 34.79  ? 43  ARG B CD  1 
ATOM   884  C CD  B ARG B 1 44 ? -2.849  12.146  4.757   0.35 27.07  ? 43  ARG B CD  1 
ATOM   885  N NE  A ARG B 1 44 ? -3.179  11.454  2.881   0.65 36.43  ? 43  ARG B NE  1 
ATOM   886  N NE  B ARG B 1 44 ? -3.967  12.904  4.192   0.35 30.39  ? 43  ARG B NE  1 
ATOM   887  C CZ  A ARG B 1 44 ? -3.515  10.554  1.966   0.65 36.25  ? 43  ARG B CZ  1 
ATOM   888  C CZ  B ARG B 1 44 ? -4.919  12.399  3.414   0.35 33.33  ? 43  ARG B CZ  1 
ATOM   889  N NH1 A ARG B 1 44 ? -3.199  9.259   2.076   0.65 38.61  ? 43  ARG B NH1 1 
ATOM   890  N NH1 B ARG B 1 44 ? -4.914  11.109  3.071   0.35 34.35  ? 43  ARG B NH1 1 
ATOM   891  N NH2 A ARG B 1 44 ? -4.178  10.987  0.907   0.65 39.75  ? 43  ARG B NH2 1 
ATOM   892  N NH2 B ARG B 1 44 ? -5.874  13.195  2.962   0.35 34.20  ? 43  ARG B NH2 1 
ATOM   893  N N   . THR B 1 45 ? 1.246   14.612  3.323   1.00 26.69  ? 44  THR B N   1 
ATOM   894  C CA  . THR B 1 45 ? 1.371   16.086  3.167   1.00 26.77  ? 44  THR B CA  1 
ATOM   895  C C   . THR B 1 45 ? -0.017  16.693  3.133   1.00 26.22  ? 44  THR B C   1 
ATOM   896  O O   . THR B 1 45 ? -1.009  15.973  2.890   1.00 26.46  ? 44  THR B O   1 
ATOM   897  C CB  . THR B 1 45 ? 2.078   16.477  1.849   1.00 29.34  ? 44  THR B CB  1 
ATOM   898  O OG1 . THR B 1 45 ? 1.204   16.211  0.717   1.00 28.45  ? 44  THR B OG1 1 
ATOM   899  C CG2 . THR B 1 45 ? 3.362   15.611  1.649   1.00 27.75  ? 44  THR B CG2 1 
ATOM   900  N N   . LYS B 1 46 ? -0.075  18.009  3.308   1.00 26.17  ? 45  LYS B N   1 
ATOM   901  C CA  . LYS B 1 46 ? -1.324  18.748  3.265   1.00 27.70  ? 45  LYS B CA  1 
ATOM   902  C C   . LYS B 1 46 ? -2.025  18.589  1.939   1.00 28.21  ? 45  LYS B C   1 
ATOM   903  O O   . LYS B 1 46 ? -3.262  18.775  1.869   1.00 30.77  ? 45  LYS B O   1 
ATOM   904  C CB  . LYS B 1 46 ? -1.064  20.212  3.566   1.00 28.26  ? 45  LYS B CB  1 
ATOM   905  C CG  . LYS B 1 46 ? -0.793  20.435  5.054   1.00 27.93  ? 45  LYS B CG  1 
ATOM   906  C CD  . LYS B 1 46 ? -0.468  21.881  5.316   1.00 32.21  ? 45  LYS B CD  1 
ATOM   907  C CE  . LYS B 1 46 ? -0.128  22.069  6.749   1.00 33.35  ? 45  LYS B CE  1 
ATOM   908  N NZ  . LYS B 1 46 ? 0.420   23.384  6.806   1.00 33.91  ? 45  LYS B NZ  1 
ATOM   909  N N   . LEU B 1 47 ? -1.273  18.297  0.880   1.00 25.60  ? 46  LEU B N   1 
ATOM   910  C CA  . LEU B 1 47 ? -1.920  18.079  -0.417  1.00 25.34  ? 46  LEU B CA  1 
ATOM   911  C C   . LEU B 1 47 ? -2.224  16.601  -0.693  1.00 27.43  ? 46  LEU B C   1 
ATOM   912  O O   . LEU B 1 47 ? -2.628  16.251  -1.819  1.00 29.46  ? 46  LEU B O   1 
ATOM   913  C CB  . LEU B 1 47 ? -1.060  18.629  -1.524  1.00 25.84  ? 46  LEU B CB  1 
ATOM   914  C CG  . LEU B 1 47 ? -0.809  20.151  -1.416  1.00 24.54  ? 46  LEU B CG  1 
ATOM   915  C CD1 . LEU B 1 47 ? -0.174  20.565  -2.695  1.00 24.93  ? 46  LEU B CD1 1 
ATOM   916  C CD2 . LEU B 1 47 ? -2.047  20.995  -1.169  1.00 25.00  ? 46  LEU B CD2 1 
ATOM   917  N N   . GLY B 1 48 ? -2.033  15.768  0.313   1.00 26.25  ? 47  GLY B N   1 
ATOM   918  C CA  . GLY B 1 48 ? -2.420  14.307  0.219   1.00 28.38  ? 47  GLY B CA  1 
ATOM   919  C C   . GLY B 1 48 ? -1.383  13.307  -0.244  1.00 30.19  ? 47  GLY B C   1 
ATOM   920  O O   . GLY B 1 48 ? -1.725  12.113  -0.387  1.00 32.48  ? 47  GLY B O   1 
ATOM   921  N N   . LYS B 1 49 ? -0.122  13.714  -0.414  1.00 29.14  ? 48  LYS B N   1 
ATOM   922  C CA  . LYS B 1 49 ? 0.910   12.807  -0.931  1.00 28.69  ? 48  LYS B CA  1 
ATOM   923  C C   . LYS B 1 49 ? 1.383   11.997  0.281   1.00 28.28  ? 48  LYS B C   1 
ATOM   924  O O   . LYS B 1 49 ? 1.462   12.553  1.370   1.00 29.40  ? 48  LYS B O   1 
ATOM   925  C CB  . LYS B 1 49 ? 2.083   13.631  -1.515  1.00 31.01  ? 48  LYS B CB  1 
ATOM   926  C CG  . LYS B 1 49 ? 3.208   12.800  -2.221  1.00 34.13  ? 48  LYS B CG  1 
ATOM   927  C CD  . LYS B 1 49 ? 4.390   13.677  -2.808  1.00 31.66  ? 48  LYS B CD  1 
ATOM   928  C CE  . LYS B 1 49 ? 4.059   14.263  -4.180  1.00 35.60  ? 48  LYS B CE  1 
ATOM   929  N NZ  . LYS B 1 49 ? 5.242   15.046  -4.639  1.00 30.82  ? 48  LYS B NZ  1 
ATOM   930  N N   . GLU B 1 50 ? 1.764   10.758  0.068   1.00 28.31  ? 49  GLU B N   1 
ATOM   931  C CA  . GLU B 1 50 ? 2.321   9.927   1.163   1.00 27.87  ? 49  GLU B CA  1 
ATOM   932  C C   . GLU B 1 50 ? 3.825   9.805   0.886   1.00 29.22  ? 49  GLU B C   1 
ATOM   933  O O   . GLU B 1 50 ? 4.212   9.476   -0.248  1.00 29.37  ? 49  GLU B O   1 
ATOM   934  C CB  . GLU B 1 50 ? 1.726   8.517   1.123   1.00 30.18  ? 49  GLU B CB  1 
ATOM   935  C CG  . GLU B 1 50 ? 0.251   8.486   1.517   1.00 32.50  ? 49  GLU B CG  1 
ATOM   936  C CD  . GLU B 1 50 ? -0.448  7.137   1.232   1.00 37.28  ? 49  GLU B CD  1 
ATOM   937  O OE1 . GLU B 1 50 ? 0.203   6.163   0.776   1.00 46.14  ? 49  GLU B OE1 1 
ATOM   938  O OE2 . GLU B 1 50 ? -1.671  7.092   1.479   1.00 48.44  ? 49  GLU B OE2 1 
ATOM   939  N N   . ILE B 1 51 ? 4.652   10.058  1.900   1.00 25.48  ? 50  ILE B N   1 
ATOM   940  C CA  . ILE B 1 51 ? 6.127   10.016  1.780   1.00 27.79  ? 50  ILE B CA  1 
ATOM   941  C C   . ILE B 1 51 ? 6.715   8.974   2.744   1.00 27.09  ? 50  ILE B C   1 
ATOM   942  O O   . ILE B 1 51 ? 6.460   9.078   3.930   1.00 29.23  ? 50  ILE B O   1 
ATOM   943  C CB  . ILE B 1 51 ? 6.661   11.416  2.206   1.00 28.80  ? 50  ILE B CB  1 
ATOM   944  C CG1 A ILE B 1 51 ? 6.506   12.361  1.017   0.50 29.82  ? 50  ILE B CG1 1 
ATOM   945  C CG1 B ILE B 1 51 ? 5.914   12.472  1.395   0.50 30.34  ? 50  ILE B CG1 1 
ATOM   946  C CG2 A ILE B 1 51 ? 8.139   11.389  2.596   0.50 30.91  ? 50  ILE B CG2 1 
ATOM   947  C CG2 B ILE B 1 51 ? 8.176   11.553  2.009   0.50 30.12  ? 50  ILE B CG2 1 
ATOM   948  C CD1 A ILE B 1 51 ? 6.515   13.816  1.419   0.50 25.25  ? 50  ILE B CD1 1 
ATOM   949  C CD1 B ILE B 1 51 ? 6.064   12.227  -0.100  0.50 32.08  ? 50  ILE B CD1 1 
ATOM   950  N N   . CYS B 1 52 ? 7.583   8.100   2.245   1.00 26.37  ? 51  CYS B N   1 
ATOM   951  C CA  . CYS B 1 52 ? 8.213   7.085   3.140   1.00 25.78  ? 51  CYS B CA  1 
ATOM   952  C C   . CYS B 1 52 ? 9.406   7.731   3.822   1.00 24.88  ? 51  CYS B C   1 
ATOM   953  O O   . CYS B 1 52 ? 10.244  8.356   3.141   1.00 25.67  ? 51  CYS B O   1 
ATOM   954  C CB  . CYS B 1 52 ? 8.697   5.893   2.336   1.00 28.05  ? 51  CYS B CB  1 
ATOM   955  S SG  . CYS B 1 52 ? 7.294   4.865   1.795   1.00 35.31  ? 51  CYS B SG  1 
ATOM   956  N N   . ALA B 1 53 ? 9.595   7.451   5.115   1.00 23.55  ? 52  ALA B N   1 
ATOM   957  C CA  . ALA B 1 53 ? 10.770  8.000   5.830   1.00 24.23  ? 52  ALA B CA  1 
ATOM   958  C C   . ALA B 1 53 ? 11.270  6.998   6.887   1.00 26.16  ? 52  ALA B C   1 
ATOM   959  O O   . ALA B 1 53 ? 10.488  6.185   7.422   1.00 25.59  ? 52  ALA B O   1 
ATOM   960  C CB  . ALA B 1 53 ? 10.393  9.318   6.501   1.00 25.64  ? 52  ALA B CB  1 
ATOM   961  N N   . ASP B 1 54 ? 12.556  7.094   7.163   1.00 24.79  ? 53  ASP B N   1 
ATOM   962  C CA  . ASP B 1 54 ? 13.288  6.108   8.022   1.00 26.75  ? 53  ASP B CA  1 
ATOM   963  C C   . ASP B 1 54 ? 13.137  6.517   9.465   1.00 26.24  ? 53  ASP B C   1 
ATOM   964  O O   . ASP B 1 54 ? 13.607  7.558   9.861   1.00 26.27  ? 53  ASP B O   1 
ATOM   965  C CB  . ASP B 1 54 ? 14.776  6.174   7.648   1.00 27.01  ? 53  ASP B CB  1 
ATOM   966  C CG  . ASP B 1 54 ? 15.610  5.108   8.338   1.00 32.05  ? 53  ASP B CG  1 
ATOM   967  O OD1 . ASP B 1 54 ? 15.099  4.481   9.309   1.00 32.54  ? 53  ASP B OD1 1 
ATOM   968  O OD2 . ASP B 1 54 ? 16.790  4.914   7.897   1.00 34.31  ? 53  ASP B OD2 1 
ATOM   969  N N   . PRO B 1 55 ? 12.483  5.696   10.299  1.00 27.28  ? 54  PRO B N   1 
ATOM   970  C CA  . PRO B 1 55 ? 12.369  6.206   11.660  1.00 28.00  ? 54  PRO B CA  1 
ATOM   971  C C   . PRO B 1 55 ? 13.672  6.274   12.479  1.00 29.13  ? 54  PRO B C   1 
ATOM   972  O O   . PRO B 1 55 ? 13.662  6.921   13.523  1.00 28.70  ? 54  PRO B O   1 
ATOM   973  C CB  . PRO B 1 55 ? 11.328  5.275   12.291  1.00 29.45  ? 54  PRO B CB  1 
ATOM   974  C CG  . PRO B 1 55 ? 11.480  3.987   11.537  1.00 28.34  ? 54  PRO B CG  1 
ATOM   975  C CD  . PRO B 1 55 ? 11.824  4.387   10.117  1.00 27.82  ? 54  PRO B CD  1 
ATOM   976  N N   . LYS B 1 56 ? 14.770  5.670   11.994  1.00 28.10  ? 55  LYS B N   1 
ATOM   977  C CA  . LYS B 1 56 ? 16.085  5.821   12.658  1.00 30.11  ? 55  LYS B CA  1 
ATOM   978  C C   . LYS B 1 56 ? 16.688  7.212   12.518  1.00 29.55  ? 55  LYS B C   1 
ATOM   979  O O   . LYS B 1 56 ? 17.554  7.584   13.338  1.00 31.19  ? 55  LYS B O   1 
ATOM   980  C CB  . LYS B 1 56 ? 17.064  4.804   12.084  1.00 29.51  ? 55  LYS B CB  1 
ATOM   981  C CG  . LYS B 1 56 ? 16.644  3.362   12.285  1.00 33.94  ? 55  LYS B CG  1 
ATOM   982  C CD  . LYS B 1 56 ? 17.893  2.490   12.269  1.00 38.93  ? 55  LYS B CD  1 
ATOM   983  C CE  . LYS B 1 56 ? 17.587  1.103   11.769  1.00 42.38  ? 55  LYS B CE  1 
ATOM   984  N NZ  . LYS B 1 56 ? 18.857  0.306   11.828  1.00 44.28  ? 55  LYS B NZ  1 
ATOM   985  N N   . GLU B 1 57 ? 16.273  7.958   11.478  1.00 29.84  ? 56  GLU B N   1 
ATOM   986  C CA  . GLU B 1 57 ? 16.878  9.257   11.133  1.00 31.29  ? 56  GLU B CA  1 
ATOM   987  C C   . GLU B 1 57 ? 16.463  10.350  12.118  1.00 28.79  ? 56  GLU B C   1 
ATOM   988  O O   . GLU B 1 57 ? 15.314  10.398  12.541  1.00 29.27  ? 56  GLU B O   1 
ATOM   989  C CB  . GLU B 1 57 ? 16.545  9.655   9.670   1.00 30.66  ? 56  GLU B CB  1 
ATOM   990  C CG  . GLU B 1 57 ? 17.218  8.734   8.637   1.00 35.04  ? 56  GLU B CG  1 
ATOM   991  C CD  . GLU B 1 57 ? 17.136  9.246   7.177   1.00 38.01  ? 56  GLU B CD  1 
ATOM   992  O OE1 . GLU B 1 57 ? 17.554  10.400  6.900   1.00 47.67  ? 56  GLU B OE1 1 
ATOM   993  O OE2 . GLU B 1 57 ? 16.705  8.467   6.290   1.00 47.14  ? 56  GLU B OE2 1 
ATOM   994  N N   . LYS B 1 58 ? 17.397  11.229  12.505  1.00 30.29  ? 57  LYS B N   1 
ATOM   995  C CA  . LYS B 1 58 ? 17.088  12.260  13.508  1.00 28.82  ? 57  LYS B CA  1 
ATOM   996  C C   . LYS B 1 58 ? 15.914  13.168  13.068  1.00 28.90  ? 57  LYS B C   1 
ATOM   997  O O   . LYS B 1 58 ? 15.011  13.446  13.862  1.00 30.58  ? 57  LYS B O   1 
ATOM   998  C CB  . LYS B 1 58 ? 18.335  13.113  13.867  1.00 30.31  ? 57  LYS B CB  1 
ATOM   999  C CG  . LYS B 1 58 ? 18.177  13.798  15.226  1.00 30.60  ? 57  LYS B CG  1 
ATOM   1000 C CD  . LYS B 1 58 ? 19.538  14.244  15.769  1.00 34.66  ? 57  LYS B CD  1 
ATOM   1001 C CE  . LYS B 1 58 ? 19.388  15.379  16.785  1.00 37.51  ? 57  LYS B CE  1 
ATOM   1002 N NZ  . LYS B 1 58 ? 20.720  15.753  17.414  1.00 38.36  ? 57  LYS B NZ  1 
ATOM   1003 N N   . TRP B 1 59 ? 15.910  13.628  11.820  1.00 28.51  ? 58  TRP B N   1 
ATOM   1004 C CA  . TRP B 1 59 ? 14.891  14.581  11.387  1.00 28.92  ? 58  TRP B CA  1 
ATOM   1005 C C   . TRP B 1 59 ? 13.533  13.957  11.419  1.00 27.69  ? 58  TRP B C   1 
ATOM   1006 O O   . TRP B 1 59 ? 12.558  14.624  11.756  1.00 28.51  ? 58  TRP B O   1 
ATOM   1007 C CB  . TRP B 1 59 ? 15.166  15.186  10.006  1.00 30.23  ? 58  TRP B CB  1 
ATOM   1008 C CG  . TRP B 1 59 ? 15.111  14.287  8.855   1.00 30.47  ? 58  TRP B CG  1 
ATOM   1009 C CD1 . TRP B 1 59 ? 16.132  13.546  8.336   1.00 32.75  ? 58  TRP B CD1 1 
ATOM   1010 C CD2 . TRP B 1 59 ? 13.981  14.068  8.008   1.00 32.33  ? 58  TRP B CD2 1 
ATOM   1011 N NE1 . TRP B 1 59 ? 15.698  12.855  7.217   1.00 32.55  ? 58  TRP B NE1 1 
ATOM   1012 C CE2 . TRP B 1 59 ? 14.376  13.141  7.009   1.00 33.94  ? 58  TRP B CE2 1 
ATOM   1013 C CE3 . TRP B 1 59 ? 12.664  14.529  8.018   1.00 32.24  ? 58  TRP B CE3 1 
ATOM   1014 C CZ2 . TRP B 1 59 ? 13.504  12.701  6.009   1.00 31.52  ? 58  TRP B CZ2 1 
ATOM   1015 C CZ3 . TRP B 1 59 ? 11.798  14.093  7.036   1.00 31.20  ? 58  TRP B CZ3 1 
ATOM   1016 C CH2 . TRP B 1 59 ? 12.223  13.188  6.031   1.00 32.81  ? 58  TRP B CH2 1 
ATOM   1017 N N   . VAL B 1 60 ? 13.484  12.673  11.068  1.00 26.94  ? 59  VAL B N   1 
ATOM   1018 C CA  . VAL B 1 60 ? 12.216  11.934  11.052  1.00 26.09  ? 59  VAL B CA  1 
ATOM   1019 C C   . VAL B 1 60 ? 11.621  11.932  12.466  1.00 26.51  ? 59  VAL B C   1 
ATOM   1020 O O   . VAL B 1 60 ? 10.473  12.342  12.663  1.00 27.45  ? 59  VAL B O   1 
ATOM   1021 C CB  . VAL B 1 60 ? 12.416  10.527  10.494  1.00 26.79  ? 59  VAL B CB  1 
ATOM   1022 C CG1 . VAL B 1 60 ? 11.056  9.748   10.493  1.00 25.32  ? 59  VAL B CG1 1 
ATOM   1023 C CG2 . VAL B 1 60 ? 12.867  10.624  9.014   1.00 27.15  ? 59  VAL B CG2 1 
ATOM   1024 N N   . GLN B 1 61 ? 12.433  11.561  13.460  1.00 26.96  ? 60  GLN B N   1 
ATOM   1025 C CA  . GLN B 1 61 ? 11.951  11.560  14.835  1.00 28.60  ? 60  GLN B CA  1 
ATOM   1026 C C   . GLN B 1 61 ? 11.525  12.982  15.293  1.00 28.22  ? 60  GLN B C   1 
ATOM   1027 O O   . GLN B 1 61 ? 10.501  13.163  15.981  1.00 27.57  ? 60  GLN B O   1 
ATOM   1028 C CB  . GLN B 1 61 ? 13.026  10.952  15.741  1.00 28.15  ? 60  GLN B CB  1 
ATOM   1029 C CG  . GLN B 1 61 ? 13.315  9.460   15.404  1.00 29.15  ? 60  GLN B CG  1 
ATOM   1030 C CD  . GLN B 1 61 ? 14.564  8.874   16.104  1.00 32.85  ? 60  GLN B CD  1 
ATOM   1031 O OE1 . GLN B 1 61 ? 14.859  7.672   15.955  1.00 39.67  ? 60  GLN B OE1 1 
ATOM   1032 N NE2 . GLN B 1 61 ? 15.281  9.702   16.902  1.00 36.15  ? 60  GLN B NE2 1 
ATOM   1033 N N   . ASN B 1 62 ? 12.297  13.990  14.898  1.00 29.35  ? 61  ASN B N   1 
ATOM   1034 C CA  . ASN B 1 62 ? 11.973  15.386  15.224  1.00 29.51  ? 61  ASN B CA  1 
ATOM   1035 C C   . ASN B 1 62 ? 10.607  15.760  14.626  1.00 28.28  ? 61  ASN B C   1 
ATOM   1036 O O   . ASN B 1 62 ? 9.757   16.343  15.305  1.00 27.88  ? 61  ASN B O   1 
ATOM   1037 C CB  . ASN B 1 62 ? 13.073  16.347  14.708  1.00 30.04  ? 61  ASN B CB  1 
ATOM   1038 C CG  . ASN B 1 62 ? 14.346  16.358  15.601  1.00 35.36  ? 61  ASN B CG  1 
ATOM   1039 O OD1 . ASN B 1 62 ? 14.384  15.773  16.696  1.00 36.55  ? 61  ASN B OD1 1 
ATOM   1040 N ND2 . ASN B 1 62 ? 15.392  17.049  15.122  1.00 37.57  ? 61  ASN B ND2 1 
ATOM   1041 N N   . TYR B 1 63 ? 10.387  15.391  13.355  1.00 26.00  ? 62  TYR B N   1 
ATOM   1042 C CA  . TYR B 1 63 ? 9.123   15.688  12.711  1.00 26.12  ? 62  TYR B CA  1 
ATOM   1043 C C   . TYR B 1 63 ? 7.966   14.986  13.422  1.00 26.96  ? 62  TYR B C   1 
ATOM   1044 O O   . TYR B 1 63 ? 6.883   15.546  13.533  1.00 27.76  ? 62  TYR B O   1 
ATOM   1045 C CB  . TYR B 1 63 ? 9.166   15.269  11.213  1.00 25.75  ? 62  TYR B CB  1 
ATOM   1046 C CG  . TYR B 1 63 ? 9.866   16.258  10.295  1.00 26.34  ? 62  TYR B CG  1 
ATOM   1047 C CD1 . TYR B 1 63 ? 10.813  17.185  10.784  1.00 26.96  ? 62  TYR B CD1 1 
ATOM   1048 C CD2 . TYR B 1 63 ? 9.571   16.308  8.937   1.00 28.57  ? 62  TYR B CD2 1 
ATOM   1049 C CE1 . TYR B 1 63 ? 11.437  18.097  9.932   1.00 30.22  ? 62  TYR B CE1 1 
ATOM   1050 C CE2 . TYR B 1 63 ? 10.212  17.228  8.088   1.00 29.86  ? 62  TYR B CE2 1 
ATOM   1051 C CZ  . TYR B 1 63 ? 11.130  18.110  8.582   1.00 30.08  ? 62  TYR B CZ  1 
ATOM   1052 O OH  . TYR B 1 63 ? 11.714  18.995  7.697   1.00 30.23  ? 62  TYR B OH  1 
ATOM   1053 N N   . MET B 1 64 ? 8.177   13.735  13.847  1.00 26.52  ? 63  MET B N   1 
ATOM   1054 C CA  . MET B 1 64 ? 7.101   12.975  14.521  1.00 27.58  ? 63  MET B CA  1 
ATOM   1055 C C   . MET B 1 64 ? 6.712   13.693  15.839  1.00 28.41  ? 63  MET B C   1 
ATOM   1056 O O   . MET B 1 64 ? 5.543   13.729  16.226  1.00 28.08  ? 63  MET B O   1 
ATOM   1057 C CB  . MET B 1 64 ? 7.566   11.541  14.783  1.00 27.46  ? 63  MET B CB  1 
ATOM   1058 C CG  . MET B 1 64 ? 7.857   10.788  13.449  1.00 26.46  ? 63  MET B CG  1 
ATOM   1059 S SD  . MET B 1 64 ? 8.724   9.224   13.847  1.00 34.43  ? 63  MET B SD  1 
ATOM   1060 C CE  . MET B 1 64 ? 7.244   8.507   14.413  1.00 33.87  ? 63  MET B CE  1 
ATOM   1061 N N   . LYS B 1 65 ? 7.701   14.288  16.478  1.00 27.95  ? 64  LYS B N   1 
ATOM   1062 C CA  . LYS B 1 65 ? 7.473   14.960  17.750  1.00 30.55  ? 64  LYS B CA  1 
ATOM   1063 C C   . LYS B 1 65 ? 6.574   16.152  17.529  1.00 31.44  ? 64  LYS B C   1 
ATOM   1064 O O   . LYS B 1 65 ? 5.647   16.406  18.340  1.00 32.43  ? 64  LYS B O   1 
ATOM   1065 C CB  . LYS B 1 65 ? 8.785   15.452  18.352  1.00 29.94  ? 64  LYS B CB  1 
ATOM   1066 C CG  . LYS B 1 65 ? 9.689   14.331  18.849  1.00 35.43  ? 64  LYS B CG  1 
ATOM   1067 C CD  . LYS B 1 65 ? 10.973  14.943  19.415  1.00 37.75  ? 64  LYS B CD  1 
ATOM   1068 C CE  . LYS B 1 65 ? 12.020  13.891  19.672  1.00 42.30  ? 64  LYS B CE  1 
ATOM   1069 N NZ  . LYS B 1 65 ? 12.193  13.707  21.149  1.00 42.09  ? 64  LYS B NZ  1 
ATOM   1070 N N   . HIS B 1 66 ? 6.891   16.920  16.482  1.00 30.80  ? 65  HIS B N   1 
ATOM   1071 C CA  . HIS B 1 66 ? 6.122   18.114  16.157  1.00 31.61  ? 65  HIS B CA  1 
ATOM   1072 C C   . HIS B 1 66 ? 4.708   17.764  15.730  1.00 33.28  ? 65  HIS B C   1 
ATOM   1073 O O   . HIS B 1 66 ? 3.753   18.372  16.218  1.00 34.96  ? 65  HIS B O   1 
ATOM   1074 C CB  A HIS B 1 66 ? 6.811   18.943  15.088  0.65 30.91  ? 65  HIS B CB  1 
ATOM   1075 C CB  B HIS B 1 66 ? 6.831   18.908  15.054  0.35 31.22  ? 65  HIS B CB  1 
ATOM   1076 C CG  A HIS B 1 66 ? 7.914   19.782  15.635  0.65 30.25  ? 65  HIS B CG  1 
ATOM   1077 C CG  B HIS B 1 66 ? 6.309   20.300  14.872  0.35 30.93  ? 65  HIS B CG  1 
ATOM   1078 N ND1 A HIS B 1 66 ? 9.226   19.636  15.247  0.65 31.26  ? 65  HIS B ND1 1 
ATOM   1079 N ND1 B HIS B 1 66 ? 6.584   21.326  15.754  0.35 29.55  ? 65  HIS B ND1 1 
ATOM   1080 C CD2 A HIS B 1 66 ? 7.909   20.743  16.590  0.65 30.11  ? 65  HIS B CD2 1 
ATOM   1081 C CD2 B HIS B 1 66 ? 5.521   20.833  13.909  0.35 30.19  ? 65  HIS B CD2 1 
ATOM   1082 C CE1 A HIS B 1 66 ? 9.977   20.504  15.904  0.65 30.95  ? 65  HIS B CE1 1 
ATOM   1083 C CE1 B HIS B 1 66 ? 5.990   22.431  15.339  0.35 30.14  ? 65  HIS B CE1 1 
ATOM   1084 N NE2 A HIS B 1 66 ? 9.205   21.165  16.743  0.65 29.04  ? 65  HIS B NE2 1 
ATOM   1085 N NE2 B HIS B 1 66 ? 5.342   22.159  14.219  0.35 30.13  ? 65  HIS B NE2 1 
ATOM   1086 N N   . LEU B 1 67 ? 4.560   16.776  14.851  1.00 32.96  ? 66  LEU B N   1 
ATOM   1087 C CA  . LEU B 1 67 ? 3.211   16.410  14.400  1.00 33.49  ? 66  LEU B CA  1 
ATOM   1088 C C   . LEU B 1 67 ? 2.395   15.783  15.511  1.00 35.53  ? 66  LEU B C   1 
ATOM   1089 O O   . LEU B 1 67 ? 1.185   15.933  15.527  1.00 36.06  ? 66  LEU B O   1 
ATOM   1090 C CB  . LEU B 1 67 ? 3.251   15.474  13.166  1.00 32.19  ? 66  LEU B CB  1 
ATOM   1091 C CG  . LEU B 1 67 ? 3.877   16.159  11.949  1.00 29.71  ? 66  LEU B CG  1 
ATOM   1092 C CD1 . LEU B 1 67 ? 4.375   15.116  10.879  1.00 32.84  ? 66  LEU B CD1 1 
ATOM   1093 C CD2 . LEU B 1 67 ? 2.957   17.290  11.322  1.00 34.16  ? 66  LEU B CD2 1 
ATOM   1094 N N   . GLY B 1 68 ? 3.064   15.060  16.413  1.00 37.73  ? 67  GLY B N   1 
ATOM   1095 C CA  . GLY B 1 68 ? 2.435   14.315  17.501  1.00 39.87  ? 67  GLY B CA  1 
ATOM   1096 C C   . GLY B 1 68 ? 2.786   12.836  17.392  1.00 42.07  ? 67  GLY B C   1 
ATOM   1097 O O   . GLY B 1 68 ? 3.576   12.302  18.196  1.00 45.12  ? 67  GLY B O   1 
HETATM 1098 S S   . SO4 C 2 .  ? -21.445 -9.765  -5.125  1.00 41.82  ? 76  SO4 A S   1 
HETATM 1099 O O1  . SO4 C 2 .  ? -22.375 -9.055  -5.974  1.00 50.50  ? 76  SO4 A O1  1 
HETATM 1100 O O2  . SO4 C 2 .  ? -21.505 -11.186 -5.433  1.00 48.60  ? 76  SO4 A O2  1 
HETATM 1101 O O3  . SO4 C 2 .  ? -21.673 -9.503  -3.709  1.00 46.74  ? 76  SO4 A O3  1 
HETATM 1102 O O4  . SO4 C 2 .  ? -20.100 -9.282  -5.462  1.00 46.49  ? 76  SO4 A O4  1 
HETATM 1103 S S   . SO4 D 2 .  ? -18.845 -6.287  -0.418  1.00 45.07  ? 77  SO4 A S   1 
HETATM 1104 O O1  . SO4 D 2 .  ? -18.540 -4.997  -0.983  1.00 42.49  ? 77  SO4 A O1  1 
HETATM 1105 O O2  . SO4 D 2 .  ? -18.866 -7.433  -1.358  1.00 40.79  ? 77  SO4 A O2  1 
HETATM 1106 O O3  . SO4 D 2 .  ? -20.216 -6.217  0.082   1.00 48.79  ? 77  SO4 A O3  1 
HETATM 1107 O O4  . SO4 D 2 .  ? -17.906 -6.534  0.712   1.00 42.84  ? 77  SO4 A O4  1 
HETATM 1108 S S   . SO4 E 2 .  ? -17.193 -1.864  -4.513  0.50 28.78  ? 78  SO4 A S   1 
HETATM 1109 O O1  . SO4 E 2 .  ? -17.710 -2.512  -5.726  0.50 35.85  ? 78  SO4 A O1  1 
HETATM 1110 O O2  . SO4 E 2 .  ? -16.680 -2.904  -3.636  0.50 35.41  ? 78  SO4 A O2  1 
HETATM 1111 O O3  . SO4 E 2 .  ? -18.335 -1.282  -3.813  0.50 36.43  ? 78  SO4 A O3  1 
HETATM 1112 O O4  . SO4 E 2 .  ? -16.234 -0.936  -4.926  0.50 30.37  ? 78  SO4 A O4  1 
HETATM 1113 S S   . SO4 F 2 .  ? 8.562   17.233  -4.248  0.50 29.02  ? 76  SO4 B S   1 
HETATM 1114 O O1  . SO4 F 2 .  ? 7.210   16.971  -3.853  0.50 33.08  ? 76  SO4 B O1  1 
HETATM 1115 O O2  . SO4 F 2 .  ? 8.555   18.231  -5.290  0.50 34.51  ? 76  SO4 B O2  1 
HETATM 1116 O O3  . SO4 F 2 .  ? 9.174   16.024  -4.854  0.50 28.65  ? 76  SO4 B O3  1 
HETATM 1117 O O4  . SO4 F 2 .  ? 9.452   17.614  -3.129  0.50 26.66  ? 76  SO4 B O4  1 
HETATM 1118 S S   . SO4 G 2 .  ? 10.707  21.688  0.194   1.00 44.39  ? 77  SO4 B S   1 
HETATM 1119 O O1  . SO4 G 2 .  ? 9.788   22.811  0.235   1.00 50.20  ? 77  SO4 B O1  1 
HETATM 1120 O O2  . SO4 G 2 .  ? 11.136  21.462  -1.187  1.00 48.66  ? 77  SO4 B O2  1 
HETATM 1121 O O3  . SO4 G 2 .  ? 10.079  20.510  0.813   1.00 49.13  ? 77  SO4 B O3  1 
HETATM 1122 O O4  . SO4 G 2 .  ? 11.864  22.117  0.981   1.00 49.83  ? 77  SO4 B O4  1 
HETATM 1123 S S   . SO4 H 2 .  ? -8.447  17.275  8.345   0.25 112.55 ? 78  SO4 B S   1 
HETATM 1124 O O1  . SO4 H 2 .  ? -8.464  16.447  7.147   0.25 112.49 ? 78  SO4 B O1  1 
HETATM 1125 O O2  . SO4 H 2 .  ? -9.330  18.423  8.162   0.25 112.59 ? 78  SO4 B O2  1 
HETATM 1126 O O3  . SO4 H 2 .  ? -7.088  17.746  8.589   0.25 112.63 ? 78  SO4 B O3  1 
HETATM 1127 O O4  . SO4 H 2 .  ? -8.905  16.485  9.483   0.25 112.66 ? 78  SO4 B O4  1 
HETATM 1128 C C1  . TFA I 3 .  ? 2.546   18.944  -0.336  1.00 45.05  ? 79  TFA B C1  1 
HETATM 1129 C C2  . TFA I 3 .  ? 2.692   17.602  -1.084  1.00 45.32  ? 79  TFA B C2  1 
HETATM 1130 O O   . TFA I 3 .  ? 1.699   19.163  0.588   1.00 44.04  ? 79  TFA B O   1 
HETATM 1131 F F1  . TFA I 3 .  ? 3.123   17.597  -2.257  1.00 37.94  ? 79  TFA B F1  1 
HETATM 1132 F F2  . TFA I 3 .  ? 3.646   16.903  -0.494  1.00 52.94  ? 79  TFA B F2  1 
HETATM 1133 F F3  . TFA I 3 .  ? 1.584   16.930  -1.312  1.00 50.45  ? 79  TFA B F3  1 
HETATM 1134 O OXT . TFA I 3 .  ? 3.326   19.843  -0.625  0.65 43.95  ? 79  TFA B OXT 1 
HETATM 1135 O O   . HOH J 4 .  ? 2.150   -3.442  -5.548  1.00 24.76  ? 79  HOH A O   1 
HETATM 1136 O O   . HOH J 4 .  ? 8.069   1.484   -1.284  1.00 26.42  ? 80  HOH A O   1 
HETATM 1137 O O   . HOH J 4 .  ? 1.392   -8.729  -2.052  1.00 28.69  ? 81  HOH A O   1 
HETATM 1138 O O   . HOH J 4 .  ? -8.535  -15.008 -2.782  1.00 27.70  ? 82  HOH A O   1 
HETATM 1139 O O   . HOH J 4 .  ? -20.076 -0.889  -16.912 1.00 31.86  ? 83  HOH A O   1 
HETATM 1140 O O   . HOH J 4 .  ? -19.953 -2.917  -1.797  1.00 27.33  ? 84  HOH A O   1 
HETATM 1141 O O   . HOH J 4 .  ? -8.848  -22.946 -6.522  1.00 26.40  ? 85  HOH A O   1 
HETATM 1142 O O   . HOH J 4 .  ? 4.164   -9.487  -5.332  1.00 35.84  ? 86  HOH A O   1 
HETATM 1143 O O   . HOH J 4 .  ? -3.080  -22.430 -8.568  1.00 32.62  ? 87  HOH A O   1 
HETATM 1144 O O   . HOH J 4 .  ? -20.737 -11.223 -12.708 1.00 40.14  ? 88  HOH A O   1 
HETATM 1145 O O   . HOH J 4 .  ? -0.906  -18.062 -2.870  1.00 34.99  ? 89  HOH A O   1 
HETATM 1146 O O   . HOH J 4 .  ? -15.575 2.685   -13.842 1.00 38.63  ? 90  HOH A O   1 
HETATM 1147 O O   . HOH J 4 .  ? -11.161 -17.689 -2.254  1.00 47.82  ? 91  HOH A O   1 
HETATM 1148 O O   . HOH J 4 .  ? -5.446  -16.199 -15.537 1.00 36.71  ? 92  HOH A O   1 
HETATM 1149 O O   . HOH J 4 .  ? -9.979  -0.617  -0.934  1.00 43.70  ? 93  HOH A O   1 
HETATM 1150 O O   . HOH J 4 .  ? -11.906 -20.983 -7.119  1.00 36.90  ? 94  HOH A O   1 
HETATM 1151 O O   . HOH J 4 .  ? 2.874   -9.861  0.769   1.00 39.80  ? 95  HOH A O   1 
HETATM 1152 O O   . HOH J 4 .  ? -5.508  -15.010 3.669   1.00 39.71  ? 96  HOH A O   1 
HETATM 1153 O O   . HOH J 4 .  ? -0.712  -19.526 -0.507  1.00 58.40  ? 97  HOH A O   1 
HETATM 1154 O O   . HOH J 4 .  ? 3.778   -19.380 -2.848  1.00 58.05  ? 98  HOH A O   1 
HETATM 1155 O O   . HOH J 4 .  ? -16.079 -6.791  -15.405 1.00 40.01  ? 99  HOH A O   1 
HETATM 1156 O O   . HOH J 4 .  ? 0.803   -16.003 -3.851  1.00 38.70  ? 100 HOH A O   1 
HETATM 1157 O O   . HOH J 4 .  ? -7.299  -18.688 -1.144  1.00 56.64  ? 101 HOH A O   1 
HETATM 1158 O O   . HOH J 4 .  ? -14.773 -17.881 -12.191 1.00 64.13  ? 102 HOH A O   1 
HETATM 1159 O O   . HOH J 4 .  ? -19.536 -13.049 -11.508 1.00 41.02  ? 103 HOH A O   1 
HETATM 1160 O O   . HOH J 4 .  ? -21.211 -2.541  -6.279  1.00 36.19  ? 104 HOH A O   1 
HETATM 1161 O O   . HOH J 4 .  ? 11.790  -3.760  3.274   1.00 52.71  ? 105 HOH A O   1 
HETATM 1162 O O   . HOH J 4 .  ? 6.177   -11.150 -4.297  1.00 49.23  ? 106 HOH A O   1 
HETATM 1163 O O   . HOH J 4 .  ? -20.072 -13.542 -6.613  1.00 47.27  ? 107 HOH A O   1 
HETATM 1164 O O   . HOH J 4 .  ? -10.343 4.382   -9.672  0.50 50.85  ? 108 HOH A O   1 
HETATM 1165 O O   . HOH J 4 .  ? 5.332   -10.269 -8.185  1.00 46.27  ? 109 HOH A O   1 
HETATM 1166 O O   . HOH J 4 .  ? -16.152 -4.916  1.830   1.00 35.09  ? 110 HOH A O   1 
HETATM 1167 O O   . HOH J 4 .  ? -16.043 -16.916 -14.373 1.00 62.83  ? 111 HOH A O   1 
HETATM 1168 O O   . HOH J 4 .  ? 13.518  -2.884  1.015   1.00 50.15  ? 112 HOH A O   1 
HETATM 1169 O O   . HOH J 4 .  ? -18.412 -15.048 -13.419 1.00 52.14  ? 113 HOH A O   1 
HETATM 1170 O O   . HOH J 4 .  ? -18.231 -1.270  -1.942  1.00 45.83  ? 114 HOH A O   1 
HETATM 1171 O O   A HOH J 4 .  ? -18.484 -2.373  -6.947  0.40 20.98  ? 115 HOH A O   1 
HETATM 1172 O O   B HOH J 4 .  ? -17.605 -1.554  -7.947  0.60 29.23  ? 115 HOH A O   1 
HETATM 1173 O O   . HOH J 4 .  ? 1.494   -16.987 -6.737  1.00 44.71  ? 116 HOH A O   1 
HETATM 1174 O O   . HOH J 4 .  ? 14.746  7.751   -5.701  1.00 45.72  ? 117 HOH A O   1 
HETATM 1175 O O   . HOH K 4 .  ? 10.889  22.543  7.742   1.00 47.19  ? 80  HOH B O   1 
HETATM 1176 O O   . HOH K 4 .  ? 9.120   24.111  7.477   1.00 43.90  ? 81  HOH B O   1 
HETATM 1177 O O   . HOH K 4 .  ? 6.000   -1.353  10.201  1.00 29.03  ? 82  HOH B O   1 
HETATM 1178 O O   . HOH K 4 .  ? 6.929   -0.469  5.736   1.00 25.91  ? 83  HOH B O   1 
HETATM 1179 O O   . HOH K 4 .  ? 0.701   0.396   6.818   1.00 24.71  ? 84  HOH B O   1 
HETATM 1180 O O   . HOH K 4 .  ? 11.819  6.759   15.514  1.00 53.12  ? 85  HOH B O   1 
HETATM 1181 O O   . HOH K 4 .  ? 14.129  8.897   5.517   1.00 32.67  ? 86  HOH B O   1 
HETATM 1182 O O   . HOH K 4 .  ? 5.341   18.909  -4.952  1.00 29.14  ? 87  HOH B O   1 
HETATM 1183 O O   . HOH K 4 .  ? -3.091  -6.881  3.492   1.00 29.33  ? 88  HOH B O   1 
HETATM 1184 O O   . HOH K 4 .  ? -8.157  -6.307  4.695   1.00 35.96  ? 89  HOH B O   1 
HETATM 1185 O O   . HOH K 4 .  ? 0.511   3.805   11.638  1.00 300.69 ? 90  HOH B O   1 
HETATM 1186 O O   A HOH K 4 .  ? 8.247   -2.820  4.307   0.60 25.41  ? 91  HOH B O   1 
HETATM 1187 O O   B HOH K 4 .  ? 9.387   -3.253  3.831   0.40 31.78  ? 91  HOH B O   1 
HETATM 1188 O O   . HOH K 4 .  ? -14.271 -6.396  4.077   1.00 37.30  ? 92  HOH B O   1 
HETATM 1189 O O   . HOH K 4 .  ? -1.924  25.367  6.781   1.00 36.91  ? 93  HOH B O   1 
HETATM 1190 O O   . HOH K 4 .  ? -4.275  12.918  8.323   1.00 44.04  ? 94  HOH B O   1 
HETATM 1191 O O   . HOH K 4 .  ? 1.153   9.775   -2.632  1.00 42.76  ? 95  HOH B O   1 
HETATM 1192 O O   . HOH K 4 .  ? 16.058  3.525   1.362   1.00 41.50  ? 96  HOH B O   1 
HETATM 1193 O O   . HOH K 4 .  ? 0.027   2.715   8.284   1.00 37.34  ? 97  HOH B O   1 
HETATM 1194 O O   . HOH K 4 .  ? 11.258  -8.747  7.231   1.00 39.00  ? 98  HOH B O   1 
HETATM 1195 O O   . HOH K 4 .  ? 7.782   24.030  0.647   1.00 47.90  ? 99  HOH B O   1 
HETATM 1196 O O   . HOH K 4 .  ? -5.822  -6.552  7.310   1.00 40.08  ? 100 HOH B O   1 
HETATM 1197 O O   . HOH K 4 .  ? -3.246  0.639   3.990   1.00 46.74  ? 101 HOH B O   1 
HETATM 1198 O O   . HOH K 4 .  ? 10.155  11.094  17.648  1.00 50.64  ? 102 HOH B O   1 
HETATM 1199 O O   . HOH K 4 .  ? 13.250  0.619   9.429   1.00 45.90  ? 103 HOH B O   1 
HETATM 1200 O O   . HOH K 4 .  ? 3.281   20.861  9.749   1.00 51.60  ? 104 HOH B O   1 
HETATM 1201 O O   . HOH K 4 .  ? 18.679  13.306  10.717  1.00 62.00  ? 105 HOH B O   1 
HETATM 1202 O O   . HOH K 4 .  ? -2.188  4.235   1.720   1.00 51.84  ? 106 HOH B O   1 
HETATM 1203 O O   . HOH K 4 .  ? 6.744   -8.981  6.681   1.00 38.13  ? 107 HOH B O   1 
HETATM 1204 O O   . HOH K 4 .  ? -5.758  -0.324  0.805   1.00 48.36  ? 108 HOH B O   1 
HETATM 1205 O O   . HOH K 4 .  ? 17.748  9.222   -4.662  1.00 55.40  ? 109 HOH B O   1 
HETATM 1206 O O   . HOH K 4 .  ? -0.148  4.431   -1.050  1.00 52.49  ? 110 HOH B O   1 
HETATM 1207 O O   . HOH K 4 .  ? 4.848   23.970  10.360  1.00 62.49  ? 111 HOH B O   1 
HETATM 1208 O O   . HOH K 4 .  ? -5.428  17.505  1.649   0.50 36.08  ? 112 HOH B O   1 
# 
